data_9GHL
#
_entry.id   9GHL
#
_cell.length_a   80.843
_cell.length_b   80.912
_cell.length_c   88.701
_cell.angle_alpha   62.89
_cell.angle_beta   62.90
_cell.angle_gamma   60.03
#
_symmetry.space_group_name_H-M   'P 1'
#
loop_
_entity.id
_entity.type
_entity.pdbx_description
1 polymer 'PKHD-type hydroxylase PiuC'
2 non-polymer D-MALATE
3 non-polymer GLYCEROL
4 non-polymer DI(HYDROXYETHYL)ETHER
5 water water
#
_entity_poly.entity_id   1
_entity_poly.type   'polypeptide(L)'
_entity_poly.pdbx_seq_one_letter_code
;LLHIPAIFTAEEVSRIRAALEQAEWADGKATAGYQSAKAKHNLQLPQDHPLAREIGEAMLQRLWNHPLFMSAALPLKVFP
PLFNCYTGGGSFDFHIDNAVRDVHGGRERVRTDLSSTLFFSDPEDYDGGELVIQDTYGLQQVKLPAGDLVLYPGTSLHKV
NPVTRGARYASFFWTQSLVREDSQRTLLFEMDQSIQRLTRDVPDHPSLIRLTGTYHNLLRRWSEL
;
_entity_poly.pdbx_strand_id   A,B,C,D,E,F
#
# COMPACT_ATOMS: atom_id res chain seq x y z
N LEU A 1 17.85 -4.55 -17.43
CA LEU A 1 17.71 -4.40 -18.87
C LEU A 1 17.40 -5.73 -19.53
N LEU A 2 16.29 -5.80 -20.26
CA LEU A 2 15.91 -6.99 -20.99
C LEU A 2 16.10 -6.75 -22.49
N HIS A 3 16.85 -7.63 -23.14
CA HIS A 3 17.11 -7.59 -24.57
C HIS A 3 16.19 -8.59 -25.25
N ILE A 4 15.29 -8.11 -26.10
CA ILE A 4 14.37 -8.96 -26.85
C ILE A 4 14.74 -8.90 -28.32
N PRO A 5 15.33 -9.94 -28.88
CA PRO A 5 15.87 -9.86 -30.23
C PRO A 5 14.82 -10.14 -31.29
N ALA A 6 15.14 -9.69 -32.51
CA ALA A 6 14.42 -10.05 -33.73
C ALA A 6 12.91 -9.81 -33.59
N ILE A 7 12.55 -8.60 -33.18
CA ILE A 7 11.14 -8.18 -33.25
C ILE A 7 10.67 -8.23 -34.70
N PHE A 8 11.52 -7.79 -35.61
CA PHE A 8 11.30 -7.90 -37.04
C PHE A 8 12.42 -8.72 -37.66
N THR A 9 12.14 -9.33 -38.80
CA THR A 9 13.15 -10.08 -39.52
C THR A 9 14.13 -9.13 -40.20
N ALA A 10 15.21 -9.71 -40.74
CA ALA A 10 16.20 -8.90 -41.45
C ALA A 10 15.59 -8.23 -42.68
N GLU A 11 14.74 -8.96 -43.42
CA GLU A 11 14.12 -8.36 -44.60
C GLU A 11 13.15 -7.25 -44.21
N GLU A 12 12.40 -7.44 -43.13
CA GLU A 12 11.51 -6.40 -42.65
C GLU A 12 12.28 -5.16 -42.20
N VAL A 13 13.38 -5.37 -41.47
CA VAL A 13 14.20 -4.25 -41.01
C VAL A 13 14.75 -3.47 -42.20
N SER A 14 15.18 -4.16 -43.25
CA SER A 14 15.69 -3.48 -44.44
C SER A 14 14.61 -2.61 -45.07
N ARG A 15 13.39 -3.13 -45.18
CA ARG A 15 12.29 -2.33 -45.72
C ARG A 15 12.01 -1.12 -44.85
N ILE A 16 11.94 -1.32 -43.53
CA ILE A 16 11.59 -0.24 -42.62
C ILE A 16 12.66 0.84 -42.65
N ARG A 17 13.94 0.42 -42.59
CA ARG A 17 15.02 1.40 -42.58
C ARG A 17 15.08 2.18 -43.89
N ALA A 18 14.79 1.52 -45.01
CA ALA A 18 14.77 2.22 -46.30
C ALA A 18 13.74 3.34 -46.29
N ALA A 19 12.54 3.06 -45.76
CA ALA A 19 11.52 4.10 -45.65
C ALA A 19 11.98 5.21 -44.70
N LEU A 20 12.59 4.85 -43.57
CA LEU A 20 13.09 5.85 -42.65
C LEU A 20 14.17 6.72 -43.30
N GLU A 21 15.04 6.10 -44.12
CA GLU A 21 16.08 6.87 -44.80
C GLU A 21 15.47 7.88 -45.78
N GLN A 22 14.31 7.59 -46.34
CA GLN A 22 13.68 8.46 -47.32
C GLN A 22 12.59 9.34 -46.72
N ALA A 23 12.39 9.29 -45.40
CA ALA A 23 11.33 10.08 -44.80
C ALA A 23 11.77 11.53 -44.62
N GLU A 24 10.78 12.41 -44.47
CA GLU A 24 11.02 13.82 -44.20
C GLU A 24 11.02 14.02 -42.69
N TRP A 25 12.18 14.37 -42.14
CA TRP A 25 12.40 14.43 -40.70
C TRP A 25 12.21 15.84 -40.18
N ALA A 26 11.75 15.93 -38.93
CA ALA A 26 11.55 17.21 -38.25
C ALA A 26 12.41 17.27 -36.99
N ASP A 27 12.56 18.48 -36.46
CA ASP A 27 13.33 18.68 -35.25
C ASP A 27 12.70 17.93 -34.08
N GLY A 28 13.54 17.25 -33.29
CA GLY A 28 13.07 16.40 -32.23
C GLY A 28 12.54 17.13 -31.01
N LYS A 29 12.81 18.44 -30.88
CA LYS A 29 12.39 19.17 -29.70
C LYS A 29 10.89 19.30 -29.55
N ALA A 30 10.12 18.89 -30.56
CA ALA A 30 8.67 19.01 -30.50
C ALA A 30 8.08 18.20 -29.35
N THR A 31 8.51 16.94 -29.22
CA THR A 31 7.93 16.05 -28.21
C THR A 31 8.43 16.34 -26.80
N ALA A 32 9.57 17.01 -26.66
CA ALA A 32 10.12 17.32 -25.35
C ALA A 32 9.60 18.68 -24.88
N GLY A 33 9.16 18.72 -23.62
CA GLY A 33 8.76 19.97 -23.02
C GLY A 33 9.96 20.86 -22.75
N TYR A 34 9.68 22.08 -22.30
CA TYR A 34 10.76 23.04 -22.09
C TYR A 34 11.55 22.73 -20.82
N GLN A 35 12.01 21.48 -20.68
CA GLN A 35 12.96 21.13 -19.64
C GLN A 35 14.06 20.22 -20.19
N SER A 36 13.63 19.16 -20.86
CA SER A 36 14.55 18.24 -21.51
C SER A 36 14.79 18.61 -22.97
N ALA A 37 14.06 19.60 -23.48
CA ALA A 37 14.30 20.10 -24.82
C ALA A 37 15.69 20.72 -24.95
N LYS A 38 16.23 21.24 -23.84
CA LYS A 38 17.60 21.73 -23.85
C LYS A 38 18.61 20.61 -24.07
N ALA A 39 18.24 19.37 -23.81
CA ALA A 39 19.12 18.22 -23.96
C ALA A 39 18.90 17.44 -25.25
N LYS A 40 17.84 17.76 -26.00
CA LYS A 40 17.44 16.96 -27.15
C LYS A 40 17.91 17.63 -28.43
N HIS A 41 18.77 16.94 -29.18
CA HIS A 41 19.36 17.47 -30.41
C HIS A 41 19.30 16.43 -31.52
N ASN A 42 18.12 15.86 -31.76
CA ASN A 42 17.98 14.85 -32.80
C ASN A 42 16.89 15.19 -33.80
N LEU A 43 16.56 14.23 -34.65
CA LEU A 43 15.45 14.34 -35.60
C LEU A 43 14.36 13.35 -35.21
N GLN A 44 13.10 13.75 -35.42
CA GLN A 44 11.97 12.88 -35.14
C GLN A 44 10.92 13.03 -36.22
N LEU A 45 10.25 11.92 -36.53
CA LEU A 45 9.05 11.98 -37.34
C LEU A 45 7.91 12.60 -36.53
N PRO A 46 7.02 13.37 -37.17
CA PRO A 46 5.80 13.78 -36.48
C PRO A 46 5.03 12.57 -36.01
N GLN A 47 4.30 12.73 -34.90
N GLN A 47 4.28 12.73 -34.92
CA GLN A 47 3.64 11.60 -34.26
CA GLN A 47 3.66 11.59 -34.26
C GLN A 47 2.74 10.86 -35.23
C GLN A 47 2.70 10.85 -35.19
N ASP A 48 1.96 11.58 -36.02
CA ASP A 48 1.00 10.98 -36.94
C ASP A 48 1.49 10.97 -38.38
N HIS A 49 2.81 11.01 -38.58
CA HIS A 49 3.37 10.69 -39.88
C HIS A 49 2.94 9.28 -40.28
N PRO A 50 2.51 9.06 -41.53
CA PRO A 50 1.97 7.75 -41.89
C PRO A 50 2.96 6.60 -41.67
N LEU A 51 4.25 6.85 -41.84
CA LEU A 51 5.25 5.82 -41.55
C LEU A 51 5.31 5.53 -40.06
N ALA A 52 5.26 6.57 -39.23
CA ALA A 52 5.26 6.38 -37.79
C ALA A 52 4.01 5.64 -37.33
N ARG A 53 2.86 5.95 -37.92
CA ARG A 53 1.64 5.25 -37.55
C ARG A 53 1.67 3.80 -38.02
N GLU A 54 2.20 3.56 -39.22
CA GLU A 54 2.19 2.20 -39.76
C GLU A 54 3.14 1.27 -39.00
N ILE A 55 4.39 1.71 -38.80
CA ILE A 55 5.35 0.83 -38.13
C ILE A 55 5.05 0.76 -36.64
N GLY A 56 4.49 1.83 -36.07
CA GLY A 56 4.05 1.75 -34.69
C GLY A 56 2.99 0.68 -34.48
N GLU A 57 2.00 0.63 -35.38
CA GLU A 57 0.97 -0.40 -35.29
C GLU A 57 1.55 -1.79 -35.51
N ALA A 58 2.42 -1.95 -36.51
CA ALA A 58 3.08 -3.24 -36.72
C ALA A 58 3.88 -3.62 -35.49
N MET A 59 4.50 -2.64 -34.86
CA MET A 59 5.29 -2.85 -33.65
C MET A 59 4.40 -3.37 -32.52
N LEU A 60 3.22 -2.77 -32.34
N LEU A 60 3.22 -2.77 -32.34
CA LEU A 60 2.31 -3.20 -31.29
CA LEU A 60 2.32 -3.20 -31.29
C LEU A 60 1.86 -4.64 -31.51
C LEU A 60 1.83 -4.63 -31.51
N GLN A 61 1.50 -4.97 -32.75
CA GLN A 61 1.00 -6.31 -33.04
C GLN A 61 2.06 -7.37 -32.78
N ARG A 62 3.32 -7.08 -33.13
CA ARG A 62 4.39 -8.01 -32.81
C ARG A 62 4.62 -8.13 -31.31
N LEU A 63 4.64 -6.99 -30.61
CA LEU A 63 4.90 -7.00 -29.18
C LEU A 63 3.78 -7.68 -28.40
N TRP A 64 2.52 -7.39 -28.76
N TRP A 64 2.52 -7.39 -28.76
CA TRP A 64 1.40 -8.03 -28.07
CA TRP A 64 1.39 -8.03 -28.10
C TRP A 64 1.34 -9.53 -28.34
C TRP A 64 1.39 -9.53 -28.31
N ASN A 65 2.07 -10.03 -29.33
CA ASN A 65 2.15 -11.46 -29.61
C ASN A 65 3.51 -12.05 -29.30
N HIS A 66 4.35 -11.33 -28.56
CA HIS A 66 5.65 -11.83 -28.17
C HIS A 66 5.60 -12.28 -26.72
N PRO A 67 5.77 -13.57 -26.43
CA PRO A 67 5.64 -14.04 -25.03
C PRO A 67 6.63 -13.40 -24.08
N LEU A 68 7.84 -13.09 -24.53
CA LEU A 68 8.82 -12.48 -23.64
C LEU A 68 8.41 -11.06 -23.25
N PHE A 69 7.94 -10.27 -24.21
CA PHE A 69 7.48 -8.91 -23.89
C PHE A 69 6.24 -8.95 -23.01
N MET A 70 5.28 -9.82 -23.33
CA MET A 70 4.05 -9.91 -22.55
C MET A 70 4.34 -10.28 -21.10
N SER A 71 5.24 -11.23 -20.88
CA SER A 71 5.53 -11.68 -19.52
C SER A 71 6.34 -10.65 -18.75
N ALA A 72 7.39 -10.08 -19.36
CA ALA A 72 8.27 -9.19 -18.62
C ALA A 72 7.63 -7.82 -18.38
N ALA A 73 6.86 -7.31 -19.35
CA ALA A 73 6.31 -5.97 -19.26
C ALA A 73 4.89 -5.93 -18.73
N LEU A 74 4.13 -7.02 -18.85
CA LEU A 74 2.72 -7.10 -18.48
C LEU A 74 1.99 -5.83 -18.95
N PRO A 75 1.98 -5.57 -20.26
CA PRO A 75 1.56 -4.24 -20.73
C PRO A 75 0.07 -4.00 -20.56
N LEU A 76 -0.27 -2.79 -20.15
CA LEU A 76 -1.63 -2.28 -20.19
C LEU A 76 -1.80 -1.25 -21.29
N LYS A 77 -0.87 -0.30 -21.37
CA LYS A 77 -0.87 0.74 -22.37
C LYS A 77 0.50 0.82 -23.02
N VAL A 78 0.53 0.96 -24.33
CA VAL A 78 1.78 1.22 -25.05
C VAL A 78 1.63 2.56 -25.74
N PHE A 79 2.48 3.51 -25.37
CA PHE A 79 2.48 4.79 -26.04
C PHE A 79 2.74 4.59 -27.52
N PRO A 80 2.03 5.28 -28.40
CA PRO A 80 2.26 5.14 -29.84
C PRO A 80 3.71 5.40 -30.17
N PRO A 81 4.41 4.39 -30.69
CA PRO A 81 5.87 4.51 -30.83
C PRO A 81 6.29 5.73 -31.64
N LEU A 82 7.33 6.39 -31.14
CA LEU A 82 7.97 7.52 -31.80
C LEU A 82 9.20 7.01 -32.54
N PHE A 83 9.60 7.75 -33.57
CA PHE A 83 10.72 7.35 -34.42
C PHE A 83 11.71 8.50 -34.50
N ASN A 84 13.00 8.20 -34.32
CA ASN A 84 14.01 9.25 -34.29
C ASN A 84 15.19 8.86 -35.15
N CYS A 85 16.04 9.85 -35.41
CA CYS A 85 17.28 9.66 -36.17
C CYS A 85 18.36 10.54 -35.57
N TYR A 86 19.46 9.92 -35.14
CA TYR A 86 20.62 10.65 -34.66
C TYR A 86 21.69 10.59 -35.75
N THR A 87 22.11 11.75 -36.23
CA THR A 87 23.11 11.82 -37.29
C THR A 87 23.74 13.20 -37.25
N GLY A 88 24.91 13.30 -37.86
CA GLY A 88 25.62 14.58 -37.92
C GLY A 88 25.89 15.19 -36.56
N GLY A 89 26.23 14.37 -35.57
CA GLY A 89 26.42 14.85 -34.22
C GLY A 89 25.18 14.88 -33.35
N GLY A 90 24.03 14.45 -33.87
CA GLY A 90 22.82 14.47 -33.08
C GLY A 90 22.94 13.60 -31.84
N SER A 91 22.24 14.01 -30.78
CA SER A 91 22.37 13.37 -29.48
C SER A 91 21.17 13.75 -28.62
N PHE A 92 21.09 13.10 -27.46
CA PHE A 92 20.08 13.38 -26.45
C PHE A 92 20.78 13.26 -25.11
N ASP A 93 21.11 14.40 -24.50
CA ASP A 93 21.85 14.38 -23.23
C ASP A 93 20.97 13.83 -22.12
N PHE A 94 21.56 13.69 -20.94
CA PHE A 94 20.91 13.00 -19.83
C PHE A 94 19.57 13.65 -19.50
N HIS A 95 18.55 12.81 -19.34
CA HIS A 95 17.21 13.28 -19.01
C HIS A 95 16.46 12.16 -18.33
N ILE A 96 15.39 12.54 -17.63
CA ILE A 96 14.45 11.60 -17.04
C ILE A 96 13.14 11.76 -17.81
N ASP A 97 12.47 10.65 -18.06
CA ASP A 97 11.19 10.70 -18.74
C ASP A 97 10.09 11.14 -17.78
N ASN A 98 9.15 11.93 -18.29
N ASN A 98 9.14 11.93 -18.30
CA ASN A 98 8.01 12.35 -17.49
CA ASN A 98 7.99 12.35 -17.52
C ASN A 98 7.20 11.15 -17.05
C ASN A 98 7.21 11.12 -17.06
N ALA A 99 6.70 11.18 -15.82
CA ALA A 99 5.97 10.05 -15.28
C ALA A 99 4.71 9.75 -16.07
N VAL A 100 4.06 10.77 -16.63
CA VAL A 100 2.85 10.60 -17.41
C VAL A 100 3.03 11.30 -18.76
N ARG A 101 2.89 10.54 -19.84
CA ARG A 101 2.98 11.07 -21.20
C ARG A 101 1.60 11.05 -21.85
N ASP A 102 1.17 12.19 -22.37
CA ASP A 102 -0.16 12.33 -22.95
C ASP A 102 -0.16 11.98 -24.43
N VAL A 103 -1.22 11.31 -24.87
CA VAL A 103 -1.43 10.96 -26.27
C VAL A 103 -2.53 11.87 -26.82
N HIS A 104 -2.22 12.60 -27.88
CA HIS A 104 -3.21 13.36 -28.67
C HIS A 104 -4.07 14.25 -27.79
N GLY A 105 -3.43 15.23 -27.16
CA GLY A 105 -4.16 16.14 -26.30
C GLY A 105 -4.68 15.52 -25.03
N GLY A 106 -4.08 14.43 -24.57
CA GLY A 106 -4.49 13.83 -23.31
C GLY A 106 -5.66 12.88 -23.40
N ARG A 107 -6.05 12.44 -24.60
CA ARG A 107 -7.11 11.46 -24.73
C ARG A 107 -6.76 10.19 -23.94
N GLU A 108 -5.60 9.63 -24.21
CA GLU A 108 -4.99 8.59 -23.39
C GLU A 108 -3.75 9.17 -22.74
N ARG A 109 -3.46 8.70 -21.52
CA ARG A 109 -2.25 9.10 -20.81
C ARG A 109 -1.56 7.85 -20.28
N VAL A 110 -0.26 7.76 -20.51
CA VAL A 110 0.51 6.55 -20.23
C VAL A 110 1.46 6.86 -19.08
N ARG A 111 1.32 6.12 -17.98
CA ARG A 111 2.34 6.16 -16.94
C ARG A 111 3.57 5.42 -17.45
N THR A 112 4.73 6.08 -17.41
CA THR A 112 5.93 5.55 -18.07
C THR A 112 6.68 4.61 -17.14
N ASP A 113 6.05 3.46 -16.88
CA ASP A 113 6.67 2.43 -16.04
C ASP A 113 7.91 1.86 -16.69
N LEU A 114 7.86 1.63 -17.99
CA LEU A 114 8.93 1.00 -18.74
C LEU A 114 9.25 1.84 -19.98
N SER A 115 10.53 1.91 -20.32
CA SER A 115 10.99 2.55 -21.54
C SER A 115 11.54 1.49 -22.48
N SER A 116 11.51 1.78 -23.78
CA SER A 116 11.96 0.82 -24.76
C SER A 116 12.54 1.52 -25.97
N THR A 117 13.59 0.91 -26.54
CA THR A 117 14.15 1.32 -27.82
C THR A 117 14.22 0.10 -28.72
N LEU A 118 13.71 0.24 -29.94
CA LEU A 118 13.84 -0.79 -30.97
C LEU A 118 14.79 -0.26 -32.03
N PHE A 119 15.92 -0.93 -32.19
CA PHE A 119 16.95 -0.49 -33.11
C PHE A 119 16.58 -0.88 -34.53
N PHE A 120 16.67 0.09 -35.45
CA PHE A 120 16.47 -0.17 -36.86
C PHE A 120 17.74 0.02 -37.67
N SER A 121 18.85 0.43 -37.04
CA SER A 121 20.13 0.57 -37.70
C SER A 121 21.10 -0.48 -37.18
N ASP A 122 21.95 -0.97 -38.07
CA ASP A 122 23.01 -1.88 -37.67
C ASP A 122 24.02 -1.12 -36.80
N PRO A 123 24.54 -1.72 -35.74
CA PRO A 123 25.57 -1.03 -34.94
C PRO A 123 26.80 -0.65 -35.74
N GLU A 124 27.12 -1.39 -36.79
CA GLU A 124 28.26 -1.08 -37.65
C GLU A 124 28.01 0.12 -38.55
N ASP A 125 26.76 0.55 -38.68
CA ASP A 125 26.42 1.63 -39.59
C ASP A 125 26.46 3.01 -38.93
N TYR A 126 26.83 3.09 -37.66
CA TYR A 126 27.02 4.40 -37.04
C TYR A 126 28.00 4.29 -35.89
N ASP A 127 28.77 5.37 -35.68
CA ASP A 127 29.64 5.50 -34.53
C ASP A 127 28.96 6.35 -33.46
N GLY A 128 29.24 6.01 -32.20
CA GLY A 128 28.55 6.67 -31.11
C GLY A 128 27.12 6.19 -31.00
N GLY A 129 26.24 7.10 -30.55
CA GLY A 129 24.83 6.78 -30.49
C GLY A 129 24.45 5.72 -29.48
N GLU A 130 25.32 5.42 -28.52
CA GLU A 130 24.96 4.42 -27.52
C GLU A 130 23.86 4.94 -26.61
N LEU A 131 22.89 4.07 -26.33
CA LEU A 131 21.89 4.36 -25.32
C LEU A 131 22.51 4.08 -23.95
N VAL A 132 22.72 5.15 -23.17
CA VAL A 132 23.43 5.06 -21.90
C VAL A 132 22.40 5.21 -20.79
N ILE A 133 22.35 4.22 -19.90
CA ILE A 133 21.37 4.18 -18.81
C ILE A 133 22.14 4.20 -17.50
N GLN A 134 21.81 5.15 -16.63
CA GLN A 134 22.50 5.33 -15.36
C GLN A 134 21.50 5.06 -14.23
N ASP A 135 21.74 3.98 -13.50
CA ASP A 135 21.00 3.69 -12.27
C ASP A 135 21.73 4.34 -11.10
N THR A 136 21.37 3.95 -9.87
CA THR A 136 21.96 4.56 -8.69
C THR A 136 23.45 4.25 -8.56
N TYR A 137 23.88 3.04 -8.94
CA TYR A 137 25.22 2.58 -8.64
C TYR A 137 26.07 2.25 -9.87
N GLY A 138 25.61 2.57 -11.08
CA GLY A 138 26.40 2.26 -12.26
C GLY A 138 25.71 2.69 -13.53
N LEU A 139 26.43 2.50 -14.64
CA LEU A 139 25.99 2.87 -15.98
C LEU A 139 25.99 1.64 -16.87
N GLN A 140 25.05 1.61 -17.81
CA GLN A 140 24.98 0.59 -18.84
C GLN A 140 24.86 1.25 -20.21
N GLN A 141 25.60 0.71 -21.18
CA GLN A 141 25.55 1.18 -22.56
C GLN A 141 24.93 0.11 -23.43
N VAL A 142 24.00 0.50 -24.30
CA VAL A 142 23.24 -0.42 -25.12
C VAL A 142 23.36 0.01 -26.58
N LYS A 143 23.77 -0.93 -27.44
CA LYS A 143 23.82 -0.71 -28.90
C LYS A 143 23.57 -2.07 -29.55
N LEU A 144 22.31 -2.34 -29.89
CA LEU A 144 21.86 -3.66 -30.27
C LEU A 144 21.75 -3.83 -31.77
N PRO A 145 21.72 -5.07 -32.27
CA PRO A 145 21.49 -5.27 -33.70
C PRO A 145 20.13 -4.76 -34.13
N ALA A 146 20.04 -4.37 -35.40
CA ALA A 146 18.79 -3.87 -35.94
C ALA A 146 17.70 -4.93 -35.83
N GLY A 147 16.51 -4.50 -35.40
CA GLY A 147 15.42 -5.41 -35.14
C GLY A 147 15.26 -5.83 -33.69
N ASP A 148 16.25 -5.55 -32.85
CA ASP A 148 16.22 -5.93 -31.45
C ASP A 148 15.67 -4.81 -30.58
N LEU A 149 15.02 -5.19 -29.49
CA LEU A 149 14.42 -4.25 -28.56
C LEU A 149 15.13 -4.34 -27.22
N VAL A 150 15.31 -3.20 -26.57
CA VAL A 150 15.74 -3.13 -25.18
C VAL A 150 14.59 -2.62 -24.34
N LEU A 151 14.37 -3.23 -23.18
CA LEU A 151 13.32 -2.86 -22.24
C LEU A 151 13.96 -2.55 -20.91
N TYR A 152 13.65 -1.38 -20.35
CA TYR A 152 14.25 -0.99 -19.09
C TYR A 152 13.29 -0.08 -18.33
N PRO A 153 13.40 -0.04 -17.00
CA PRO A 153 12.44 0.75 -16.21
C PRO A 153 12.52 2.23 -16.53
N GLY A 154 11.38 2.91 -16.42
CA GLY A 154 11.29 4.33 -16.66
C GLY A 154 11.86 5.20 -15.58
N THR A 155 12.37 4.59 -14.50
CA THR A 155 12.90 5.32 -13.36
C THR A 155 14.34 5.76 -13.54
N SER A 156 15.00 5.39 -14.63
CA SER A 156 16.42 5.66 -14.80
C SER A 156 16.65 6.95 -15.57
N LEU A 157 17.79 7.58 -15.30
CA LEU A 157 18.29 8.66 -16.12
C LEU A 157 19.03 8.05 -17.30
N HIS A 158 18.71 8.51 -18.52
CA HIS A 158 19.34 7.94 -19.70
C HIS A 158 19.62 9.01 -20.74
N LYS A 159 20.50 8.68 -21.67
CA LYS A 159 20.91 9.59 -22.73
C LYS A 159 21.28 8.75 -23.95
N VAL A 160 21.41 9.43 -25.08
CA VAL A 160 21.97 8.84 -26.30
C VAL A 160 23.23 9.62 -26.65
N ASN A 161 24.35 8.92 -26.79
CA ASN A 161 25.61 9.57 -27.13
C ASN A 161 25.53 10.15 -28.54
N PRO A 162 26.31 11.19 -28.83
CA PRO A 162 26.31 11.76 -30.18
C PRO A 162 26.67 10.71 -31.22
N VAL A 163 26.05 10.83 -32.39
CA VAL A 163 26.41 10.00 -33.54
C VAL A 163 27.41 10.79 -34.37
N THR A 164 28.62 10.25 -34.49
CA THR A 164 29.72 10.94 -35.15
C THR A 164 30.01 10.42 -36.55
N ARG A 165 29.32 9.35 -36.98
CA ARG A 165 29.45 8.84 -38.33
C ARG A 165 28.18 8.07 -38.66
N GLY A 166 27.70 8.22 -39.89
CA GLY A 166 26.52 7.47 -40.29
C GLY A 166 25.25 8.00 -39.63
N ALA A 167 24.27 7.11 -39.49
CA ALA A 167 22.98 7.49 -38.94
C ALA A 167 22.41 6.33 -38.13
N ARG A 168 21.73 6.67 -37.05
CA ARG A 168 21.07 5.70 -36.18
C ARG A 168 19.57 5.93 -36.25
N TYR A 169 18.85 4.94 -36.78
CA TYR A 169 17.40 4.99 -36.83
C TYR A 169 16.84 4.04 -35.79
N ALA A 170 15.81 4.50 -35.07
CA ALA A 170 15.23 3.67 -34.03
C ALA A 170 13.82 4.15 -33.74
N SER A 171 13.06 3.27 -33.08
CA SER A 171 11.78 3.60 -32.50
C SER A 171 11.90 3.56 -30.98
N PHE A 172 11.16 4.43 -30.31
CA PHE A 172 11.13 4.39 -28.85
C PHE A 172 9.71 4.66 -28.37
N PHE A 173 9.40 4.09 -27.20
CA PHE A 173 8.06 4.18 -26.64
C PHE A 173 8.13 3.88 -25.16
N TRP A 174 7.04 4.15 -24.47
CA TRP A 174 6.89 3.79 -23.07
C TRP A 174 5.69 2.87 -22.91
N THR A 175 5.75 2.04 -21.87
CA THR A 175 4.68 1.11 -21.55
C THR A 175 4.21 1.38 -20.14
N GLN A 176 2.90 1.50 -19.96
CA GLN A 176 2.30 1.43 -18.63
C GLN A 176 1.98 -0.02 -18.36
N SER A 177 2.62 -0.58 -17.34
CA SER A 177 2.42 -1.98 -17.02
C SER A 177 1.17 -2.15 -16.16
N LEU A 178 0.59 -3.34 -16.23
CA LEU A 178 -0.42 -3.72 -15.23
C LEU A 178 0.15 -3.62 -13.83
N VAL A 179 1.45 -3.88 -13.68
CA VAL A 179 2.11 -3.94 -12.39
C VAL A 179 3.13 -2.80 -12.34
N ARG A 180 2.90 -1.85 -11.43
CA ARG A 180 3.68 -0.61 -11.43
C ARG A 180 5.11 -0.84 -10.98
N GLU A 181 5.30 -1.60 -9.91
CA GLU A 181 6.61 -1.72 -9.27
C GLU A 181 7.46 -2.75 -10.02
N ASP A 182 8.70 -2.37 -10.34
CA ASP A 182 9.56 -3.24 -11.13
C ASP A 182 9.90 -4.52 -10.38
N SER A 183 10.10 -4.43 -9.06
CA SER A 183 10.41 -5.63 -8.29
C SER A 183 9.24 -6.61 -8.30
N GLN A 184 8.01 -6.10 -8.36
CA GLN A 184 6.86 -7.00 -8.47
C GLN A 184 6.80 -7.68 -9.82
N ARG A 185 7.09 -6.94 -10.91
CA ARG A 185 7.06 -7.53 -12.25
C ARG A 185 8.12 -8.63 -12.38
N THR A 186 9.33 -8.37 -11.89
CA THR A 186 10.40 -9.35 -12.01
C THR A 186 10.10 -10.61 -11.20
N LEU A 187 9.51 -10.43 -10.01
CA LEU A 187 9.07 -11.59 -9.24
C LEU A 187 8.06 -12.42 -10.03
N LEU A 188 7.07 -11.77 -10.63
CA LEU A 188 6.10 -12.48 -11.45
C LEU A 188 6.76 -13.12 -12.66
N PHE A 189 7.65 -12.39 -13.32
CA PHE A 189 8.36 -12.94 -14.49
C PHE A 189 9.14 -14.18 -14.10
N GLU A 190 9.92 -14.10 -13.01
CA GLU A 190 10.70 -15.25 -12.57
C GLU A 190 9.80 -16.41 -12.17
N MET A 191 8.70 -16.11 -11.48
CA MET A 191 7.77 -17.17 -11.09
C MET A 191 7.21 -17.89 -12.30
N ASP A 192 6.85 -17.13 -13.34
CA ASP A 192 6.25 -17.72 -14.52
C ASP A 192 7.23 -18.64 -15.25
N GLN A 193 8.49 -18.22 -15.37
CA GLN A 193 9.49 -19.09 -15.98
C GLN A 193 9.65 -20.39 -15.21
N SER A 194 9.60 -20.32 -13.88
CA SER A 194 9.67 -21.53 -13.07
C SER A 194 8.48 -22.44 -13.34
N ILE A 195 7.27 -21.86 -13.45
CA ILE A 195 6.09 -22.65 -13.74
C ILE A 195 6.15 -23.22 -15.16
N GLN A 196 6.65 -22.42 -16.11
CA GLN A 196 6.82 -22.93 -17.47
C GLN A 196 7.79 -24.10 -17.52
N ARG A 197 8.89 -24.02 -16.78
CA ARG A 197 9.85 -25.12 -16.75
C ARG A 197 9.26 -26.38 -16.13
N LEU A 198 8.49 -26.22 -15.05
CA LEU A 198 7.88 -27.39 -14.41
C LEU A 198 6.83 -28.03 -15.30
N THR A 199 6.08 -27.22 -16.04
CA THR A 199 5.08 -27.78 -16.96
C THR A 199 5.73 -28.63 -18.03
N ARG A 200 6.88 -28.19 -18.53
CA ARG A 200 7.62 -28.99 -19.51
C ARG A 200 8.11 -30.29 -18.90
N ASP A 201 8.76 -30.23 -17.74
CA ASP A 201 9.38 -31.42 -17.16
C ASP A 201 8.34 -32.35 -16.55
N VAL A 202 7.39 -31.80 -15.79
CA VAL A 202 6.41 -32.63 -15.10
C VAL A 202 5.02 -32.03 -15.26
N PRO A 203 4.39 -32.18 -16.42
CA PRO A 203 3.02 -31.69 -16.59
C PRO A 203 2.03 -32.57 -15.84
N ASP A 204 0.80 -32.04 -15.68
CA ASP A 204 -0.31 -32.71 -15.03
C ASP A 204 -0.06 -32.96 -13.54
N HIS A 205 1.05 -32.46 -13.03
CA HIS A 205 1.29 -32.49 -11.59
C HIS A 205 0.28 -31.58 -10.91
N PRO A 206 -0.42 -32.04 -9.88
CA PRO A 206 -1.47 -31.20 -9.27
C PRO A 206 -0.97 -29.89 -8.67
N SER A 207 0.32 -29.77 -8.34
CA SER A 207 0.81 -28.51 -7.82
C SER A 207 0.96 -27.42 -8.88
N LEU A 208 0.97 -27.79 -10.16
CA LEU A 208 1.10 -26.78 -11.22
C LEU A 208 -0.11 -25.87 -11.29
N ILE A 209 -1.31 -26.45 -11.21
CA ILE A 209 -2.53 -25.65 -11.22
C ILE A 209 -2.55 -24.70 -10.03
N ARG A 210 -2.10 -25.17 -8.87
CA ARG A 210 -2.14 -24.34 -7.67
C ARG A 210 -1.12 -23.22 -7.73
N LEU A 211 0.08 -23.50 -8.29
CA LEU A 211 1.07 -22.45 -8.46
C LEU A 211 0.62 -21.44 -9.51
N THR A 212 -0.03 -21.92 -10.57
CA THR A 212 -0.66 -21.00 -11.52
C THR A 212 -1.72 -20.16 -10.82
N GLY A 213 -2.48 -20.78 -9.90
CA GLY A 213 -3.39 -20.02 -9.07
C GLY A 213 -2.68 -18.96 -8.23
N THR A 214 -1.51 -19.33 -7.69
CA THR A 214 -0.73 -18.37 -6.91
C THR A 214 -0.29 -17.20 -7.77
N TYR A 215 0.20 -17.49 -8.98
CA TYR A 215 0.65 -16.46 -9.89
C TYR A 215 -0.47 -15.48 -10.22
N HIS A 216 -1.65 -16.00 -10.52
CA HIS A 216 -2.75 -15.12 -10.90
C HIS A 216 -3.34 -14.40 -9.70
N ASN A 217 -3.26 -14.99 -8.51
CA ASN A 217 -3.68 -14.25 -7.32
C ASN A 217 -2.71 -13.11 -7.01
N LEU A 218 -1.43 -13.29 -7.29
CA LEU A 218 -0.49 -12.18 -7.19
C LEU A 218 -0.81 -11.10 -8.21
N LEU A 219 -1.09 -11.51 -9.45
CA LEU A 219 -1.49 -10.55 -10.48
C LEU A 219 -2.79 -9.86 -10.09
N ARG A 220 -3.71 -10.61 -9.48
N ARG A 220 -3.73 -10.61 -9.49
CA ARG A 220 -4.96 -10.03 -8.99
CA ARG A 220 -4.96 -10.02 -8.99
C ARG A 220 -4.70 -9.00 -7.90
C ARG A 220 -4.68 -8.98 -7.91
N ARG A 221 -3.70 -9.26 -7.04
CA ARG A 221 -3.36 -8.31 -5.99
C ARG A 221 -2.70 -7.04 -6.53
N TRP A 222 -1.92 -7.18 -7.61
CA TRP A 222 -1.00 -6.12 -8.02
C TRP A 222 -1.41 -5.38 -9.29
N SER A 223 -2.32 -5.93 -10.10
CA SER A 223 -2.62 -5.34 -11.39
C SER A 223 -3.53 -4.12 -11.24
N GLU A 224 -3.18 -3.03 -11.92
CA GLU A 224 -4.01 -1.84 -11.99
C GLU A 224 -4.44 -1.65 -13.43
N LEU A 225 -5.75 -1.53 -13.64
CA LEU A 225 -6.35 -1.41 -14.97
C LEU A 225 -7.79 -0.96 -14.80
N LEU B 1 -19.11 -16.48 0.32
CA LEU B 1 -20.11 -16.66 -0.74
C LEU B 1 -21.39 -15.91 -0.42
N LEU B 2 -21.80 -15.02 -1.32
CA LEU B 2 -23.05 -14.31 -1.20
C LEU B 2 -24.06 -14.87 -2.19
N HIS B 3 -25.22 -15.25 -1.68
CA HIS B 3 -26.32 -15.75 -2.50
C HIS B 3 -27.34 -14.64 -2.67
N ILE B 4 -27.54 -14.20 -3.90
CA ILE B 4 -28.47 -13.13 -4.23
C ILE B 4 -29.63 -13.75 -5.01
N PRO B 5 -30.82 -13.88 -4.41
CA PRO B 5 -31.90 -14.62 -5.07
C PRO B 5 -32.72 -13.76 -6.01
N ALA B 6 -33.40 -14.46 -6.93
CA ALA B 6 -34.45 -13.89 -7.77
C ALA B 6 -33.97 -12.64 -8.53
N ILE B 7 -32.82 -12.78 -9.19
CA ILE B 7 -32.41 -11.75 -10.15
C ILE B 7 -33.49 -11.58 -11.21
N PHE B 8 -34.04 -12.70 -11.69
CA PHE B 8 -35.17 -12.71 -12.60
C PHE B 8 -36.34 -13.43 -11.95
N THR B 9 -37.55 -13.08 -12.37
CA THR B 9 -38.74 -13.75 -11.88
C THR B 9 -38.85 -15.15 -12.48
N ALA B 10 -39.85 -15.89 -12.01
CA ALA B 10 -40.05 -17.26 -12.49
C ALA B 10 -40.43 -17.28 -13.97
N GLU B 11 -41.32 -16.37 -14.39
CA GLU B 11 -41.70 -16.31 -15.80
C GLU B 11 -40.52 -15.87 -16.67
N GLU B 12 -39.72 -14.91 -16.19
CA GLU B 12 -38.54 -14.50 -16.94
C GLU B 12 -37.56 -15.67 -17.08
N VAL B 13 -37.34 -16.41 -15.99
CA VAL B 13 -36.44 -17.55 -16.03
C VAL B 13 -36.93 -18.59 -17.02
N SER B 14 -38.25 -18.85 -17.03
CA SER B 14 -38.80 -19.82 -17.97
C SER B 14 -38.58 -19.38 -19.42
N ARG B 15 -38.79 -18.09 -19.71
CA ARG B 15 -38.55 -17.58 -21.06
C ARG B 15 -37.09 -17.73 -21.44
N ILE B 16 -36.19 -17.36 -20.52
CA ILE B 16 -34.76 -17.41 -20.82
C ILE B 16 -34.30 -18.85 -21.02
N ARG B 17 -34.75 -19.77 -20.17
CA ARG B 17 -34.33 -21.17 -20.30
C ARG B 17 -34.84 -21.78 -21.60
N ALA B 18 -36.07 -21.42 -21.99
CA ALA B 18 -36.60 -21.95 -23.25
C ALA B 18 -35.73 -21.52 -24.43
N ALA B 19 -35.31 -20.25 -24.46
CA ALA B 19 -34.43 -19.79 -25.51
C ALA B 19 -33.08 -20.51 -25.46
N LEU B 20 -32.54 -20.73 -24.24
CA LEU B 20 -31.28 -21.46 -24.11
C LEU B 20 -31.43 -22.90 -24.58
N GLU B 21 -32.57 -23.53 -24.27
CA GLU B 21 -32.80 -24.90 -24.71
C GLU B 21 -32.83 -25.02 -26.24
N GLN B 22 -33.28 -23.97 -26.92
CA GLN B 22 -33.39 -23.98 -28.38
C GLN B 22 -32.19 -23.33 -29.08
N ALA B 23 -31.18 -22.91 -28.33
CA ALA B 23 -30.06 -22.21 -28.94
C ALA B 23 -29.08 -23.20 -29.57
N GLU B 24 -28.27 -22.70 -30.48
CA GLU B 24 -27.22 -23.49 -31.12
C GLU B 24 -25.94 -23.33 -30.29
N TRP B 25 -25.53 -24.42 -29.63
CA TRP B 25 -24.42 -24.38 -28.70
C TRP B 25 -23.12 -24.76 -29.38
N ALA B 26 -22.04 -24.16 -28.90
CA ALA B 26 -20.70 -24.42 -29.40
C ALA B 26 -19.84 -25.02 -28.29
N ASP B 27 -18.71 -25.59 -28.70
CA ASP B 27 -17.78 -26.17 -27.74
C ASP B 27 -17.20 -25.10 -26.82
N GLY B 28 -17.13 -25.41 -25.52
CA GLY B 28 -16.76 -24.43 -24.52
C GLY B 28 -15.29 -24.05 -24.49
N LYS B 29 -14.42 -24.83 -25.13
CA LYS B 29 -12.98 -24.59 -25.03
C LYS B 29 -12.54 -23.26 -25.66
N ALA B 30 -13.42 -22.60 -26.42
CA ALA B 30 -13.03 -21.41 -27.17
C ALA B 30 -12.63 -20.25 -26.25
N THR B 31 -13.28 -20.10 -25.10
CA THR B 31 -13.01 -18.98 -24.20
C THR B 31 -12.02 -19.32 -23.10
N ALA B 32 -11.35 -20.48 -23.20
CA ALA B 32 -10.31 -20.86 -22.25
C ALA B 32 -8.98 -20.96 -22.97
N GLY B 33 -7.93 -20.45 -22.35
CA GLY B 33 -6.60 -20.60 -22.89
C GLY B 33 -6.13 -22.04 -22.83
N TYR B 34 -5.02 -22.31 -23.51
CA TYR B 34 -4.50 -23.66 -23.54
C TYR B 34 -3.88 -24.03 -22.19
N GLN B 35 -4.73 -24.49 -21.27
CA GLN B 35 -4.35 -24.92 -19.93
C GLN B 35 -5.60 -25.37 -19.19
N SER B 36 -6.44 -24.41 -18.80
CA SER B 36 -7.76 -24.73 -18.28
C SER B 36 -8.66 -25.34 -19.35
N ALA B 37 -8.27 -25.25 -20.63
CA ALA B 37 -9.00 -25.94 -21.68
C ALA B 37 -9.01 -27.45 -21.46
N LYS B 38 -7.90 -28.00 -20.96
CA LYS B 38 -7.85 -29.42 -20.64
C LYS B 38 -8.92 -29.80 -19.61
N ALA B 39 -9.32 -28.85 -18.77
CA ALA B 39 -10.30 -29.11 -17.73
C ALA B 39 -11.72 -28.79 -18.14
N LYS B 40 -11.93 -28.17 -19.30
CA LYS B 40 -13.24 -27.65 -19.70
C LYS B 40 -13.88 -28.57 -20.72
N HIS B 41 -15.02 -29.14 -20.37
CA HIS B 41 -15.74 -30.09 -21.22
C HIS B 41 -17.24 -29.78 -21.23
N ASN B 42 -17.59 -28.54 -21.52
CA ASN B 42 -18.99 -28.13 -21.56
C ASN B 42 -19.33 -27.50 -22.91
N LEU B 43 -20.52 -26.90 -22.99
CA LEU B 43 -20.97 -26.15 -24.14
C LEU B 43 -21.12 -24.68 -23.75
N GLN B 44 -20.90 -23.79 -24.71
CA GLN B 44 -21.01 -22.35 -24.48
C GLN B 44 -21.60 -21.69 -25.71
N LEU B 45 -22.39 -20.65 -25.49
CA LEU B 45 -22.78 -19.78 -26.59
C LEU B 45 -21.58 -18.92 -27.01
N PRO B 46 -21.44 -18.61 -28.29
CA PRO B 46 -20.45 -17.61 -28.69
C PRO B 46 -20.71 -16.30 -27.98
N GLN B 47 -19.64 -15.54 -27.73
N GLN B 47 -19.64 -15.53 -27.77
CA GLN B 47 -19.75 -14.33 -26.90
CA GLN B 47 -19.72 -14.34 -26.92
C GLN B 47 -20.81 -13.38 -27.45
C GLN B 47 -20.74 -13.32 -27.44
N ASP B 48 -20.82 -13.16 -28.76
CA ASP B 48 -21.74 -12.21 -29.36
C ASP B 48 -22.94 -12.88 -30.03
N HIS B 49 -23.29 -14.08 -29.59
CA HIS B 49 -24.57 -14.67 -29.92
C HIS B 49 -25.68 -13.73 -29.44
N PRO B 50 -26.70 -13.47 -30.27
CA PRO B 50 -27.72 -12.47 -29.88
C PRO B 50 -28.40 -12.79 -28.57
N LEU B 51 -28.62 -14.06 -28.25
CA LEU B 51 -29.21 -14.42 -26.96
C LEU B 51 -28.26 -14.10 -25.82
N ALA B 52 -26.97 -14.38 -25.99
CA ALA B 52 -25.99 -14.04 -24.97
C ALA B 52 -25.89 -12.53 -24.79
N ARG B 53 -25.90 -11.79 -25.89
CA ARG B 53 -25.83 -10.32 -25.78
C ARG B 53 -27.09 -9.77 -25.13
N GLU B 54 -28.26 -10.32 -25.46
CA GLU B 54 -29.51 -9.79 -24.91
C GLU B 54 -29.64 -10.07 -23.42
N ILE B 55 -29.45 -11.34 -23.01
CA ILE B 55 -29.63 -11.66 -21.60
C ILE B 55 -28.49 -11.10 -20.77
N GLY B 56 -27.29 -11.03 -21.34
CA GLY B 56 -26.19 -10.37 -20.63
C GLY B 56 -26.52 -8.93 -20.31
N GLU B 57 -27.06 -8.20 -21.30
CA GLU B 57 -27.47 -6.82 -21.07
C GLU B 57 -28.60 -6.75 -20.04
N ALA B 58 -29.56 -7.66 -20.13
CA ALA B 58 -30.64 -7.68 -19.14
C ALA B 58 -30.09 -7.98 -17.75
N MET B 59 -29.11 -8.89 -17.65
CA MET B 59 -28.49 -9.14 -16.34
C MET B 59 -27.79 -7.90 -15.81
N LEU B 60 -27.06 -7.17 -16.67
N LEU B 60 -27.07 -7.17 -16.66
CA LEU B 60 -26.35 -5.98 -16.20
CA LEU B 60 -26.35 -5.99 -16.21
C LEU B 60 -27.32 -4.97 -15.60
C LEU B 60 -27.30 -4.94 -15.63
N GLN B 61 -28.42 -4.69 -16.31
CA GLN B 61 -29.38 -3.71 -15.82
C GLN B 61 -30.00 -4.14 -14.50
N ARG B 62 -30.30 -5.43 -14.36
CA ARG B 62 -30.84 -5.92 -13.08
C ARG B 62 -29.80 -5.80 -11.97
N LEU B 63 -28.54 -6.16 -12.25
CA LEU B 63 -27.51 -6.12 -11.22
C LEU B 63 -27.16 -4.70 -10.81
N TRP B 64 -27.04 -3.78 -11.77
N TRP B 64 -27.05 -3.79 -11.77
CA TRP B 64 -26.74 -2.39 -11.43
CA TRP B 64 -26.76 -2.39 -11.45
C TRP B 64 -27.86 -1.73 -10.63
C TRP B 64 -27.83 -1.78 -10.57
N ASN B 65 -29.05 -2.32 -10.64
CA ASN B 65 -30.18 -1.80 -9.87
C ASN B 65 -30.52 -2.68 -8.67
N HIS B 66 -29.62 -3.60 -8.31
CA HIS B 66 -29.82 -4.44 -7.15
C HIS B 66 -29.00 -3.90 -5.99
N PRO B 67 -29.63 -3.43 -4.91
CA PRO B 67 -28.84 -2.86 -3.80
C PRO B 67 -27.88 -3.85 -3.16
N LEU B 68 -28.22 -5.14 -3.10
CA LEU B 68 -27.31 -6.10 -2.48
C LEU B 68 -26.07 -6.33 -3.34
N PHE B 69 -26.24 -6.48 -4.66
CA PHE B 69 -25.09 -6.63 -5.53
C PHE B 69 -24.23 -5.37 -5.55
N MET B 70 -24.86 -4.20 -5.60
CA MET B 70 -24.12 -2.95 -5.63
C MET B 70 -23.27 -2.78 -4.37
N SER B 71 -23.84 -3.09 -3.20
CA SER B 71 -23.09 -2.88 -1.97
C SER B 71 -21.99 -3.92 -1.79
N ALA B 72 -22.28 -5.19 -2.04
CA ALA B 72 -21.30 -6.24 -1.76
C ALA B 72 -20.20 -6.30 -2.82
N ALA B 73 -20.52 -6.02 -4.08
CA ALA B 73 -19.54 -6.12 -5.15
C ALA B 73 -18.86 -4.80 -5.46
N LEU B 74 -19.52 -3.67 -5.18
CA LEU B 74 -19.06 -2.33 -5.54
C LEU B 74 -18.53 -2.33 -6.98
N PRO B 75 -19.36 -2.71 -7.95
CA PRO B 75 -18.84 -3.02 -9.29
C PRO B 75 -18.30 -1.78 -9.99
N LEU B 76 -17.19 -1.96 -10.70
CA LEU B 76 -16.67 -1.00 -11.65
C LEU B 76 -16.82 -1.49 -13.08
N LYS B 77 -16.46 -2.75 -13.33
CA LYS B 77 -16.61 -3.39 -14.62
C LYS B 77 -17.30 -4.73 -14.43
N VAL B 78 -18.18 -5.07 -15.36
CA VAL B 78 -18.75 -6.41 -15.42
C VAL B 78 -18.39 -6.99 -16.78
N PHE B 79 -17.68 -8.12 -16.76
CA PHE B 79 -17.39 -8.80 -18.01
C PHE B 79 -18.70 -9.22 -18.67
N PRO B 80 -18.84 -9.05 -19.99
CA PRO B 80 -20.07 -9.44 -20.67
C PRO B 80 -20.41 -10.89 -20.36
N PRO B 81 -21.57 -11.14 -19.75
CA PRO B 81 -21.83 -12.48 -19.23
C PRO B 81 -21.78 -13.54 -20.32
N LEU B 82 -21.21 -14.68 -19.96
CA LEU B 82 -21.13 -15.86 -20.79
C LEU B 82 -22.21 -16.85 -20.38
N PHE B 83 -22.58 -17.73 -21.29
CA PHE B 83 -23.66 -18.68 -21.06
C PHE B 83 -23.18 -20.09 -21.41
N ASN B 84 -23.39 -21.03 -20.51
CA ASN B 84 -22.89 -22.38 -20.71
C ASN B 84 -24.00 -23.40 -20.47
N CYS B 85 -23.72 -24.64 -20.87
CA CYS B 85 -24.64 -25.75 -20.66
C CYS B 85 -23.83 -27.00 -20.36
N TYR B 86 -24.07 -27.60 -19.20
CA TYR B 86 -23.45 -28.87 -18.82
C TYR B 86 -24.50 -29.97 -18.97
N THR B 87 -24.18 -30.95 -19.80
CA THR B 87 -25.11 -32.04 -20.06
C THR B 87 -24.31 -33.20 -20.64
N GLY B 88 -24.89 -34.40 -20.55
CA GLY B 88 -24.24 -35.59 -21.11
C GLY B 88 -22.87 -35.87 -20.52
N GLY B 89 -22.69 -35.63 -19.23
CA GLY B 89 -21.40 -35.76 -18.61
C GLY B 89 -20.52 -34.53 -18.68
N GLY B 90 -21.00 -33.43 -19.25
CA GLY B 90 -20.20 -32.23 -19.33
C GLY B 90 -19.81 -31.72 -17.95
N SER B 91 -18.65 -31.08 -17.88
CA SER B 91 -18.07 -30.68 -16.60
C SER B 91 -17.00 -29.63 -16.85
N PHE B 92 -16.46 -29.11 -15.75
CA PHE B 92 -15.34 -28.16 -15.78
C PHE B 92 -14.49 -28.47 -14.54
N ASP B 93 -13.37 -29.15 -14.73
CA ASP B 93 -12.56 -29.56 -13.60
C ASP B 93 -11.89 -28.35 -12.95
N PHE B 94 -11.18 -28.61 -11.85
CA PHE B 94 -10.65 -27.53 -11.02
C PHE B 94 -9.74 -26.61 -11.83
N HIS B 95 -9.99 -25.31 -11.70
CA HIS B 95 -9.23 -24.30 -12.40
C HIS B 95 -9.30 -23.00 -11.62
N ILE B 96 -8.31 -22.14 -11.86
CA ILE B 96 -8.33 -20.78 -11.35
C ILE B 96 -8.61 -19.88 -12.55
N ASP B 97 -9.36 -18.81 -12.32
CA ASP B 97 -9.61 -17.85 -13.39
C ASP B 97 -8.42 -16.91 -13.54
N ASN B 98 -8.13 -16.55 -14.80
N ASN B 98 -8.14 -16.55 -14.80
CA ASN B 98 -7.05 -15.61 -15.08
CA ASN B 98 -7.09 -15.58 -15.11
C ASN B 98 -7.34 -14.27 -14.42
C ASN B 98 -7.35 -14.26 -14.40
N ALA B 99 -6.28 -13.63 -13.93
CA ALA B 99 -6.44 -12.38 -13.18
C ALA B 99 -7.07 -11.28 -14.02
N VAL B 100 -6.77 -11.25 -15.33
CA VAL B 100 -7.31 -10.25 -16.24
C VAL B 100 -7.95 -10.96 -17.43
N ARG B 101 -9.22 -10.64 -17.71
CA ARG B 101 -9.95 -11.21 -18.84
C ARG B 101 -10.23 -10.11 -19.86
N ASP B 102 -9.83 -10.35 -21.11
CA ASP B 102 -9.98 -9.36 -22.16
C ASP B 102 -11.34 -9.46 -22.83
N VAL B 103 -11.88 -8.30 -23.22
CA VAL B 103 -13.13 -8.20 -23.96
C VAL B 103 -12.80 -7.70 -25.36
N HIS B 104 -13.20 -8.46 -26.38
CA HIS B 104 -13.04 -8.05 -27.78
C HIS B 104 -11.60 -7.68 -28.10
N GLY B 105 -10.68 -8.59 -27.75
CA GLY B 105 -9.28 -8.36 -28.03
C GLY B 105 -8.66 -7.21 -27.27
N GLY B 106 -9.04 -7.03 -26.00
CA GLY B 106 -8.42 -6.03 -25.16
C GLY B 106 -8.99 -4.63 -25.26
N ARG B 107 -10.15 -4.45 -25.88
CA ARG B 107 -10.82 -3.15 -25.84
C ARG B 107 -11.11 -2.75 -24.40
N GLU B 108 -11.74 -3.66 -23.64
CA GLU B 108 -11.85 -3.56 -22.19
C GLU B 108 -11.19 -4.78 -21.58
N ARG B 109 -10.55 -4.60 -20.43
CA ARG B 109 -9.97 -5.71 -19.70
C ARG B 109 -10.45 -5.65 -18.26
N VAL B 110 -10.91 -6.79 -17.74
CA VAL B 110 -11.57 -6.87 -16.44
C VAL B 110 -10.66 -7.63 -15.49
N ARG B 111 -10.27 -6.99 -14.40
CA ARG B 111 -9.62 -7.72 -13.32
C ARG B 111 -10.67 -8.57 -12.62
N THR B 112 -10.42 -9.88 -12.51
CA THR B 112 -11.42 -10.83 -12.02
C THR B 112 -11.40 -10.88 -10.49
N ASP B 113 -11.81 -9.76 -9.89
CA ASP B 113 -11.91 -9.68 -8.43
C ASP B 113 -12.96 -10.64 -7.90
N LEU B 114 -14.10 -10.71 -8.58
CA LEU B 114 -15.24 -11.50 -8.13
C LEU B 114 -15.74 -12.36 -9.28
N SER B 115 -16.18 -13.57 -8.95
CA SER B 115 -16.79 -14.47 -9.92
C SER B 115 -18.26 -14.66 -9.57
N SER B 116 -19.07 -14.96 -10.57
CA SER B 116 -20.50 -15.14 -10.34
C SER B 116 -21.08 -16.17 -11.28
N THR B 117 -22.02 -16.96 -10.76
CA THR B 117 -22.85 -17.84 -11.56
C THR B 117 -24.32 -17.50 -11.29
N LEU B 118 -25.08 -17.27 -12.34
CA LEU B 118 -26.53 -17.10 -12.25
C LEU B 118 -27.16 -18.36 -12.82
N PHE B 119 -27.89 -19.09 -11.97
CA PHE B 119 -28.50 -20.34 -12.37
C PHE B 119 -29.78 -20.10 -13.17
N PHE B 120 -29.89 -20.74 -14.33
CA PHE B 120 -31.11 -20.70 -15.12
C PHE B 120 -31.84 -22.02 -15.15
N SER B 121 -31.32 -23.05 -14.49
CA SER B 121 -31.95 -24.35 -14.42
C SER B 121 -32.36 -24.65 -12.99
N ASP B 122 -33.51 -25.32 -12.85
N ASP B 122 -33.51 -25.31 -12.84
CA ASP B 122 -33.94 -25.79 -11.54
CA ASP B 122 -33.93 -25.78 -11.53
C ASP B 122 -32.98 -26.89 -11.04
C ASP B 122 -32.97 -26.87 -11.04
N PRO B 123 -32.64 -26.89 -9.76
CA PRO B 123 -31.75 -27.96 -9.24
C PRO B 123 -32.33 -29.36 -9.42
N GLU B 124 -33.65 -29.51 -9.42
CA GLU B 124 -34.26 -30.81 -9.66
C GLU B 124 -34.14 -31.26 -11.12
N ASP B 125 -33.76 -30.36 -12.03
CA ASP B 125 -33.73 -30.69 -13.44
C ASP B 125 -32.39 -31.24 -13.91
N TYR B 126 -31.41 -31.38 -13.02
CA TYR B 126 -30.17 -32.02 -13.39
C TYR B 126 -29.51 -32.64 -12.17
N ASP B 127 -28.77 -33.72 -12.39
CA ASP B 127 -27.98 -34.38 -11.37
C ASP B 127 -26.52 -33.98 -11.53
N GLY B 128 -25.82 -33.88 -10.41
CA GLY B 128 -24.46 -33.37 -10.45
C GLY B 128 -24.44 -31.89 -10.74
N GLY B 129 -23.40 -31.46 -11.44
CA GLY B 129 -23.32 -30.07 -11.85
C GLY B 129 -23.14 -29.07 -10.75
N GLU B 130 -22.72 -29.50 -9.56
CA GLU B 130 -22.50 -28.56 -8.46
C GLU B 130 -21.29 -27.67 -8.76
N LEU B 131 -21.42 -26.40 -8.44
CA LEU B 131 -20.28 -25.49 -8.45
C LEU B 131 -19.52 -25.66 -7.15
N VAL B 132 -18.32 -26.23 -7.23
CA VAL B 132 -17.51 -26.56 -6.07
C VAL B 132 -16.40 -25.54 -5.96
N ILE B 133 -16.33 -24.86 -4.81
CA ILE B 133 -15.37 -23.80 -4.57
C ILE B 133 -14.46 -24.24 -3.44
N GLN B 134 -13.16 -24.28 -3.69
CA GLN B 134 -12.16 -24.73 -2.72
C GLN B 134 -11.36 -23.54 -2.24
N ASP B 135 -11.48 -23.24 -0.95
CA ASP B 135 -10.65 -22.22 -0.31
C ASP B 135 -9.41 -22.88 0.28
N THR B 136 -8.69 -22.15 1.12
CA THR B 136 -7.49 -22.69 1.75
C THR B 136 -7.82 -23.85 2.67
N TYR B 137 -8.93 -23.76 3.40
CA TYR B 137 -9.20 -24.69 4.49
C TYR B 137 -10.49 -25.49 4.31
N GLY B 138 -11.17 -25.38 3.17
CA GLY B 138 -12.39 -26.17 2.98
C GLY B 138 -12.97 -25.97 1.60
N LEU B 139 -14.04 -26.74 1.35
CA LEU B 139 -14.77 -26.71 0.09
C LEU B 139 -16.23 -26.36 0.35
N GLN B 140 -16.84 -25.68 -0.63
CA GLN B 140 -18.27 -25.37 -0.60
C GLN B 140 -18.88 -25.80 -1.92
N GLN B 141 -20.04 -26.45 -1.85
CA GLN B 141 -20.80 -26.87 -3.02
C GLN B 141 -22.04 -25.99 -3.15
N VAL B 142 -22.28 -25.47 -4.35
CA VAL B 142 -23.36 -24.52 -4.60
C VAL B 142 -24.23 -25.07 -5.72
N LYS B 143 -25.55 -25.14 -5.47
CA LYS B 143 -26.52 -25.54 -6.48
C LYS B 143 -27.82 -24.83 -6.12
N LEU B 144 -28.05 -23.66 -6.74
CA LEU B 144 -29.08 -22.72 -6.32
C LEU B 144 -30.31 -22.80 -7.21
N PRO B 145 -31.46 -22.31 -6.73
CA PRO B 145 -32.66 -22.27 -7.57
C PRO B 145 -32.45 -21.38 -8.78
N ALA B 146 -33.17 -21.70 -9.86
CA ALA B 146 -33.07 -20.92 -11.08
C ALA B 146 -33.49 -19.47 -10.84
N GLY B 147 -32.72 -18.54 -11.41
CA GLY B 147 -32.91 -17.13 -11.17
C GLY B 147 -32.03 -16.54 -10.09
N ASP B 148 -31.36 -17.38 -9.30
CA ASP B 148 -30.51 -16.92 -8.21
C ASP B 148 -29.06 -16.80 -8.66
N LEU B 149 -28.34 -15.88 -8.02
CA LEU B 149 -26.94 -15.60 -8.30
C LEU B 149 -26.09 -15.97 -7.10
N VAL B 150 -24.90 -16.51 -7.36
CA VAL B 150 -23.88 -16.69 -6.34
C VAL B 150 -22.70 -15.77 -6.67
N LEU B 151 -22.15 -15.13 -5.64
CA LEU B 151 -21.03 -14.20 -5.78
C LEU B 151 -19.91 -14.66 -4.87
N TYR B 152 -18.73 -14.86 -5.43
CA TYR B 152 -17.60 -15.34 -4.64
C TYR B 152 -16.30 -14.75 -5.18
N PRO B 153 -15.28 -14.58 -4.34
CA PRO B 153 -14.02 -13.99 -4.80
C PRO B 153 -13.35 -14.82 -5.89
N GLY B 154 -12.67 -14.11 -6.80
CA GLY B 154 -11.97 -14.71 -7.91
C GLY B 154 -10.67 -15.39 -7.56
N THR B 155 -10.32 -15.43 -6.27
CA THR B 155 -9.08 -16.00 -5.79
C THR B 155 -9.15 -17.49 -5.53
N SER B 156 -10.30 -18.12 -5.73
CA SER B 156 -10.51 -19.51 -5.33
C SER B 156 -10.40 -20.45 -6.53
N LEU B 157 -9.93 -21.66 -6.27
CA LEU B 157 -10.05 -22.75 -7.22
C LEU B 157 -11.48 -23.25 -7.21
N HIS B 158 -12.08 -23.38 -8.39
CA HIS B 158 -13.46 -23.87 -8.46
C HIS B 158 -13.63 -24.79 -9.66
N LYS B 159 -14.69 -25.58 -9.60
CA LYS B 159 -15.02 -26.52 -10.66
C LYS B 159 -16.53 -26.70 -10.69
N VAL B 160 -17.00 -27.31 -11.78
CA VAL B 160 -18.38 -27.76 -11.90
C VAL B 160 -18.35 -29.28 -12.06
N ASN B 161 -19.06 -29.98 -11.18
CA ASN B 161 -19.11 -31.43 -11.24
C ASN B 161 -19.83 -31.86 -12.53
N PRO B 162 -19.53 -33.06 -13.03
CA PRO B 162 -20.23 -33.54 -14.23
C PRO B 162 -21.74 -33.58 -13.99
N VAL B 163 -22.48 -33.25 -15.04
CA VAL B 163 -23.93 -33.41 -15.06
C VAL B 163 -24.24 -34.78 -15.62
N THR B 164 -24.84 -35.64 -14.79
CA THR B 164 -25.09 -37.02 -15.14
C THR B 164 -26.52 -37.30 -15.57
N ARG B 165 -27.40 -36.31 -15.47
CA ARG B 165 -28.78 -36.43 -15.92
C ARG B 165 -29.30 -35.03 -16.22
N GLY B 166 -30.09 -34.91 -17.29
CA GLY B 166 -30.67 -33.62 -17.62
C GLY B 166 -29.62 -32.63 -18.11
N ALA B 167 -29.91 -31.35 -17.90
CA ALA B 167 -29.02 -30.29 -18.38
C ALA B 167 -29.04 -29.13 -17.39
N ARG B 168 -27.91 -28.44 -17.30
CA ARG B 168 -27.74 -27.29 -16.43
C ARG B 168 -27.39 -26.09 -17.30
N TYR B 169 -28.28 -25.11 -17.34
CA TYR B 169 -28.03 -23.85 -18.03
C TYR B 169 -27.75 -22.77 -17.01
N ALA B 170 -26.76 -21.93 -17.30
CA ALA B 170 -26.38 -20.87 -16.38
C ALA B 170 -25.66 -19.80 -17.16
N SER B 171 -25.52 -18.65 -16.51
CA SER B 171 -24.65 -17.59 -16.99
C SER B 171 -23.52 -17.40 -15.98
N PHE B 172 -22.34 -17.04 -16.48
CA PHE B 172 -21.24 -16.75 -15.57
C PHE B 172 -20.49 -15.53 -16.08
N PHE B 173 -19.89 -14.81 -15.13
CA PHE B 173 -19.18 -13.58 -15.46
C PHE B 173 -18.23 -13.27 -14.31
N TRP B 174 -17.39 -12.26 -14.55
CA TRP B 174 -16.51 -11.72 -13.52
C TRP B 174 -16.79 -10.23 -13.35
N THR B 175 -16.47 -9.73 -12.17
CA THR B 175 -16.61 -8.31 -11.85
C THR B 175 -15.27 -7.79 -11.36
N GLN B 176 -14.84 -6.67 -11.93
CA GLN B 176 -13.78 -5.88 -11.32
C GLN B 176 -14.43 -4.89 -10.37
N SER B 177 -14.10 -5.01 -9.09
CA SER B 177 -14.67 -4.13 -8.09
C SER B 177 -13.92 -2.81 -8.05
N LEU B 178 -14.61 -1.77 -7.57
CA LEU B 178 -13.93 -0.55 -7.17
C LEU B 178 -12.87 -0.85 -6.12
N VAL B 179 -13.13 -1.85 -5.27
CA VAL B 179 -12.27 -2.19 -4.14
C VAL B 179 -11.71 -3.59 -4.38
N ARG B 180 -10.40 -3.65 -4.58
CA ARG B 180 -9.74 -4.89 -4.99
C ARG B 180 -9.77 -5.96 -3.90
N GLU B 181 -9.49 -5.58 -2.67
CA GLU B 181 -9.26 -6.52 -1.57
C GLU B 181 -10.60 -6.93 -0.98
N ASP B 182 -10.86 -8.24 -0.90
CA ASP B 182 -12.15 -8.73 -0.42
C ASP B 182 -12.38 -8.34 1.04
N SER B 183 -11.33 -8.36 1.86
CA SER B 183 -11.50 -7.95 3.25
C SER B 183 -11.93 -6.50 3.36
N GLN B 184 -11.50 -5.66 2.42
CA GLN B 184 -11.96 -4.27 2.42
C GLN B 184 -13.41 -4.16 1.98
N ARG B 185 -13.81 -4.92 0.95
CA ARG B 185 -15.19 -4.88 0.49
C ARG B 185 -16.16 -5.32 1.57
N THR B 186 -15.83 -6.42 2.26
CA THR B 186 -16.71 -6.93 3.31
C THR B 186 -16.80 -5.95 4.48
N LEU B 187 -15.68 -5.28 4.81
CA LEU B 187 -15.71 -4.25 5.84
C LEU B 187 -16.67 -3.13 5.45
N LEU B 188 -16.60 -2.67 4.20
CA LEU B 188 -17.51 -1.63 3.74
C LEU B 188 -18.95 -2.13 3.72
N PHE B 189 -19.17 -3.36 3.26
CA PHE B 189 -20.51 -3.92 3.22
C PHE B 189 -21.11 -3.99 4.61
N GLU B 190 -20.37 -4.54 5.58
CA GLU B 190 -20.87 -4.64 6.94
C GLU B 190 -21.14 -3.26 7.53
N MET B 191 -20.24 -2.30 7.28
CA MET B 191 -20.43 -0.96 7.83
C MET B 191 -21.66 -0.30 7.23
N ASP B 192 -21.89 -0.47 5.93
CA ASP B 192 -23.08 0.11 5.30
C ASP B 192 -24.35 -0.48 5.88
N GLN B 193 -24.38 -1.80 6.10
CA GLN B 193 -25.53 -2.43 6.72
C GLN B 193 -25.80 -1.85 8.11
N SER B 194 -24.74 -1.58 8.87
CA SER B 194 -24.90 -0.95 10.18
C SER B 194 -25.49 0.45 10.05
N ILE B 195 -25.04 1.21 9.06
CA ILE B 195 -25.54 2.57 8.88
C ILE B 195 -27.00 2.54 8.41
N GLN B 196 -27.34 1.60 7.53
CA GLN B 196 -28.74 1.46 7.12
C GLN B 196 -29.63 1.12 8.30
N ARG B 197 -29.17 0.23 9.18
CA ARG B 197 -29.96 -0.14 10.35
C ARG B 197 -30.18 1.07 11.27
N LEU B 198 -29.15 1.89 11.47
CA LEU B 198 -29.29 3.04 12.33
C LEU B 198 -30.19 4.11 11.70
N THR B 199 -30.16 4.23 10.37
CA THR B 199 -31.02 5.20 9.71
C THR B 199 -32.49 4.87 9.93
N ARG B 200 -32.85 3.58 9.85
CA ARG B 200 -34.21 3.17 10.09
C ARG B 200 -34.63 3.42 11.55
N ASP B 201 -33.82 2.96 12.50
CA ASP B 201 -34.21 3.02 13.90
C ASP B 201 -34.14 4.44 14.43
N VAL B 202 -33.07 5.17 14.12
CA VAL B 202 -32.91 6.53 14.63
C VAL B 202 -32.44 7.44 13.50
N PRO B 203 -33.33 7.86 12.60
CA PRO B 203 -32.93 8.82 11.57
C PRO B 203 -32.71 10.21 12.17
N ASP B 204 -32.09 11.07 11.35
CA ASP B 204 -31.81 12.46 11.70
C ASP B 204 -30.83 12.59 12.86
N HIS B 205 -30.29 11.48 13.34
CA HIS B 205 -29.23 11.54 14.35
C HIS B 205 -27.98 12.14 13.72
N PRO B 206 -27.35 13.15 14.35
CA PRO B 206 -26.18 13.77 13.72
C PRO B 206 -25.02 12.83 13.46
N SER B 207 -24.88 11.73 14.21
CA SER B 207 -23.76 10.82 13.95
C SER B 207 -23.91 10.06 12.65
N LEU B 208 -25.12 10.01 12.08
CA LEU B 208 -25.32 9.24 10.84
C LEU B 208 -24.62 9.89 9.66
N ILE B 209 -24.69 11.22 9.54
CA ILE B 209 -24.02 11.91 8.45
C ILE B 209 -22.50 11.76 8.58
N ARG B 210 -21.99 11.74 9.80
CA ARG B 210 -20.56 11.61 10.01
C ARG B 210 -20.08 10.19 9.73
N LEU B 211 -20.87 9.18 10.12
CA LEU B 211 -20.52 7.80 9.78
C LEU B 211 -20.66 7.54 8.29
N THR B 212 -21.64 8.17 7.64
CA THR B 212 -21.71 8.12 6.19
C THR B 212 -20.48 8.76 5.57
N GLY B 213 -20.01 9.86 6.15
CA GLY B 213 -18.76 10.44 5.72
C GLY B 213 -17.57 9.50 5.93
N THR B 214 -17.56 8.78 7.04
CA THR B 214 -16.52 7.79 7.27
C THR B 214 -16.55 6.72 6.19
N TYR B 215 -17.74 6.21 5.88
CA TYR B 215 -17.90 5.18 4.86
C TYR B 215 -17.37 5.66 3.51
N HIS B 216 -17.72 6.89 3.14
CA HIS B 216 -17.32 7.40 1.83
C HIS B 216 -15.85 7.80 1.81
N ASN B 217 -15.28 8.20 2.95
CA ASN B 217 -13.86 8.46 2.99
C ASN B 217 -13.06 7.17 2.89
N LEU B 218 -13.58 6.06 3.44
CA LEU B 218 -12.96 4.77 3.19
C LEU B 218 -13.03 4.41 1.72
N LEU B 219 -14.19 4.65 1.09
CA LEU B 219 -14.32 4.41 -0.34
C LEU B 219 -13.36 5.29 -1.13
N ARG B 220 -13.17 6.54 -0.68
N ARG B 220 -13.17 6.54 -0.69
CA ARG B 220 -12.19 7.41 -1.31
CA ARG B 220 -12.19 7.41 -1.31
C ARG B 220 -10.78 6.84 -1.21
C ARG B 220 -10.78 6.84 -1.21
N ARG B 221 -10.44 6.26 -0.05
CA ARG B 221 -9.11 5.69 0.14
C ARG B 221 -8.88 4.45 -0.71
N TRP B 222 -9.92 3.65 -0.93
CA TRP B 222 -9.75 2.30 -1.44
C TRP B 222 -10.21 2.09 -2.87
N SER B 223 -11.01 2.99 -3.43
CA SER B 223 -11.59 2.77 -4.75
C SER B 223 -10.56 3.05 -5.84
N GLU B 224 -10.47 2.15 -6.81
CA GLU B 224 -9.64 2.32 -7.99
C GLU B 224 -10.54 2.36 -9.22
N LEU B 225 -10.40 3.43 -10.00
CA LEU B 225 -11.27 3.66 -11.16
C LEU B 225 -10.68 4.76 -12.03
N LEU C 1 -6.74 24.42 2.19
CA LEU C 1 -7.51 25.09 1.15
C LEU C 1 -6.60 25.93 0.27
N LEU C 2 -6.71 25.74 -1.04
CA LEU C 2 -5.96 26.53 -2.01
C LEU C 2 -6.90 27.51 -2.70
N HIS C 3 -6.54 28.79 -2.68
CA HIS C 3 -7.28 29.85 -3.32
C HIS C 3 -6.57 30.20 -4.64
N ILE C 4 -7.22 29.93 -5.76
CA ILE C 4 -6.68 30.21 -7.08
C ILE C 4 -7.48 31.36 -7.69
N PRO C 5 -6.94 32.57 -7.76
CA PRO C 5 -7.73 33.71 -8.20
C PRO C 5 -7.77 33.87 -9.71
N ALA C 6 -8.78 34.61 -10.15
CA ALA C 6 -8.88 35.11 -11.52
C ALA C 6 -8.77 33.99 -12.56
N ILE C 7 -9.58 32.95 -12.37
CA ILE C 7 -9.75 31.95 -13.43
C ILE C 7 -10.29 32.63 -14.69
N PHE C 8 -11.22 33.56 -14.50
CA PHE C 8 -11.75 34.39 -15.57
C PHE C 8 -11.48 35.85 -15.25
N THR C 9 -11.43 36.68 -16.29
CA THR C 9 -11.25 38.11 -16.07
C THR C 9 -12.54 38.73 -15.53
N ALA C 10 -12.44 40.00 -15.15
CA ALA C 10 -13.61 40.72 -14.66
C ALA C 10 -14.68 40.84 -15.74
N GLU C 11 -14.28 41.10 -16.99
CA GLU C 11 -15.25 41.17 -18.07
C GLU C 11 -15.89 39.82 -18.34
N GLU C 12 -15.10 38.74 -18.34
CA GLU C 12 -15.66 37.41 -18.56
C GLU C 12 -16.64 37.03 -17.46
N VAL C 13 -16.30 37.34 -16.21
CA VAL C 13 -17.20 37.06 -15.09
C VAL C 13 -18.51 37.80 -15.26
N SER C 14 -18.45 39.06 -15.71
CA SER C 14 -19.67 39.83 -15.92
C SER C 14 -20.56 39.18 -16.98
N ARG C 15 -19.96 38.73 -18.08
CA ARG C 15 -20.75 38.06 -19.13
C ARG C 15 -21.37 36.77 -18.60
N ILE C 16 -20.57 35.96 -17.90
CA ILE C 16 -21.06 34.69 -17.39
C ILE C 16 -22.18 34.91 -16.38
N ARG C 17 -22.01 35.87 -15.47
CA ARG C 17 -23.03 36.12 -14.46
C ARG C 17 -24.31 36.62 -15.10
N ALA C 18 -24.21 37.44 -16.15
CA ALA C 18 -25.40 37.92 -16.82
C ALA C 18 -26.22 36.78 -17.42
N ALA C 19 -25.53 35.81 -18.05
CA ALA C 19 -26.22 34.64 -18.57
C ALA C 19 -26.83 33.82 -17.44
N LEU C 20 -26.10 33.65 -16.33
CA LEU C 20 -26.64 32.93 -15.19
C LEU C 20 -27.86 33.63 -14.62
N GLU C 21 -27.81 34.96 -14.54
CA GLU C 21 -28.95 35.72 -14.04
C GLU C 21 -30.18 35.53 -14.92
N GLN C 22 -30.01 35.30 -16.21
CA GLN C 22 -31.11 35.15 -17.14
C GLN C 22 -31.46 33.70 -17.45
N ALA C 23 -30.78 32.74 -16.83
CA ALA C 23 -31.03 31.35 -17.16
C ALA C 23 -32.29 30.84 -16.45
N GLU C 24 -32.83 29.73 -16.97
CA GLU C 24 -33.97 29.06 -16.38
C GLU C 24 -33.46 28.02 -15.38
N TRP C 25 -33.70 28.26 -14.10
CA TRP C 25 -33.15 27.44 -13.03
C TRP C 25 -34.12 26.35 -12.61
N ALA C 26 -33.56 25.21 -12.21
CA ALA C 26 -34.32 24.07 -11.74
C ALA C 26 -33.94 23.76 -10.30
N ASP C 27 -34.79 22.98 -9.64
CA ASP C 27 -34.54 22.58 -8.26
C ASP C 27 -33.26 21.77 -8.17
N GLY C 28 -32.45 22.08 -7.16
CA GLY C 28 -31.14 21.46 -7.03
C GLY C 28 -31.17 19.99 -6.62
N LYS C 29 -32.25 19.55 -5.98
CA LYS C 29 -32.31 18.20 -5.40
C LYS C 29 -32.09 17.09 -6.43
N ALA C 30 -32.07 17.41 -7.73
CA ALA C 30 -31.94 16.38 -8.75
C ALA C 30 -30.60 15.64 -8.63
N THR C 31 -29.50 16.38 -8.53
CA THR C 31 -28.19 15.75 -8.49
C THR C 31 -27.89 15.11 -7.14
N ALA C 32 -28.60 15.50 -6.09
CA ALA C 32 -28.37 14.91 -4.77
C ALA C 32 -29.12 13.60 -4.64
N GLY C 33 -28.39 12.54 -4.26
CA GLY C 33 -29.04 11.28 -3.97
C GLY C 33 -29.95 11.39 -2.77
N TYR C 34 -30.81 10.38 -2.61
CA TYR C 34 -31.80 10.43 -1.53
C TYR C 34 -31.10 10.24 -0.19
N GLN C 35 -30.63 11.34 0.38
CA GLN C 35 -29.82 11.38 1.59
C GLN C 35 -29.41 12.82 1.87
N SER C 36 -28.43 13.31 1.10
CA SER C 36 -28.08 14.73 1.15
C SER C 36 -29.16 15.61 0.52
N ALA C 37 -30.15 15.00 -0.15
CA ALA C 37 -31.25 15.79 -0.70
C ALA C 37 -32.04 16.49 0.39
N LYS C 38 -32.11 15.89 1.59
CA LYS C 38 -32.76 16.57 2.71
C LYS C 38 -32.02 17.83 3.13
N ALA C 39 -30.75 17.96 2.75
CA ALA C 39 -29.93 19.10 3.13
C ALA C 39 -29.81 20.14 2.03
N LYS C 40 -30.26 19.84 0.81
CA LYS C 40 -30.02 20.69 -0.35
C LYS C 40 -31.28 21.47 -0.68
N HIS C 41 -31.19 22.79 -0.61
CA HIS C 41 -32.32 23.70 -0.82
C HIS C 41 -31.92 24.86 -1.71
N ASN C 42 -31.33 24.56 -2.87
CA ASN C 42 -30.90 25.60 -3.79
C ASN C 42 -31.46 25.40 -5.19
N LEU C 43 -30.95 26.17 -6.14
CA LEU C 43 -31.29 26.03 -7.55
C LEU C 43 -30.05 25.58 -8.32
N GLN C 44 -30.27 24.72 -9.32
CA GLN C 44 -29.19 24.26 -10.18
C GLN C 44 -29.63 24.29 -11.63
N LEU C 45 -28.67 24.49 -12.53
CA LEU C 45 -28.95 24.25 -13.94
C LEU C 45 -28.94 22.75 -14.21
N PRO C 46 -29.74 22.29 -15.17
CA PRO C 46 -29.60 20.89 -15.62
C PRO C 46 -28.18 20.68 -16.14
N GLN C 47 -27.71 19.43 -15.98
N GLN C 47 -27.71 19.43 -16.00
CA GLN C 47 -26.31 19.14 -16.26
CA GLN C 47 -26.30 19.13 -16.25
C GLN C 47 -25.92 19.51 -17.69
C GLN C 47 -25.91 19.45 -17.69
N ASP C 48 -26.80 19.21 -18.64
CA ASP C 48 -26.52 19.46 -20.05
C ASP C 48 -27.24 20.71 -20.58
N HIS C 49 -27.57 21.63 -19.70
CA HIS C 49 -27.98 22.97 -20.13
C HIS C 49 -26.86 23.58 -20.96
N PRO C 50 -27.18 24.23 -22.08
CA PRO C 50 -26.12 24.73 -22.97
C PRO C 50 -25.18 25.71 -22.28
N LEU C 51 -25.68 26.48 -21.31
CA LEU C 51 -24.81 27.39 -20.57
C LEU C 51 -23.86 26.61 -19.65
N ALA C 52 -24.38 25.56 -18.99
CA ALA C 52 -23.53 24.74 -18.14
C ALA C 52 -22.47 24.00 -18.95
N ARG C 53 -22.85 23.49 -20.13
CA ARG C 53 -21.87 22.80 -20.97
C ARG C 53 -20.84 23.78 -21.51
N GLU C 54 -21.26 24.99 -21.88
CA GLU C 54 -20.32 25.96 -22.46
C GLU C 54 -19.33 26.46 -21.41
N ILE C 55 -19.82 26.93 -20.26
CA ILE C 55 -18.91 27.46 -19.25
C ILE C 55 -18.12 26.35 -18.58
N GLY C 56 -18.71 25.16 -18.44
CA GLY C 56 -17.95 24.04 -17.93
C GLY C 56 -16.77 23.71 -18.81
N GLU C 57 -16.97 23.72 -20.13
CA GLU C 57 -15.86 23.53 -21.06
C GLU C 57 -14.86 24.66 -20.96
N ALA C 58 -15.34 25.90 -20.85
CA ALA C 58 -14.43 27.04 -20.71
C ALA C 58 -13.62 26.95 -19.43
N MET C 59 -14.26 26.59 -18.31
CA MET C 59 -13.48 26.34 -17.09
C MET C 59 -12.49 25.22 -17.30
N LEU C 60 -12.90 24.17 -18.00
CA LEU C 60 -12.06 23.00 -18.20
C LEU C 60 -10.74 23.39 -18.86
N GLN C 61 -10.82 24.20 -19.92
CA GLN C 61 -9.62 24.61 -20.64
C GLN C 61 -8.77 25.57 -19.83
N ARG C 62 -9.39 26.50 -19.11
CA ARG C 62 -8.61 27.41 -18.27
C ARG C 62 -7.87 26.66 -17.18
N LEU C 63 -8.51 25.67 -16.55
CA LEU C 63 -7.87 24.93 -15.46
C LEU C 63 -6.72 24.06 -15.96
N TRP C 64 -6.90 23.37 -17.09
N TRP C 64 -6.92 23.40 -17.10
CA TRP C 64 -5.82 22.53 -17.59
CA TRP C 64 -5.89 22.55 -17.69
C TRP C 64 -4.62 23.34 -18.04
C TRP C 64 -4.65 23.34 -18.08
N ASN C 65 -4.79 24.65 -18.30
CA ASN C 65 -3.68 25.52 -18.65
C ASN C 65 -3.26 26.43 -17.51
N HIS C 66 -3.71 26.12 -16.28
CA HIS C 66 -3.35 26.93 -15.12
C HIS C 66 -2.27 26.19 -14.34
N PRO C 67 -1.05 26.73 -14.26
CA PRO C 67 0.03 25.99 -13.56
C PRO C 67 -0.26 25.70 -12.10
N LEU C 68 -0.93 26.62 -11.39
CA LEU C 68 -1.22 26.37 -9.98
C LEU C 68 -2.21 25.22 -9.81
N PHE C 69 -3.25 25.17 -10.64
CA PHE C 69 -4.20 24.08 -10.55
C PHE C 69 -3.58 22.74 -10.96
N MET C 70 -2.78 22.75 -12.03
CA MET C 70 -2.17 21.51 -12.49
C MET C 70 -1.23 20.92 -11.44
N SER C 71 -0.43 21.76 -10.78
CA SER C 71 0.52 21.25 -9.81
C SER C 71 -0.19 20.79 -8.52
N ALA C 72 -1.14 21.58 -8.03
CA ALA C 72 -1.76 21.26 -6.74
C ALA C 72 -2.75 20.10 -6.84
N ALA C 73 -3.49 20.02 -7.95
CA ALA C 73 -4.53 19.02 -8.10
C ALA C 73 -4.08 17.76 -8.84
N LEU C 74 -3.06 17.87 -9.68
CA LEU C 74 -2.58 16.78 -10.53
C LEU C 74 -3.77 16.08 -11.20
N PRO C 75 -4.60 16.80 -11.95
CA PRO C 75 -5.90 16.26 -12.34
C PRO C 75 -5.78 15.10 -13.32
N LEU C 76 -6.62 14.10 -13.10
CA LEU C 76 -6.86 13.04 -14.07
C LEU C 76 -8.25 13.17 -14.70
N LYS C 77 -9.27 13.37 -13.88
CA LYS C 77 -10.64 13.57 -14.34
C LYS C 77 -11.23 14.80 -13.67
N VAL C 78 -11.95 15.60 -14.44
CA VAL C 78 -12.72 16.71 -13.91
C VAL C 78 -14.18 16.42 -14.19
N PHE C 79 -14.98 16.30 -13.14
CA PHE C 79 -16.41 16.14 -13.32
C PHE C 79 -16.96 17.35 -14.05
N PRO C 80 -17.84 17.17 -15.03
CA PRO C 80 -18.40 18.31 -15.76
C PRO C 80 -19.02 19.31 -14.80
N PRO C 81 -18.51 20.54 -14.76
CA PRO C 81 -18.91 21.47 -13.69
C PRO C 81 -20.41 21.71 -13.68
N LEU C 82 -20.94 21.77 -12.46
CA LEU C 82 -22.34 22.07 -12.19
C LEU C 82 -22.44 23.53 -11.78
N PHE C 83 -23.63 24.10 -11.95
CA PHE C 83 -23.85 25.51 -11.68
C PHE C 83 -25.05 25.65 -10.77
N ASN C 84 -24.90 26.42 -9.69
CA ASN C 84 -25.99 26.59 -8.74
C ASN C 84 -26.22 28.06 -8.44
N CYS C 85 -27.33 28.32 -7.77
CA CYS C 85 -27.72 29.67 -7.34
C CYS C 85 -28.38 29.55 -5.98
N TYR C 86 -27.84 30.27 -5.00
CA TYR C 86 -28.45 30.36 -3.68
C TYR C 86 -29.08 31.74 -3.55
N THR C 87 -30.39 31.77 -3.31
CA THR C 87 -31.11 33.02 -3.19
C THR C 87 -32.39 32.75 -2.42
N GLY C 88 -32.96 33.81 -1.85
CA GLY C 88 -34.22 33.71 -1.13
C GLY C 88 -34.18 32.72 0.02
N GLY C 89 -33.07 32.68 0.76
CA GLY C 89 -32.91 31.72 1.84
C GLY C 89 -32.32 30.39 1.43
N GLY C 90 -31.99 30.20 0.15
CA GLY C 90 -31.44 28.93 -0.28
C GLY C 90 -30.14 28.60 0.42
N SER C 91 -29.90 27.31 0.61
CA SER C 91 -28.75 26.84 1.37
C SER C 91 -28.47 25.39 1.03
N PHE C 92 -27.38 24.89 1.59
CA PHE C 92 -27.01 23.47 1.49
C PHE C 92 -26.41 23.11 2.84
N ASP C 93 -27.17 22.39 3.66
CA ASP C 93 -26.69 22.03 4.99
C ASP C 93 -25.54 21.02 4.90
N PHE C 94 -24.98 20.69 6.06
CA PHE C 94 -23.77 19.87 6.11
C PHE C 94 -23.98 18.54 5.42
N HIS C 95 -23.04 18.18 4.56
CA HIS C 95 -23.09 16.94 3.82
C HIS C 95 -21.67 16.53 3.47
N ILE C 96 -21.49 15.25 3.16
CA ILE C 96 -20.25 14.72 2.62
C ILE C 96 -20.53 14.34 1.17
N ASP C 97 -19.56 14.58 0.30
CA ASP C 97 -19.71 14.18 -1.09
C ASP C 97 -19.49 12.69 -1.25
N ASN C 98 -20.27 12.08 -2.14
N ASN C 98 -20.27 12.08 -2.15
CA ASN C 98 -20.08 10.67 -2.45
CA ASN C 98 -20.08 10.67 -2.48
C ASN C 98 -18.69 10.44 -3.03
C ASN C 98 -18.67 10.45 -3.02
N ALA C 99 -18.08 9.31 -2.67
CA ALA C 99 -16.71 9.03 -3.10
C ALA C 99 -16.60 8.94 -4.61
N VAL C 100 -17.63 8.39 -5.28
CA VAL C 100 -17.63 8.21 -6.72
C VAL C 100 -18.88 8.88 -7.30
N ARG C 101 -18.70 9.84 -8.21
CA ARG C 101 -19.79 10.54 -8.86
C ARG C 101 -19.84 10.13 -10.33
N ASP C 102 -21.00 9.64 -10.78
CA ASP C 102 -21.16 9.14 -12.13
C ASP C 102 -21.53 10.26 -13.10
N VAL C 103 -20.97 10.19 -14.30
CA VAL C 103 -21.27 11.13 -15.38
C VAL C 103 -22.22 10.45 -16.37
N HIS C 104 -23.41 11.04 -16.56
CA HIS C 104 -24.39 10.53 -17.53
C HIS C 104 -24.66 9.03 -17.37
N GLY C 105 -24.89 8.61 -16.13
CA GLY C 105 -25.19 7.21 -15.91
C GLY C 105 -24.04 6.25 -16.01
N GLY C 106 -22.81 6.72 -15.80
CA GLY C 106 -21.68 5.83 -15.60
C GLY C 106 -20.74 5.61 -16.76
N ARG C 107 -20.90 6.33 -17.87
CA ARG C 107 -19.87 6.30 -18.91
C ARG C 107 -18.51 6.64 -18.33
N GLU C 108 -18.45 7.73 -17.56
CA GLU C 108 -17.29 8.06 -16.76
C GLU C 108 -17.73 8.18 -15.30
N ARG C 109 -16.81 7.84 -14.40
CA ARG C 109 -17.04 7.95 -12.96
C ARG C 109 -15.84 8.61 -12.32
N VAL C 110 -16.08 9.61 -11.50
CA VAL C 110 -15.01 10.45 -10.94
C VAL C 110 -14.90 10.15 -9.46
N ARG C 111 -13.72 9.72 -9.02
CA ARG C 111 -13.45 9.64 -7.60
C ARG C 111 -13.22 11.05 -7.07
N THR C 112 -13.98 11.45 -6.05
CA THR C 112 -14.02 12.85 -5.63
C THR C 112 -12.89 13.13 -4.63
N ASP C 113 -11.66 13.09 -5.15
CA ASP C 113 -10.49 13.41 -4.33
C ASP C 113 -10.50 14.86 -3.88
N LEU C 114 -10.86 15.78 -4.78
CA LEU C 114 -10.82 17.20 -4.51
C LEU C 114 -12.17 17.81 -4.89
N SER C 115 -12.60 18.79 -4.11
CA SER C 115 -13.80 19.55 -4.39
C SER C 115 -13.41 20.99 -4.71
N SER C 116 -14.23 21.67 -5.51
CA SER C 116 -13.92 23.03 -5.92
C SER C 116 -15.20 23.84 -6.09
N THR C 117 -15.12 25.12 -5.74
CA THR C 117 -16.14 26.10 -6.04
C THR C 117 -15.49 27.27 -6.75
N LEU C 118 -16.04 27.65 -7.90
CA LEU C 118 -15.63 28.86 -8.60
C LEU C 118 -16.73 29.90 -8.42
N PHE C 119 -16.39 31.01 -7.79
CA PHE C 119 -17.37 32.04 -7.47
C PHE C 119 -17.64 32.93 -8.68
N PHE C 120 -18.91 33.13 -8.99
CA PHE C 120 -19.29 34.04 -10.07
C PHE C 120 -20.05 35.26 -9.57
N SER C 121 -20.29 35.36 -8.27
CA SER C 121 -20.92 36.53 -7.65
C SER C 121 -19.90 37.25 -6.77
N ASP C 122 -19.97 38.57 -6.78
CA ASP C 122 -19.18 39.37 -5.87
C ASP C 122 -19.65 39.10 -4.43
N PRO C 123 -18.73 39.00 -3.46
CA PRO C 123 -19.17 38.81 -2.07
C PRO C 123 -20.09 39.92 -1.57
N GLU C 124 -19.96 41.13 -2.11
CA GLU C 124 -20.81 42.24 -1.70
C GLU C 124 -22.23 42.12 -2.24
N ASP C 125 -22.45 41.25 -3.24
CA ASP C 125 -23.76 41.13 -3.88
C ASP C 125 -24.67 40.12 -3.20
N TYR C 126 -24.23 39.48 -2.11
CA TYR C 126 -25.12 38.59 -1.38
C TYR C 126 -24.68 38.51 0.07
N ASP C 127 -25.65 38.24 0.94
CA ASP C 127 -25.43 38.10 2.37
C ASP C 127 -25.54 36.63 2.73
N GLY C 128 -24.72 36.19 3.69
CA GLY C 128 -24.64 34.77 3.98
C GLY C 128 -23.93 34.03 2.85
N GLY C 129 -24.36 32.80 2.61
CA GLY C 129 -23.84 32.04 1.49
C GLY C 129 -22.40 31.61 1.61
N GLU C 130 -21.82 31.64 2.81
CA GLU C 130 -20.44 31.20 2.97
C GLU C 130 -20.33 29.69 2.76
N LEU C 131 -19.26 29.29 2.08
CA LEU C 131 -18.91 27.88 2.01
C LEU C 131 -18.16 27.53 3.29
N VAL C 132 -18.78 26.70 4.13
CA VAL C 132 -18.24 26.33 5.43
C VAL C 132 -17.70 24.92 5.34
N ILE C 133 -16.43 24.75 5.68
CA ILE C 133 -15.73 23.47 5.58
C ILE C 133 -15.29 23.05 6.98
N GLN C 134 -15.79 21.90 7.45
CA GLN C 134 -15.48 21.41 8.79
C GLN C 134 -14.48 20.28 8.70
N ASP C 135 -13.31 20.48 9.29
CA ASP C 135 -12.31 19.42 9.39
C ASP C 135 -12.49 18.67 10.71
N THR C 136 -11.52 17.81 11.02
CA THR C 136 -11.51 17.13 12.31
C THR C 136 -11.39 18.11 13.46
N TYR C 137 -10.59 19.17 13.28
CA TYR C 137 -10.21 20.05 14.37
C TYR C 137 -10.63 21.50 14.19
N GLY C 138 -11.36 21.84 13.14
CA GLY C 138 -11.80 23.22 12.98
C GLY C 138 -12.70 23.41 11.78
N LEU C 139 -13.20 24.65 11.65
CA LEU C 139 -14.04 25.07 10.54
C LEU C 139 -13.40 26.24 9.81
N GLN C 140 -13.63 26.28 8.49
CA GLN C 140 -13.17 27.39 7.66
C GLN C 140 -14.35 27.91 6.85
N GLN C 141 -14.48 29.24 6.80
CA GLN C 141 -15.49 29.90 5.99
C GLN C 141 -14.82 30.55 4.78
N VAL C 142 -15.37 30.30 3.60
CA VAL C 142 -14.82 30.80 2.34
C VAL C 142 -15.88 31.61 1.62
N LYS C 143 -15.51 32.83 1.22
CA LYS C 143 -16.38 33.67 0.40
C LYS C 143 -15.46 34.56 -0.42
N LEU C 144 -15.19 34.14 -1.66
CA LEU C 144 -14.11 34.70 -2.47
C LEU C 144 -14.64 35.67 -3.52
N PRO C 145 -13.77 36.53 -4.06
CA PRO C 145 -14.19 37.41 -5.15
C PRO C 145 -14.63 36.60 -6.37
N ALA C 146 -15.54 37.20 -7.14
CA ALA C 146 -16.03 36.56 -8.35
C ALA C 146 -14.88 36.28 -9.31
N GLY C 147 -14.88 35.07 -9.89
CA GLY C 147 -13.80 34.63 -10.74
C GLY C 147 -12.74 33.79 -10.05
N ASP C 148 -12.74 33.75 -8.72
CA ASP C 148 -11.76 32.99 -7.97
C ASP C 148 -12.26 31.59 -7.65
N LEU C 149 -11.33 30.66 -7.54
CA LEU C 149 -11.61 29.26 -7.25
C LEU C 149 -11.07 28.89 -5.88
N VAL C 150 -11.79 28.03 -5.18
CA VAL C 150 -11.28 27.38 -3.97
C VAL C 150 -11.15 25.89 -4.26
N LEU C 151 -10.06 25.29 -3.77
CA LEU C 151 -9.78 23.88 -3.95
C LEU C 151 -9.54 23.26 -2.57
N TYR C 152 -10.24 22.18 -2.27
CA TYR C 152 -10.12 21.57 -0.96
C TYR C 152 -10.39 20.07 -1.08
N PRO C 153 -9.88 19.27 -0.15
CA PRO C 153 -10.06 17.81 -0.26
C PRO C 153 -11.52 17.39 -0.14
N GLY C 154 -11.86 16.32 -0.84
CA GLY C 154 -13.20 15.78 -0.81
C GLY C 154 -13.57 15.04 0.44
N THR C 155 -12.65 14.97 1.41
CA THR C 155 -12.86 14.20 2.64
C THR C 155 -13.56 15.00 3.73
N SER C 156 -13.89 16.27 3.50
CA SER C 156 -14.42 17.14 4.53
C SER C 156 -15.93 17.24 4.44
N LEU C 157 -16.56 17.46 5.59
CA LEU C 157 -17.97 17.82 5.64
C LEU C 157 -18.08 19.33 5.39
N HIS C 158 -18.97 19.71 4.48
CA HIS C 158 -19.09 21.12 4.12
C HIS C 158 -20.54 21.48 3.86
N LYS C 159 -20.79 22.78 3.86
CA LYS C 159 -22.13 23.32 3.70
C LYS C 159 -22.03 24.73 3.11
N VAL C 160 -23.16 25.22 2.62
CA VAL C 160 -23.30 26.62 2.21
C VAL C 160 -24.36 27.24 3.10
N ASN C 161 -24.00 28.33 3.78
CA ASN C 161 -24.95 29.01 4.65
C ASN C 161 -26.08 29.63 3.83
N PRO C 162 -27.25 29.82 4.43
CA PRO C 162 -28.36 30.44 3.68
C PRO C 162 -27.96 31.81 3.16
N VAL C 163 -28.44 32.12 1.96
CA VAL C 163 -28.31 33.45 1.40
C VAL C 163 -29.54 34.26 1.79
N THR C 164 -29.35 35.31 2.59
CA THR C 164 -30.45 36.09 3.13
C THR C 164 -30.69 37.39 2.38
N ARG C 165 -29.85 37.72 1.41
CA ARG C 165 -30.04 38.90 0.58
C ARG C 165 -29.30 38.68 -0.73
N GLY C 166 -29.90 39.13 -1.83
CA GLY C 166 -29.24 39.01 -3.11
C GLY C 166 -29.18 37.57 -3.60
N ALA C 167 -28.16 37.28 -4.41
CA ALA C 167 -28.03 35.96 -5.01
C ALA C 167 -26.56 35.60 -5.16
N ARG C 168 -26.26 34.32 -5.00
CA ARG C 168 -24.91 33.78 -5.12
C ARG C 168 -24.90 32.80 -6.28
N TYR C 169 -24.16 33.14 -7.33
CA TYR C 169 -23.97 32.26 -8.47
C TYR C 169 -22.57 31.66 -8.40
N ALA C 170 -22.47 30.37 -8.68
CA ALA C 170 -21.18 29.70 -8.62
C ALA C 170 -21.25 28.44 -9.44
N SER C 171 -20.06 27.90 -9.73
CA SER C 171 -19.92 26.57 -10.29
C SER C 171 -19.16 25.71 -9.30
N PHE C 172 -19.51 24.43 -9.25
CA PHE C 172 -18.80 23.50 -8.40
C PHE C 172 -18.54 22.23 -9.16
N PHE C 173 -17.49 21.52 -8.77
CA PHE C 173 -17.11 20.29 -9.44
C PHE C 173 -16.18 19.51 -8.52
N TRP C 174 -15.85 18.30 -8.96
CA TRP C 174 -14.88 17.47 -8.27
C TRP C 174 -13.81 17.05 -9.26
N THR C 175 -12.64 16.73 -8.73
CA THR C 175 -11.50 16.29 -9.52
C THR C 175 -11.00 14.97 -8.94
N GLN C 176 -10.82 13.98 -9.81
CA GLN C 176 -10.04 12.81 -9.45
C GLN C 176 -8.59 13.10 -9.80
N SER C 177 -7.73 13.06 -8.79
CA SER C 177 -6.34 13.37 -9.02
C SER C 177 -5.59 12.12 -9.50
N LEU C 178 -4.47 12.36 -10.17
CA LEU C 178 -3.51 11.27 -10.39
C LEU C 178 -3.08 10.67 -9.06
N VAL C 179 -2.98 11.49 -8.03
CA VAL C 179 -2.48 11.08 -6.72
C VAL C 179 -3.62 11.19 -5.73
N ARG C 180 -4.01 10.04 -5.17
CA ARG C 180 -5.22 9.98 -4.35
C ARG C 180 -5.02 10.64 -2.98
N GLU C 181 -3.89 10.38 -2.32
CA GLU C 181 -3.67 10.87 -0.97
C GLU C 181 -3.31 12.35 -0.99
N ASP C 182 -4.01 13.14 -0.17
CA ASP C 182 -3.73 14.57 -0.10
C ASP C 182 -2.32 14.84 0.41
N SER C 183 -1.86 14.06 1.38
CA SER C 183 -0.50 14.26 1.90
C SER C 183 0.54 14.01 0.81
N GLN C 184 0.27 13.07 -0.10
CA GLN C 184 1.20 12.85 -1.21
C GLN C 184 1.13 14.00 -2.20
N ARG C 185 -0.06 14.55 -2.46
CA ARG C 185 -0.18 15.67 -3.39
C ARG C 185 0.53 16.91 -2.87
N THR C 186 0.37 17.21 -1.58
CA THR C 186 1.03 18.40 -1.02
C THR C 186 2.54 18.25 -1.02
N LEU C 187 3.03 17.04 -0.73
CA LEU C 187 4.46 16.79 -0.78
C LEU C 187 5.02 17.06 -2.17
N LEU C 188 4.34 16.55 -3.20
CA LEU C 188 4.76 16.81 -4.57
C LEU C 188 4.67 18.30 -4.91
N PHE C 189 3.58 18.95 -4.50
CA PHE C 189 3.42 20.38 -4.77
C PHE C 189 4.54 21.18 -4.15
N GLU C 190 4.82 20.94 -2.86
CA GLU C 190 5.90 21.66 -2.19
C GLU C 190 7.25 21.38 -2.84
N MET C 191 7.50 20.11 -3.19
CA MET C 191 8.78 19.77 -3.81
C MET C 191 8.92 20.43 -5.18
N ASP C 192 7.83 20.49 -5.95
CA ASP C 192 7.87 21.17 -7.24
C ASP C 192 8.19 22.65 -7.08
N GLN C 193 7.59 23.31 -6.10
CA GLN C 193 7.88 24.73 -5.87
C GLN C 193 9.35 24.93 -5.51
N SER C 194 9.92 24.01 -4.73
CA SER C 194 11.34 24.11 -4.41
C SER C 194 12.21 23.95 -5.65
N ILE C 195 11.85 23.00 -6.52
CA ILE C 195 12.62 22.80 -7.75
C ILE C 195 12.49 24.00 -8.68
N GLN C 196 11.28 24.58 -8.75
CA GLN C 196 11.08 25.78 -9.56
C GLN C 196 11.92 26.94 -9.03
N ARG C 197 11.95 27.12 -7.72
CA ARG C 197 12.75 28.18 -7.13
C ARG C 197 14.24 27.99 -7.41
N LEU C 198 14.71 26.73 -7.33
CA LEU C 198 16.12 26.47 -7.60
C LEU C 198 16.46 26.67 -9.07
N THR C 199 15.53 26.34 -9.98
CA THR C 199 15.79 26.54 -11.40
C THR C 199 15.98 28.02 -11.72
N ARG C 200 15.19 28.89 -11.09
CA ARG C 200 15.33 30.33 -11.31
C ARG C 200 16.66 30.83 -10.77
N ASP C 201 16.98 30.50 -9.52
CA ASP C 201 18.17 31.05 -8.89
C ASP C 201 19.45 30.45 -9.47
N VAL C 202 19.49 29.13 -9.62
CA VAL C 202 20.69 28.47 -10.12
C VAL C 202 20.31 27.46 -11.20
N PRO C 203 20.04 27.90 -12.42
CA PRO C 203 19.79 26.95 -13.52
C PRO C 203 21.07 26.25 -13.92
N ASP C 204 20.91 25.18 -14.69
CA ASP C 204 21.98 24.35 -15.23
C ASP C 204 22.75 23.59 -14.14
N HIS C 205 22.33 23.68 -12.88
CA HIS C 205 22.96 22.90 -11.84
C HIS C 205 22.64 21.42 -12.06
N PRO C 206 23.64 20.53 -11.98
CA PRO C 206 23.38 19.11 -12.27
C PRO C 206 22.43 18.44 -11.29
N SER C 207 22.19 19.02 -10.11
CA SER C 207 21.25 18.41 -9.18
C SER C 207 19.79 18.68 -9.53
N LEU C 208 19.52 19.64 -10.42
CA LEU C 208 18.14 19.95 -10.77
C LEU C 208 17.51 18.84 -11.59
N ILE C 209 18.25 18.30 -12.56
CA ILE C 209 17.74 17.19 -13.36
C ILE C 209 17.47 15.97 -12.48
N ARG C 210 18.32 15.75 -11.47
CA ARG C 210 18.15 14.59 -10.61
C ARG C 210 16.98 14.77 -9.65
N LEU C 211 16.80 15.98 -9.11
CA LEU C 211 15.64 16.23 -8.27
C LEU C 211 14.34 16.18 -9.09
N THR C 212 14.40 16.68 -10.32
CA THR C 212 13.27 16.51 -11.22
C THR C 212 13.01 15.03 -11.49
N GLY C 213 14.08 14.25 -11.64
CA GLY C 213 13.93 12.80 -11.70
C GLY C 213 13.31 12.23 -10.45
N THR C 214 13.70 12.73 -9.28
CA THR C 214 13.08 12.29 -8.02
C THR C 214 11.60 12.61 -8.01
N TYR C 215 11.24 13.83 -8.40
CA TYR C 215 9.84 14.22 -8.46
C TYR C 215 9.04 13.29 -9.35
N HIS C 216 9.58 12.99 -10.53
CA HIS C 216 8.84 12.16 -11.48
C HIS C 216 8.84 10.69 -11.09
N ASN C 217 9.87 10.22 -10.37
CA ASN C 217 9.81 8.86 -9.86
C ASN C 217 8.79 8.74 -8.73
N LEU C 218 8.62 9.79 -7.92
CA LEU C 218 7.53 9.78 -6.94
C LEU C 218 6.17 9.75 -7.64
N LEU C 219 6.02 10.56 -8.70
CA LEU C 219 4.78 10.55 -9.47
C LEU C 219 4.55 9.18 -10.11
N ARG C 220 5.64 8.56 -10.58
N ARG C 220 5.63 8.56 -10.59
CA ARG C 220 5.55 7.21 -11.12
CA ARG C 220 5.54 7.20 -11.12
C ARG C 220 5.10 6.22 -10.05
C ARG C 220 5.08 6.22 -10.03
N ARG C 221 5.56 6.40 -8.80
CA ARG C 221 5.15 5.51 -7.72
C ARG C 221 3.69 5.69 -7.34
N TRP C 222 3.18 6.92 -7.41
CA TRP C 222 1.91 7.26 -6.78
C TRP C 222 0.75 7.50 -7.74
N SER C 223 1.02 7.73 -9.02
CA SER C 223 -0.04 8.09 -9.96
C SER C 223 -0.88 6.88 -10.34
N GLU C 224 -2.19 7.05 -10.33
CA GLU C 224 -3.13 6.04 -10.80
C GLU C 224 -3.87 6.61 -12.00
N LEU C 225 -3.83 5.89 -13.11
CA LEU C 225 -4.45 6.32 -14.36
C LEU C 225 -4.54 5.15 -15.32
N LEU D 1 -4.52 20.79 13.61
CA LEU D 1 -4.06 21.23 14.92
C LEU D 1 -5.08 20.95 16.00
N LEU D 2 -4.78 19.99 16.88
CA LEU D 2 -5.66 19.64 17.98
C LEU D 2 -5.16 20.29 19.26
N HIS D 3 -6.08 20.96 19.96
CA HIS D 3 -5.79 21.63 21.22
C HIS D 3 -6.37 20.80 22.36
N ILE D 4 -5.49 20.30 23.22
CA ILE D 4 -5.91 19.49 24.36
C ILE D 4 -5.66 20.29 25.62
N PRO D 5 -6.69 20.87 26.24
CA PRO D 5 -6.48 21.81 27.34
C PRO D 5 -6.28 21.11 28.67
N ALA D 6 -5.59 21.81 29.56
CA ALA D 6 -5.51 21.47 30.98
C ALA D 6 -4.93 20.06 31.20
N ILE D 7 -3.77 19.81 30.61
CA ILE D 7 -3.03 18.59 30.94
C ILE D 7 -2.69 18.60 32.42
N PHE D 8 -2.30 19.75 32.94
CA PHE D 8 -2.09 19.97 34.36
C PHE D 8 -3.06 21.03 34.87
N THR D 9 -3.33 20.99 36.16
CA THR D 9 -4.16 22.03 36.76
C THR D 9 -3.39 23.35 36.85
N ALA D 10 -4.12 24.43 37.11
CA ALA D 10 -3.48 25.74 37.21
C ALA D 10 -2.49 25.78 38.37
N GLU D 11 -2.83 25.14 39.49
CA GLU D 11 -1.91 25.07 40.61
C GLU D 11 -0.65 24.28 40.23
N GLU D 12 -0.83 23.14 39.55
CA GLU D 12 0.32 22.34 39.13
C GLU D 12 1.21 23.12 38.16
N VAL D 13 0.59 23.86 37.24
CA VAL D 13 1.35 24.64 36.27
C VAL D 13 2.22 25.67 36.97
N SER D 14 1.68 26.31 38.01
CA SER D 14 2.45 27.30 38.76
C SER D 14 3.68 26.67 39.42
N ARG D 15 3.51 25.48 40.03
CA ARG D 15 4.66 24.79 40.60
C ARG D 15 5.68 24.42 39.52
N ILE D 16 5.20 23.89 38.40
CA ILE D 16 6.12 23.46 37.34
C ILE D 16 6.90 24.65 36.80
N ARG D 17 6.20 25.75 36.50
CA ARG D 17 6.88 26.93 35.98
C ARG D 17 7.82 27.52 37.02
N ALA D 18 7.42 27.53 38.28
CA ALA D 18 8.30 28.05 39.34
C ALA D 18 9.59 27.25 39.41
N ALA D 19 9.50 25.93 39.29
CA ALA D 19 10.71 25.11 39.28
C ALA D 19 11.56 25.40 38.04
N LEU D 20 10.92 25.49 36.86
CA LEU D 20 11.67 25.78 35.64
C LEU D 20 12.33 27.15 35.70
N GLU D 21 11.67 28.13 36.34
CA GLU D 21 12.25 29.45 36.49
C GLU D 21 13.53 29.41 37.31
N GLN D 22 13.62 28.49 38.26
CA GLN D 22 14.79 28.39 39.13
C GLN D 22 15.80 27.35 38.65
N ALA D 23 15.52 26.67 37.53
CA ALA D 23 16.41 25.64 37.05
C ALA D 23 17.61 26.23 36.31
N GLU D 24 18.65 25.42 36.17
CA GLU D 24 19.84 25.80 35.43
C GLU D 24 19.70 25.32 33.99
N TRP D 25 19.80 26.25 33.04
CA TRP D 25 19.51 25.97 31.64
C TRP D 25 20.78 25.87 30.82
N ALA D 26 20.67 25.22 29.66
CA ALA D 26 21.78 25.00 28.76
C ALA D 26 21.44 25.52 27.37
N ASP D 27 22.49 25.70 26.56
CA ASP D 27 22.32 26.11 25.17
C ASP D 27 21.48 25.08 24.42
N GLY D 28 20.48 25.56 23.69
CA GLY D 28 19.60 24.66 22.95
C GLY D 28 20.28 23.95 21.80
N LYS D 29 21.39 24.49 21.30
CA LYS D 29 22.06 23.93 20.14
C LYS D 29 22.68 22.56 20.39
N ALA D 30 22.77 22.12 21.65
CA ALA D 30 23.34 20.81 21.93
C ALA D 30 22.42 19.68 21.47
N THR D 31 21.11 19.92 21.45
CA THR D 31 20.18 18.88 21.05
C THR D 31 20.07 18.78 19.53
N ALA D 32 19.82 19.89 18.87
CA ALA D 32 19.62 19.90 17.43
C ALA D 32 20.95 19.74 16.69
N GLY D 33 20.90 19.01 15.58
CA GLY D 33 22.06 18.91 14.72
C GLY D 33 22.28 20.17 13.90
N TYR D 34 23.44 20.22 13.26
CA TYR D 34 23.77 21.37 12.43
C TYR D 34 22.75 21.50 11.30
N GLN D 35 22.52 22.77 10.89
CA GLN D 35 21.41 23.26 10.07
C GLN D 35 20.24 23.62 10.97
N SER D 36 19.70 22.65 11.71
CA SER D 36 18.71 22.98 12.73
C SER D 36 19.34 23.77 13.86
N ALA D 37 20.58 23.45 14.22
CA ALA D 37 21.29 24.20 15.24
C ALA D 37 21.58 25.64 14.79
N LYS D 38 21.72 25.85 13.48
CA LYS D 38 21.90 27.21 12.98
C LYS D 38 20.68 28.07 13.28
N ALA D 39 19.50 27.48 13.22
CA ALA D 39 18.25 28.19 13.45
C ALA D 39 17.81 28.21 14.91
N LYS D 40 18.59 27.59 15.80
CA LYS D 40 18.18 27.40 17.19
C LYS D 40 18.91 28.41 18.08
N HIS D 41 18.13 29.26 18.75
CA HIS D 41 18.68 30.33 19.59
C HIS D 41 17.93 30.38 20.91
N ASN D 42 17.77 29.23 21.56
CA ASN D 42 17.02 29.19 22.81
C ASN D 42 17.76 28.42 23.90
N LEU D 43 17.10 28.19 25.02
CA LEU D 43 17.65 27.44 26.14
C LEU D 43 16.88 26.14 26.30
N GLN D 44 17.60 25.09 26.70
CA GLN D 44 16.99 23.77 26.90
C GLN D 44 17.61 23.11 28.13
N LEU D 45 16.81 22.27 28.79
CA LEU D 45 17.36 21.46 29.86
C LEU D 45 18.03 20.22 29.29
N PRO D 46 19.14 19.79 29.86
CA PRO D 46 19.74 18.51 29.43
C PRO D 46 18.78 17.37 29.69
N GLN D 47 18.83 16.35 28.83
CA GLN D 47 17.89 15.24 28.95
C GLN D 47 18.08 14.44 30.23
N ASP D 48 19.25 14.51 30.86
CA ASP D 48 19.44 13.85 32.15
C ASP D 48 19.12 14.76 33.33
N HIS D 49 18.57 15.95 33.07
CA HIS D 49 18.18 16.85 34.16
C HIS D 49 17.06 16.21 34.97
N PRO D 50 17.17 16.16 36.30
CA PRO D 50 16.13 15.49 37.10
C PRO D 50 14.77 16.16 36.99
N LEU D 51 14.74 17.49 36.87
CA LEU D 51 13.47 18.19 36.74
C LEU D 51 12.80 17.86 35.41
N ALA D 52 13.59 17.77 34.34
CA ALA D 52 13.04 17.38 33.04
C ALA D 52 12.49 15.96 33.09
N ARG D 53 13.19 15.06 33.79
CA ARG D 53 12.73 13.68 33.88
C ARG D 53 11.52 13.55 34.80
N GLU D 54 11.47 14.34 35.88
CA GLU D 54 10.33 14.27 36.79
C GLU D 54 9.06 14.80 36.12
N ILE D 55 9.12 16.00 35.55
CA ILE D 55 7.96 16.57 34.87
C ILE D 55 7.60 15.73 33.65
N GLY D 56 8.62 15.27 32.91
CA GLY D 56 8.35 14.44 31.74
C GLY D 56 7.58 13.19 32.08
N GLU D 57 7.93 12.52 33.18
CA GLU D 57 7.17 11.35 33.61
C GLU D 57 5.75 11.73 34.01
N ALA D 58 5.58 12.89 34.65
CA ALA D 58 4.24 13.36 34.99
C ALA D 58 3.40 13.60 33.75
N MET D 59 4.01 14.19 32.71
CA MET D 59 3.31 14.37 31.44
C MET D 59 2.91 13.03 30.83
N LEU D 60 3.81 12.05 30.84
N LEU D 60 3.82 12.05 30.85
CA LEU D 60 3.51 10.76 30.22
CA LEU D 60 3.53 10.75 30.23
C LEU D 60 2.32 10.09 30.92
C LEU D 60 2.36 10.06 30.92
N GLN D 61 2.33 10.08 32.25
CA GLN D 61 1.24 9.44 32.98
C GLN D 61 -0.09 10.11 32.69
N ARG D 62 -0.10 11.45 32.61
CA ARG D 62 -1.33 12.16 32.29
C ARG D 62 -1.78 11.86 30.86
N LEU D 63 -0.84 11.90 29.91
CA LEU D 63 -1.18 11.70 28.50
C LEU D 63 -1.68 10.28 28.23
N TRP D 64 -1.06 9.27 28.85
N TRP D 64 -1.04 9.28 28.86
CA TRP D 64 -1.47 7.90 28.60
CA TRP D 64 -1.45 7.89 28.66
C TRP D 64 -2.83 7.57 29.20
C TRP D 64 -2.89 7.66 29.12
N ASN D 65 -3.33 8.41 30.13
CA ASN D 65 -4.67 8.25 30.68
C ASN D 65 -5.61 9.35 30.21
N HIS D 66 -5.25 10.08 29.15
CA HIS D 66 -6.12 11.12 28.62
C HIS D 66 -6.86 10.58 27.40
N PRO D 67 -8.19 10.43 27.47
CA PRO D 67 -8.91 9.83 26.34
C PRO D 67 -8.74 10.58 25.03
N LEU D 68 -8.66 11.91 25.08
CA LEU D 68 -8.49 12.68 23.85
C LEU D 68 -7.14 12.42 23.21
N PHE D 69 -6.06 12.48 24.00
CA PHE D 69 -4.74 12.21 23.44
C PHE D 69 -4.64 10.77 22.95
N MET D 70 -5.16 9.82 23.74
CA MET D 70 -5.10 8.41 23.34
C MET D 70 -5.81 8.18 22.01
N SER D 71 -6.98 8.80 21.82
CA SER D 71 -7.75 8.56 20.60
C SER D 71 -7.12 9.25 19.39
N ALA D 72 -6.72 10.51 19.53
CA ALA D 72 -6.22 11.27 18.39
C ALA D 72 -4.80 10.88 18.00
N ALA D 73 -3.96 10.51 18.97
CA ALA D 73 -2.58 10.17 18.70
C ALA D 73 -2.33 8.68 18.51
N LEU D 74 -3.21 7.83 19.05
CA LEU D 74 -3.04 6.37 19.05
C LEU D 74 -1.58 6.02 19.35
N PRO D 75 -1.04 6.48 20.47
CA PRO D 75 0.42 6.45 20.65
C PRO D 75 0.96 5.03 20.76
N LEU D 76 2.09 4.81 20.10
CA LEU D 76 2.93 3.64 20.32
C LEU D 76 4.18 3.98 21.10
N LYS D 77 4.89 5.02 20.70
CA LYS D 77 6.08 5.50 21.39
C LYS D 77 5.93 6.99 21.64
N VAL D 78 6.42 7.46 22.79
CA VAL D 78 6.50 8.89 23.07
C VAL D 78 7.94 9.21 23.42
N PHE D 79 8.55 10.10 22.65
CA PHE D 79 9.91 10.51 22.93
C PHE D 79 9.95 11.25 24.27
N PRO D 80 10.93 10.96 25.14
CA PRO D 80 11.00 11.62 26.44
C PRO D 80 10.93 13.13 26.30
N PRO D 81 9.95 13.76 26.94
CA PRO D 81 9.72 15.19 26.71
C PRO D 81 10.94 16.04 27.03
N LEU D 82 11.18 17.04 26.18
CA LEU D 82 12.23 18.02 26.35
C LEU D 82 11.62 19.33 26.83
N PHE D 83 12.45 20.17 27.44
CA PHE D 83 11.98 21.42 28.04
C PHE D 83 12.87 22.56 27.56
N ASN D 84 12.25 23.64 27.09
CA ASN D 84 13.00 24.76 26.58
C ASN D 84 12.49 26.06 27.17
N CYS D 85 13.29 27.11 27.02
CA CYS D 85 12.94 28.45 27.46
C CYS D 85 13.31 29.45 26.38
N TYR D 86 12.35 30.31 26.04
CA TYR D 86 12.57 31.40 25.10
C TYR D 86 12.45 32.72 25.86
N THR D 87 13.52 33.52 25.84
CA THR D 87 13.50 34.80 26.53
C THR D 87 14.64 35.66 26.02
N GLY D 88 14.50 36.97 26.22
CA GLY D 88 15.54 37.91 25.82
C GLY D 88 15.84 37.86 24.34
N GLY D 89 14.81 37.71 23.51
CA GLY D 89 15.00 37.57 22.08
C GLY D 89 15.28 36.16 21.61
N GLY D 90 15.30 35.18 22.50
CA GLY D 90 15.53 33.81 22.09
C GLY D 90 14.46 33.33 21.13
N SER D 91 14.87 32.48 20.19
CA SER D 91 13.97 32.03 19.13
C SER D 91 14.43 30.69 18.60
N PHE D 92 13.61 30.15 17.69
CA PHE D 92 13.92 28.92 16.96
C PHE D 92 13.34 29.13 15.56
N ASP D 93 14.22 29.43 14.60
CA ASP D 93 13.76 29.72 13.24
C ASP D 93 13.24 28.43 12.60
N PHE D 94 12.80 28.57 11.34
CA PHE D 94 12.09 27.48 10.67
C PHE D 94 12.96 26.24 10.57
N HIS D 95 12.33 25.08 10.77
CA HIS D 95 13.04 23.81 10.73
C HIS D 95 12.03 22.67 10.60
N ILE D 96 12.49 21.56 10.00
CA ILE D 96 11.76 20.31 10.01
C ILE D 96 12.33 19.40 11.09
N ASP D 97 11.49 18.52 11.61
CA ASP D 97 11.93 17.53 12.58
C ASP D 97 12.40 16.28 11.86
N ASN D 98 13.50 15.73 12.34
CA ASN D 98 14.04 14.48 11.80
C ASN D 98 12.96 13.40 11.86
N ALA D 99 12.87 12.61 10.79
CA ALA D 99 11.85 11.58 10.72
C ALA D 99 12.02 10.53 11.82
N VAL D 100 13.25 10.24 12.22
CA VAL D 100 13.53 9.23 13.24
C VAL D 100 14.43 9.86 14.30
N ARG D 101 13.97 9.87 15.54
CA ARG D 101 14.72 10.38 16.69
C ARG D 101 15.12 9.24 17.61
N ASP D 102 16.41 9.13 17.90
CA ASP D 102 16.93 8.09 18.77
C ASP D 102 16.86 8.51 20.23
N VAL D 103 16.42 7.60 21.08
CA VAL D 103 16.34 7.85 22.53
C VAL D 103 17.71 7.58 23.14
N HIS D 104 18.12 8.46 24.07
CA HIS D 104 19.50 8.50 24.56
C HIS D 104 19.98 7.13 25.02
N GLY D 105 19.14 6.39 25.75
CA GLY D 105 19.57 5.13 26.33
C GLY D 105 19.83 4.04 25.31
N GLY D 106 19.92 4.42 24.04
CA GLY D 106 20.01 3.42 23.00
C GLY D 106 18.67 2.79 22.76
N ARG D 107 18.70 1.66 22.04
CA ARG D 107 17.54 0.80 21.86
C ARG D 107 16.43 1.48 21.07
N GLU D 108 15.66 2.35 21.72
CA GLU D 108 14.42 2.86 21.14
C GLU D 108 14.69 3.96 20.11
N ARG D 109 13.92 3.92 19.03
CA ARG D 109 13.92 4.97 18.02
C ARG D 109 12.48 5.32 17.67
N VAL D 110 12.18 6.61 17.65
CA VAL D 110 10.82 7.10 17.50
C VAL D 110 10.67 7.73 16.12
N ARG D 111 9.74 7.19 15.32
CA ARG D 111 9.32 7.90 14.11
C ARG D 111 8.44 9.07 14.51
N THR D 112 8.77 10.26 14.03
CA THR D 112 8.13 11.48 14.51
C THR D 112 6.83 11.73 13.74
N ASP D 113 5.86 10.85 13.98
CA ASP D 113 4.55 10.97 13.33
C ASP D 113 3.83 12.24 13.76
N LEU D 114 3.91 12.55 15.05
CA LEU D 114 3.20 13.69 15.63
C LEU D 114 4.16 14.51 16.49
N SER D 115 3.95 15.82 16.47
CA SER D 115 4.68 16.76 17.32
C SER D 115 3.73 17.37 18.33
N SER D 116 4.27 17.78 19.48
CA SER D 116 3.45 18.37 20.53
C SER D 116 4.25 19.39 21.31
N THR D 117 3.55 20.44 21.75
CA THR D 117 4.10 21.43 22.67
C THR D 117 3.14 21.62 23.83
N LEU D 118 3.64 21.44 25.05
CA LEU D 118 2.87 21.73 26.26
C LEU D 118 3.32 23.09 26.78
N PHE D 119 2.38 24.03 26.89
CA PHE D 119 2.68 25.39 27.34
C PHE D 119 2.68 25.45 28.86
N PHE D 120 3.75 25.98 29.44
CA PHE D 120 3.84 26.18 30.87
C PHE D 120 3.81 27.65 31.26
N SER D 121 3.84 28.56 30.30
CA SER D 121 3.80 29.98 30.56
C SER D 121 2.49 30.58 30.09
N ASP D 122 2.02 31.58 30.82
CA ASP D 122 0.81 32.28 30.46
C ASP D 122 1.06 33.14 29.22
N PRO D 123 0.18 33.10 28.22
CA PRO D 123 0.43 33.88 26.99
C PRO D 123 0.57 35.37 27.23
N GLU D 124 -0.10 35.92 28.26
CA GLU D 124 0.03 37.33 28.57
C GLU D 124 1.38 37.67 29.22
N ASP D 125 2.07 36.67 29.78
CA ASP D 125 3.33 36.92 30.49
C ASP D 125 4.52 37.08 29.56
N TYR D 126 4.38 36.80 28.27
CA TYR D 126 5.50 36.99 27.35
C TYR D 126 4.98 37.51 26.02
N ASP D 127 5.84 38.27 25.35
CA ASP D 127 5.54 38.83 24.03
C ASP D 127 6.27 38.03 22.96
N GLY D 128 5.60 37.80 21.84
CA GLY D 128 6.18 36.92 20.84
C GLY D 128 6.09 35.47 21.28
N GLY D 129 7.04 34.68 20.80
CA GLY D 129 7.09 33.28 21.19
C GLY D 129 6.03 32.40 20.57
N GLU D 130 5.31 32.88 19.56
CA GLU D 130 4.29 32.06 18.93
C GLU D 130 4.92 30.86 18.24
N LEU D 131 4.26 29.71 18.36
CA LEU D 131 4.62 28.53 17.58
C LEU D 131 3.96 28.67 16.21
N VAL D 132 4.76 28.91 15.19
CA VAL D 132 4.27 29.10 13.82
C VAL D 132 4.48 27.81 13.05
N ILE D 133 3.40 27.26 12.52
CA ILE D 133 3.43 26.00 11.76
C ILE D 133 3.04 26.32 10.33
N GLN D 134 3.92 25.97 9.39
CA GLN D 134 3.73 26.32 7.99
C GLN D 134 3.11 25.14 7.25
N ASP D 135 1.92 25.36 6.69
CA ASP D 135 1.25 24.37 5.87
C ASP D 135 1.61 24.60 4.40
N THR D 136 1.09 23.73 3.54
CA THR D 136 1.28 23.89 2.10
C THR D 136 0.65 25.20 1.60
N TYR D 137 -0.53 25.53 2.14
CA TYR D 137 -1.28 26.69 1.65
C TYR D 137 -1.61 27.67 2.77
N GLY D 138 -0.82 27.70 3.84
CA GLY D 138 -1.12 28.66 4.89
C GLY D 138 -0.17 28.54 6.06
N LEU D 139 -0.36 29.48 7.00
CA LEU D 139 0.39 29.56 8.24
C LEU D 139 -0.58 29.49 9.41
N GLN D 140 -0.18 28.79 10.47
CA GLN D 140 -0.93 28.75 11.72
C GLN D 140 -0.02 29.22 12.86
N GLN D 141 -0.56 30.08 13.71
CA GLN D 141 0.14 30.55 14.90
C GLN D 141 -0.55 30.01 16.14
N VAL D 142 0.25 29.48 17.08
CA VAL D 142 -0.26 28.86 18.29
C VAL D 142 0.42 29.50 19.49
N LYS D 143 -0.38 29.96 20.45
CA LYS D 143 0.11 30.49 21.73
C LYS D 143 -1.00 30.18 22.74
N LEU D 144 -0.87 29.07 23.42
CA LEU D 144 -1.97 28.49 24.19
C LEU D 144 -1.85 28.80 25.67
N PRO D 145 -2.94 28.71 26.42
CA PRO D 145 -2.87 28.93 27.87
C PRO D 145 -1.99 27.89 28.55
N ALA D 146 -1.39 28.31 29.66
CA ALA D 146 -0.51 27.44 30.42
C ALA D 146 -1.24 26.19 30.86
N GLY D 147 -0.61 25.03 30.66
CA GLY D 147 -1.23 23.74 30.92
C GLY D 147 -1.84 23.07 29.72
N ASP D 148 -2.04 23.79 28.61
CA ASP D 148 -2.64 23.23 27.41
C ASP D 148 -1.58 22.67 26.48
N LEU D 149 -1.99 21.70 25.68
CA LEU D 149 -1.14 21.03 24.70
C LEU D 149 -1.68 21.26 23.30
N VAL D 150 -0.77 21.38 22.34
CA VAL D 150 -1.11 21.37 20.92
C VAL D 150 -0.49 20.13 20.31
N LEU D 151 -1.28 19.44 19.48
CA LEU D 151 -0.85 18.23 18.80
C LEU D 151 -0.99 18.47 17.30
N TYR D 152 0.07 18.18 16.54
CA TYR D 152 0.06 18.47 15.11
C TYR D 152 1.00 17.52 14.39
N PRO D 153 0.75 17.25 13.11
CA PRO D 153 1.59 16.28 12.38
C PRO D 153 3.03 16.73 12.27
N GLY D 154 3.94 15.75 12.29
CA GLY D 154 5.36 16.02 12.20
C GLY D 154 5.85 16.38 10.83
N THR D 155 4.95 16.60 9.89
CA THR D 155 5.28 16.79 8.48
C THR D 155 5.41 18.26 8.08
N SER D 156 5.45 19.18 9.04
CA SER D 156 5.41 20.61 8.72
C SER D 156 6.68 21.32 9.18
N LEU D 157 7.14 22.25 8.34
CA LEU D 157 8.07 23.29 8.80
C LEU D 157 7.43 24.11 9.91
N HIS D 158 8.14 24.29 11.02
CA HIS D 158 7.64 25.14 12.07
C HIS D 158 8.79 25.90 12.71
N LYS D 159 8.43 26.91 13.49
CA LYS D 159 9.39 27.80 14.14
C LYS D 159 8.72 28.39 15.38
N VAL D 160 9.53 29.08 16.18
CA VAL D 160 9.03 29.86 17.31
C VAL D 160 9.57 31.28 17.16
N ASN D 161 8.66 32.26 17.17
CA ASN D 161 9.08 33.64 17.04
C ASN D 161 9.85 34.09 18.27
N PRO D 162 10.72 35.10 18.14
CA PRO D 162 11.48 35.57 19.29
C PRO D 162 10.55 36.05 20.41
N VAL D 163 10.97 35.80 21.64
CA VAL D 163 10.30 36.36 22.81
C VAL D 163 11.01 37.67 23.16
N THR D 164 10.30 38.78 23.00
CA THR D 164 10.87 40.10 23.24
C THR D 164 10.71 40.55 24.69
N ARG D 165 9.62 40.18 25.35
CA ARG D 165 9.39 40.49 26.75
C ARG D 165 9.01 39.23 27.50
N GLY D 166 9.55 39.06 28.71
CA GLY D 166 9.22 37.92 29.52
C GLY D 166 9.97 36.66 29.11
N ALA D 167 9.42 35.52 29.53
CA ALA D 167 10.01 34.23 29.24
C ALA D 167 8.90 33.22 28.93
N ARG D 168 9.15 32.38 27.93
CA ARG D 168 8.24 31.30 27.54
C ARG D 168 8.88 29.97 27.92
N TYR D 169 8.21 29.22 28.79
CA TYR D 169 8.63 27.88 29.16
C TYR D 169 7.64 26.87 28.57
N ALA D 170 8.18 25.77 28.05
CA ALA D 170 7.33 24.78 27.40
C ALA D 170 8.04 23.43 27.41
N SER D 171 7.26 22.39 27.17
CA SER D 171 7.78 21.06 26.90
C SER D 171 7.34 20.64 25.52
N PHE D 172 8.25 20.03 24.77
CA PHE D 172 7.94 19.53 23.44
C PHE D 172 8.43 18.09 23.33
N PHE D 173 7.77 17.34 22.45
CA PHE D 173 8.10 15.94 22.26
C PHE D 173 7.46 15.48 20.96
N TRP D 174 7.82 14.27 20.55
CA TRP D 174 7.25 13.63 19.37
C TRP D 174 6.62 12.30 19.78
N THR D 175 5.65 11.86 18.99
CA THR D 175 4.96 10.61 19.22
C THR D 175 5.01 9.77 17.95
N GLN D 176 5.42 8.52 18.07
CA GLN D 176 5.21 7.55 17.00
C GLN D 176 3.83 6.94 17.23
N SER D 177 2.94 7.11 16.27
CA SER D 177 1.59 6.60 16.40
C SER D 177 1.53 5.13 15.97
N LEU D 178 0.52 4.42 16.47
CA LEU D 178 0.18 3.13 15.87
C LEU D 178 -0.15 3.29 14.39
N VAL D 179 -0.73 4.42 14.02
CA VAL D 179 -1.20 4.67 12.67
C VAL D 179 -0.36 5.80 12.09
N ARG D 180 0.50 5.46 11.13
CA ARG D 180 1.45 6.41 10.57
C ARG D 180 0.76 7.58 9.88
N GLU D 181 -0.26 7.28 9.08
CA GLU D 181 -0.82 8.27 8.15
C GLU D 181 -1.82 9.17 8.88
N ASP D 182 -1.65 10.48 8.73
CA ASP D 182 -2.48 11.41 9.48
C ASP D 182 -3.95 11.35 9.04
N SER D 183 -4.19 11.18 7.74
CA SER D 183 -5.57 11.07 7.28
C SER D 183 -6.25 9.83 7.86
N GLN D 184 -5.49 8.75 8.06
CA GLN D 184 -6.05 7.57 8.70
C GLN D 184 -6.39 7.83 10.17
N ARG D 185 -5.49 8.52 10.89
CA ARG D 185 -5.73 8.76 12.31
C ARG D 185 -6.97 9.62 12.52
N THR D 186 -7.13 10.67 11.73
CA THR D 186 -8.30 11.53 11.88
C THR D 186 -9.59 10.80 11.50
N LEU D 187 -9.52 9.93 10.50
CA LEU D 187 -10.68 9.11 10.17
C LEU D 187 -11.08 8.24 11.35
N LEU D 188 -10.10 7.55 11.95
CA LEU D 188 -10.39 6.76 13.15
C LEU D 188 -10.90 7.63 14.28
N PHE D 189 -10.27 8.79 14.50
CA PHE D 189 -10.68 9.67 15.58
C PHE D 189 -12.12 10.13 15.40
N GLU D 190 -12.48 10.58 14.18
CA GLU D 190 -13.86 10.97 13.92
C GLU D 190 -14.82 9.81 14.09
N MET D 191 -14.44 8.62 13.62
CA MET D 191 -15.31 7.46 13.77
C MET D 191 -15.55 7.13 15.23
N ASP D 192 -14.50 7.23 16.06
CA ASP D 192 -14.66 6.94 17.48
C ASP D 192 -15.60 7.94 18.14
N GLN D 193 -15.47 9.24 17.82
CA GLN D 193 -16.38 10.23 18.39
C GLN D 193 -17.82 9.94 17.99
N SER D 194 -18.05 9.56 16.74
CA SER D 194 -19.41 9.24 16.30
C SER D 194 -19.95 8.03 17.05
N ILE D 195 -19.12 7.03 17.30
CA ILE D 195 -19.57 5.85 18.04
C ILE D 195 -19.89 6.22 19.49
N GLN D 196 -19.06 7.05 20.12
CA GLN D 196 -19.32 7.44 21.51
C GLN D 196 -20.62 8.23 21.63
N ARG D 197 -20.86 9.17 20.72
CA ARG D 197 -22.11 9.91 20.73
C ARG D 197 -23.31 8.96 20.62
N LEU D 198 -23.21 7.98 19.71
CA LEU D 198 -24.29 7.01 19.55
C LEU D 198 -24.43 6.11 20.77
N THR D 199 -23.32 5.78 21.43
CA THR D 199 -23.39 4.93 22.61
C THR D 199 -24.19 5.59 23.72
N ARG D 200 -24.02 6.90 23.90
CA ARG D 200 -24.82 7.60 24.90
C ARG D 200 -26.28 7.69 24.49
N ASP D 201 -26.55 8.05 23.23
CA ASP D 201 -27.93 8.33 22.82
C ASP D 201 -28.74 7.04 22.70
N VAL D 202 -28.19 6.03 22.04
CA VAL D 202 -28.94 4.80 21.80
C VAL D 202 -28.08 3.58 22.13
N PRO D 203 -27.79 3.35 23.41
CA PRO D 203 -27.01 2.16 23.77
C PRO D 203 -27.82 0.89 23.54
N ASP D 204 -27.11 -0.23 23.54
CA ASP D 204 -27.64 -1.56 23.27
C ASP D 204 -28.15 -1.72 21.84
N HIS D 205 -27.98 -0.70 21.01
CA HIS D 205 -28.30 -0.85 19.60
C HIS D 205 -27.35 -1.87 18.97
N PRO D 206 -27.87 -2.86 18.24
CA PRO D 206 -26.98 -3.90 17.69
C PRO D 206 -25.96 -3.38 16.68
N SER D 207 -26.17 -2.20 16.10
CA SER D 207 -25.19 -1.62 15.19
C SER D 207 -23.98 -1.06 15.92
N LEU D 208 -24.05 -0.85 17.24
CA LEU D 208 -22.92 -0.29 17.97
C LEU D 208 -21.78 -1.28 18.08
N ILE D 209 -22.08 -2.53 18.42
CA ILE D 209 -21.04 -3.55 18.52
C ILE D 209 -20.41 -3.81 17.16
N ARG D 210 -21.22 -3.74 16.10
CA ARG D 210 -20.69 -3.99 14.76
C ARG D 210 -19.83 -2.82 14.29
N LEU D 211 -20.27 -1.59 14.55
CA LEU D 211 -19.46 -0.42 14.21
C LEU D 211 -18.18 -0.38 15.02
N THR D 212 -18.23 -0.80 16.29
CA THR D 212 -17.00 -0.95 17.06
C THR D 212 -16.10 -2.00 16.43
N GLY D 213 -16.69 -3.09 15.93
CA GLY D 213 -15.91 -4.06 15.19
C GLY D 213 -15.29 -3.48 13.93
N THR D 214 -16.03 -2.62 13.24
CA THR D 214 -15.46 -1.93 12.08
C THR D 214 -14.27 -1.06 12.49
N TYR D 215 -14.40 -0.33 13.60
CA TYR D 215 -13.32 0.52 14.07
C TYR D 215 -12.06 -0.29 14.34
N HIS D 216 -12.20 -1.39 15.08
CA HIS D 216 -11.03 -2.19 15.45
C HIS D 216 -10.46 -2.93 14.25
N ASN D 217 -11.30 -3.32 13.28
CA ASN D 217 -10.77 -3.92 12.07
C ASN D 217 -9.94 -2.91 11.25
N LEU D 218 -10.39 -1.66 11.21
CA LEU D 218 -9.57 -0.61 10.60
C LEU D 218 -8.26 -0.47 11.37
N LEU D 219 -8.34 -0.45 12.70
CA LEU D 219 -7.13 -0.39 13.52
C LEU D 219 -6.25 -1.61 13.26
N ARG D 220 -6.88 -2.77 13.07
N ARG D 220 -6.88 -2.78 13.08
CA ARG D 220 -6.12 -3.98 12.72
CA ARG D 220 -6.12 -3.98 12.73
C ARG D 220 -5.45 -3.83 11.37
C ARG D 220 -5.44 -3.83 11.37
N ARG D 221 -6.11 -3.17 10.41
CA ARG D 221 -5.53 -3.00 9.09
C ARG D 221 -4.36 -2.02 9.08
N TRP D 222 -4.37 -1.02 9.95
CA TRP D 222 -3.47 0.11 9.83
C TRP D 222 -2.40 0.20 10.91
N SER D 223 -2.57 -0.49 12.04
CA SER D 223 -1.64 -0.34 13.16
C SER D 223 -0.34 -1.06 12.89
N GLU D 224 0.78 -0.36 13.07
CA GLU D 224 2.11 -0.93 13.00
C GLU D 224 2.72 -0.93 14.39
N LEU D 225 3.13 -2.11 14.85
CA LEU D 225 3.71 -2.29 16.19
C LEU D 225 4.39 -3.65 16.26
N LEU E 1 -11.14 -20.82 8.59
CA LEU E 1 -11.05 -21.56 9.85
C LEU E 1 -10.18 -22.81 9.70
N LEU E 2 -8.98 -22.75 10.25
CA LEU E 2 -8.02 -23.85 10.15
C LEU E 2 -8.10 -24.71 11.42
N HIS E 3 -8.17 -26.01 11.21
CA HIS E 3 -8.23 -26.99 12.30
C HIS E 3 -6.86 -27.64 12.43
N ILE E 4 -6.20 -27.41 13.56
CA ILE E 4 -4.90 -28.03 13.84
C ILE E 4 -5.10 -29.06 14.95
N PRO E 5 -5.11 -30.34 14.62
CA PRO E 5 -5.45 -31.37 15.62
C PRO E 5 -4.27 -31.81 16.47
N ALA E 6 -4.60 -32.31 17.66
CA ALA E 6 -3.67 -33.00 18.54
C ALA E 6 -2.44 -32.14 18.87
N ILE E 7 -2.71 -30.94 19.39
CA ILE E 7 -1.63 -30.13 19.94
C ILE E 7 -1.01 -30.86 21.13
N PHE E 8 -1.84 -31.44 21.97
CA PHE E 8 -1.42 -32.33 23.05
C PHE E 8 -1.97 -33.71 22.78
N THR E 9 -1.34 -34.72 23.40
CA THR E 9 -1.85 -36.07 23.30
C THR E 9 -3.07 -36.26 24.19
N ALA E 10 -3.79 -37.37 23.97
CA ALA E 10 -4.98 -37.65 24.76
C ALA E 10 -4.65 -37.78 26.24
N GLU E 11 -3.52 -38.41 26.56
CA GLU E 11 -3.11 -38.51 27.96
C GLU E 11 -2.80 -37.13 28.53
N GLU E 12 -2.09 -36.30 27.77
CA GLU E 12 -1.76 -34.96 28.25
C GLU E 12 -3.02 -34.13 28.48
N VAL E 13 -3.98 -34.21 27.55
CA VAL E 13 -5.22 -33.45 27.67
C VAL E 13 -5.95 -33.84 28.95
N SER E 14 -5.97 -35.14 29.28
CA SER E 14 -6.62 -35.59 30.49
C SER E 14 -5.95 -35.01 31.73
N ARG E 15 -4.61 -34.97 31.75
CA ARG E 15 -3.92 -34.34 32.87
C ARG E 15 -4.23 -32.85 32.94
N ILE E 16 -4.21 -32.16 31.80
CA ILE E 16 -4.51 -30.73 31.79
C ILE E 16 -5.93 -30.46 32.27
N ARG E 17 -6.90 -31.20 31.73
CA ARG E 17 -8.28 -30.97 32.12
C ARG E 17 -8.50 -31.29 33.59
N ALA E 18 -7.88 -32.38 34.07
CA ALA E 18 -8.02 -32.74 35.48
C ALA E 18 -7.47 -31.64 36.38
N ALA E 19 -6.34 -31.05 36.01
CA ALA E 19 -5.81 -29.92 36.76
C ALA E 19 -6.77 -28.72 36.70
N LEU E 20 -7.30 -28.42 35.51
CA LEU E 20 -8.23 -27.31 35.38
C LEU E 20 -9.52 -27.55 36.18
N GLU E 21 -9.97 -28.79 36.26
CA GLU E 21 -11.17 -29.09 37.04
C GLU E 21 -10.96 -28.79 38.52
N GLN E 22 -9.73 -28.95 39.03
CA GLN E 22 -9.43 -28.72 40.43
C GLN E 22 -8.90 -27.31 40.70
N ALA E 23 -8.81 -26.47 39.69
CA ALA E 23 -8.27 -25.14 39.87
C ALA E 23 -9.30 -24.20 40.50
N GLU E 24 -8.81 -23.10 41.06
CA GLU E 24 -9.66 -22.05 41.60
C GLU E 24 -9.88 -20.99 40.51
N TRP E 25 -11.14 -20.77 40.15
CA TRP E 25 -11.48 -19.93 39.01
C TRP E 25 -11.96 -18.56 39.47
N ALA E 26 -11.87 -17.59 38.57
CA ALA E 26 -12.30 -16.23 38.83
C ALA E 26 -13.36 -15.83 37.81
N ASP E 27 -14.12 -14.78 38.16
CA ASP E 27 -15.12 -14.25 37.24
C ASP E 27 -14.45 -13.70 35.98
N GLY E 28 -15.00 -14.06 34.82
CA GLY E 28 -14.40 -13.68 33.55
C GLY E 28 -14.43 -12.20 33.26
N LYS E 29 -15.19 -11.42 34.01
CA LYS E 29 -15.39 -10.01 33.69
C LYS E 29 -14.26 -9.15 34.23
N ALA E 30 -13.09 -9.75 34.45
CA ALA E 30 -11.91 -9.04 34.94
C ALA E 30 -10.87 -8.79 33.86
N THR E 31 -10.99 -9.42 32.70
CA THR E 31 -9.99 -9.33 31.63
C THR E 31 -10.57 -8.80 30.31
N ALA E 32 -11.84 -8.44 30.28
CA ALA E 32 -12.47 -7.82 29.12
C ALA E 32 -12.90 -6.40 29.46
N GLY E 33 -12.71 -5.48 28.52
CA GLY E 33 -13.08 -4.10 28.76
C GLY E 33 -14.57 -3.95 29.00
N TYR E 34 -14.92 -2.96 29.80
CA TYR E 34 -16.32 -2.77 30.21
C TYR E 34 -17.14 -2.35 28.99
N GLN E 35 -17.84 -3.32 28.42
CA GLN E 35 -18.58 -3.27 27.17
C GLN E 35 -18.73 -4.70 26.69
N SER E 36 -17.60 -5.34 26.38
CA SER E 36 -17.58 -6.78 26.20
C SER E 36 -17.78 -7.52 27.51
N ALA E 37 -17.49 -6.87 28.64
CA ALA E 37 -17.74 -7.49 29.94
C ALA E 37 -19.23 -7.69 30.18
N LYS E 38 -20.08 -6.88 29.54
CA LYS E 38 -21.52 -7.10 29.62
C LYS E 38 -21.91 -8.42 28.98
N ALA E 39 -21.23 -8.80 27.90
CA ALA E 39 -21.49 -10.04 27.18
C ALA E 39 -20.77 -11.24 27.77
N LYS E 40 -19.95 -11.04 28.79
CA LYS E 40 -19.10 -12.10 29.33
C LYS E 40 -19.70 -12.64 30.61
N HIS E 41 -20.04 -13.93 30.60
CA HIS E 41 -20.66 -14.62 31.72
C HIS E 41 -20.00 -15.96 31.97
N ASN E 42 -18.66 -15.98 32.01
CA ASN E 42 -17.94 -17.22 32.19
C ASN E 42 -16.91 -17.14 33.31
N LEU E 43 -16.10 -18.17 33.45
CA LEU E 43 -15.02 -18.21 34.44
C LEU E 43 -13.68 -18.21 33.73
N GLN E 44 -12.68 -17.62 34.37
CA GLN E 44 -11.35 -17.50 33.79
C GLN E 44 -10.30 -17.62 34.90
N LEU E 45 -9.13 -18.14 34.53
CA LEU E 45 -8.03 -18.10 35.47
C LEU E 45 -7.34 -16.74 35.41
N PRO E 46 -6.89 -16.21 36.55
CA PRO E 46 -6.11 -14.97 36.52
C PRO E 46 -4.82 -15.18 35.74
N GLN E 47 -4.35 -14.11 35.10
CA GLN E 47 -3.19 -14.23 34.23
C GLN E 47 -1.93 -14.65 34.98
N ASP E 48 -1.88 -14.43 36.30
CA ASP E 48 -0.73 -14.86 37.10
C ASP E 48 -0.96 -16.21 37.78
N HIS E 49 -2.00 -16.93 37.40
CA HIS E 49 -2.22 -18.27 37.94
C HIS E 49 -1.10 -19.19 37.47
N PRO E 50 -0.47 -19.95 38.37
CA PRO E 50 0.65 -20.80 37.95
C PRO E 50 0.27 -21.86 36.94
N LEU E 51 -0.94 -22.42 37.06
CA LEU E 51 -1.39 -23.42 36.12
C LEU E 51 -1.59 -22.83 34.73
N ALA E 52 -2.13 -21.60 34.66
CA ALA E 52 -2.28 -20.92 33.38
C ALA E 52 -0.92 -20.65 32.73
N ARG E 53 0.06 -20.24 33.53
CA ARG E 53 1.39 -19.97 32.99
C ARG E 53 2.10 -21.26 32.60
N GLU E 54 1.89 -22.33 33.37
CA GLU E 54 2.54 -23.60 33.06
C GLU E 54 2.01 -24.19 31.76
N ILE E 55 0.69 -24.35 31.65
CA ILE E 55 0.09 -24.89 30.43
C ILE E 55 0.34 -23.95 29.26
N GLY E 56 0.22 -22.63 29.50
CA GLY E 56 0.47 -21.67 28.44
C GLY E 56 1.86 -21.79 27.85
N GLU E 57 2.86 -22.02 28.71
CA GLU E 57 4.22 -22.23 28.22
C GLU E 57 4.31 -23.51 27.40
N ALA E 58 3.63 -24.57 27.83
CA ALA E 58 3.64 -25.82 27.07
C ALA E 58 2.98 -25.65 25.71
N MET E 59 1.88 -24.89 25.66
CA MET E 59 1.23 -24.61 24.38
C MET E 59 2.18 -23.86 23.45
N LEU E 60 2.90 -22.86 23.97
N LEU E 60 2.91 -22.87 23.99
CA LEU E 60 3.81 -22.09 23.14
CA LEU E 60 3.82 -22.07 23.17
C LEU E 60 4.88 -22.97 22.53
C LEU E 60 4.91 -22.93 22.56
N GLN E 61 5.51 -23.81 23.34
CA GLN E 61 6.58 -24.67 22.83
C GLN E 61 6.05 -25.62 21.76
N ARG E 62 4.86 -26.19 21.96
CA ARG E 62 4.28 -27.06 20.94
C ARG E 62 3.99 -26.27 19.66
N LEU E 63 3.37 -25.10 19.80
CA LEU E 63 2.98 -24.31 18.63
C LEU E 63 4.18 -23.80 17.85
N TRP E 64 5.23 -23.34 18.54
N TRP E 64 5.23 -23.35 18.56
CA TRP E 64 6.40 -22.83 17.84
CA TRP E 64 6.43 -22.85 17.89
C TRP E 64 7.20 -23.91 17.14
C TRP E 64 7.08 -23.93 17.04
N ASN E 65 6.95 -25.19 17.43
CA ASN E 65 7.55 -26.30 16.70
C ASN E 65 6.54 -27.06 15.85
N HIS E 66 5.33 -26.53 15.67
CA HIS E 66 4.32 -27.18 14.84
C HIS E 66 4.38 -26.61 13.43
N PRO E 67 4.73 -27.41 12.42
CA PRO E 67 4.87 -26.86 11.06
C PRO E 67 3.58 -26.24 10.53
N LEU E 68 2.43 -26.84 10.84
CA LEU E 68 1.16 -26.30 10.36
C LEU E 68 0.90 -24.91 10.94
N PHE E 69 1.03 -24.78 12.27
CA PHE E 69 0.81 -23.48 12.89
C PHE E 69 1.82 -22.45 12.40
N MET E 70 3.10 -22.86 12.32
CA MET E 70 4.14 -21.92 11.89
C MET E 70 3.87 -21.41 10.47
N SER E 71 3.42 -22.29 9.58
CA SER E 71 3.20 -21.90 8.20
C SER E 71 1.94 -21.03 8.04
N ALA E 72 0.84 -21.44 8.67
CA ALA E 72 -0.42 -20.73 8.48
C ALA E 72 -0.48 -19.43 9.27
N ALA E 73 0.13 -19.39 10.45
CA ALA E 73 0.07 -18.21 11.30
C ALA E 73 1.25 -17.26 11.08
N LEU E 74 2.40 -17.77 10.61
CA LEU E 74 3.63 -17.02 10.48
C LEU E 74 3.84 -16.13 11.72
N PRO E 75 3.88 -16.72 12.91
CA PRO E 75 3.72 -15.92 14.13
C PRO E 75 4.93 -15.02 14.39
N LEU E 76 4.63 -13.79 14.80
CA LEU E 76 5.61 -12.89 15.38
C LEU E 76 5.46 -12.78 16.89
N LYS E 77 4.23 -12.57 17.36
CA LYS E 77 3.91 -12.49 18.78
C LYS E 77 2.73 -13.38 19.09
N VAL E 78 2.77 -14.05 20.25
CA VAL E 78 1.64 -14.82 20.74
C VAL E 78 1.29 -14.27 22.12
N PHE E 79 0.07 -13.77 22.27
CA PHE E 79 -0.38 -13.30 23.56
C PHE E 79 -0.39 -14.48 24.54
N PRO E 80 0.07 -14.29 25.78
CA PRO E 80 0.09 -15.38 26.76
C PRO E 80 -1.29 -16.01 26.89
N PRO E 81 -1.40 -17.30 26.64
CA PRO E 81 -2.73 -17.93 26.56
C PRO E 81 -3.50 -17.78 27.86
N LEU E 82 -4.80 -17.52 27.72
CA LEU E 82 -5.73 -17.47 28.83
C LEU E 82 -6.58 -18.73 28.84
N PHE E 83 -7.20 -19.00 29.99
CA PHE E 83 -7.94 -20.24 30.18
C PHE E 83 -9.30 -19.91 30.77
N ASN E 84 -10.36 -20.43 30.17
CA ASN E 84 -11.70 -20.15 30.63
C ASN E 84 -12.47 -21.44 30.85
N CYS E 85 -13.58 -21.33 31.57
CA CYS E 85 -14.47 -22.44 31.83
C CYS E 85 -15.90 -21.97 31.63
N TYR E 86 -16.66 -22.70 30.81
CA TYR E 86 -18.07 -22.45 30.59
C TYR E 86 -18.86 -23.59 31.20
N THR E 87 -19.70 -23.28 32.19
CA THR E 87 -20.49 -24.31 32.86
C THR E 87 -21.70 -23.66 33.52
N GLY E 88 -22.74 -24.46 33.70
CA GLY E 88 -23.94 -23.99 34.38
C GLY E 88 -24.59 -22.80 33.72
N GLY E 89 -24.69 -22.81 32.40
CA GLY E 89 -25.24 -21.68 31.67
C GLY E 89 -24.24 -20.59 31.36
N GLY E 90 -22.97 -20.75 31.75
CA GLY E 90 -21.99 -19.74 31.42
C GLY E 90 -21.83 -19.60 29.91
N SER E 91 -21.61 -18.36 29.47
CA SER E 91 -21.53 -18.07 28.04
C SER E 91 -20.67 -16.84 27.83
N PHE E 92 -20.48 -16.50 26.55
CA PHE E 92 -19.82 -15.27 26.14
C PHE E 92 -20.56 -14.81 24.89
N ASP E 93 -21.43 -13.81 25.04
CA ASP E 93 -22.22 -13.33 23.92
C ASP E 93 -21.32 -12.64 22.90
N PHE E 94 -21.94 -12.19 21.80
CA PHE E 94 -21.20 -11.69 20.65
C PHE E 94 -20.28 -10.53 21.04
N HIS E 95 -19.06 -10.55 20.48
CA HIS E 95 -18.09 -9.50 20.74
C HIS E 95 -17.00 -9.54 19.68
N ILE E 96 -16.30 -8.42 19.57
CA ILE E 96 -15.19 -8.24 18.64
C ILE E 96 -13.93 -8.13 19.48
N ASP E 97 -12.84 -8.72 19.02
CA ASP E 97 -11.58 -8.62 19.75
C ASP E 97 -10.90 -7.28 19.51
N ASN E 98 -10.39 -6.68 20.59
CA ASN E 98 -9.62 -5.44 20.47
C ASN E 98 -8.44 -5.66 19.53
N ALA E 99 -8.19 -4.67 18.69
CA ALA E 99 -7.16 -4.80 17.68
C ALA E 99 -5.77 -4.91 18.30
N VAL E 100 -5.53 -4.27 19.44
CA VAL E 100 -4.24 -4.29 20.11
C VAL E 100 -4.45 -4.68 21.56
N ARG E 101 -3.82 -5.77 21.99
CA ARG E 101 -3.92 -6.26 23.36
C ARG E 101 -2.57 -6.10 24.05
N ASP E 102 -2.56 -5.39 25.18
CA ASP E 102 -1.33 -5.19 25.93
C ASP E 102 -1.04 -6.36 26.86
N VAL E 103 0.23 -6.74 26.92
CA VAL E 103 0.66 -7.88 27.73
C VAL E 103 1.10 -7.35 29.09
N HIS E 104 0.67 -8.03 30.15
CA HIS E 104 0.99 -7.62 31.52
C HIS E 104 2.50 -7.49 31.70
N GLY E 105 2.89 -6.55 32.56
CA GLY E 105 4.30 -6.21 32.69
C GLY E 105 4.78 -5.18 31.69
N GLY E 106 3.88 -4.60 30.91
CA GLY E 106 4.24 -3.58 29.95
C GLY E 106 4.98 -4.15 28.75
N ARG E 107 5.72 -3.26 28.09
CA ARG E 107 6.60 -3.58 26.98
C ARG E 107 5.83 -4.06 25.75
N GLU E 108 5.29 -5.28 25.80
CA GLU E 108 4.76 -5.94 24.60
C GLU E 108 3.30 -5.59 24.37
N ARG E 109 2.96 -5.36 23.10
CA ARG E 109 1.58 -5.18 22.66
C ARG E 109 1.37 -6.01 21.40
N VAL E 110 0.27 -6.75 21.36
CA VAL E 110 0.01 -7.74 20.31
C VAL E 110 -1.13 -7.24 19.44
N ARG E 111 -0.86 -7.06 18.15
CA ARG E 111 -1.94 -6.84 17.21
C ARG E 111 -2.64 -8.17 16.97
N THR E 112 -3.96 -8.20 17.16
CA THR E 112 -4.70 -9.45 17.19
C THR E 112 -5.07 -9.87 15.76
N ASP E 113 -4.05 -10.23 14.99
CA ASP E 113 -4.25 -10.66 13.61
C ASP E 113 -5.03 -11.97 13.55
N LEU E 114 -4.73 -12.89 14.44
CA LEU E 114 -5.33 -14.22 14.44
C LEU E 114 -5.83 -14.55 15.83
N SER E 115 -6.98 -15.22 15.89
CA SER E 115 -7.52 -15.74 17.15
C SER E 115 -7.38 -17.25 17.15
N SER E 116 -7.37 -17.83 18.35
CA SER E 116 -7.23 -19.27 18.48
C SER E 116 -7.92 -19.74 19.76
N THR E 117 -8.50 -20.94 19.68
CA THR E 117 -9.03 -21.64 20.84
C THR E 117 -8.51 -23.07 20.83
N LEU E 118 -7.90 -23.48 21.94
CA LEU E 118 -7.47 -24.86 22.13
C LEU E 118 -8.48 -25.53 23.05
N PHE E 119 -9.11 -26.60 22.55
CA PHE E 119 -10.13 -27.29 23.31
C PHE E 119 -9.49 -28.31 24.26
N PHE E 120 -9.90 -28.28 25.53
CA PHE E 120 -9.42 -29.25 26.50
C PHE E 120 -10.52 -30.18 26.99
N SER E 121 -11.77 -29.95 26.61
CA SER E 121 -12.89 -30.80 27.00
C SER E 121 -13.37 -31.58 25.78
N ASP E 122 -13.81 -32.81 26.01
CA ASP E 122 -14.39 -33.61 24.95
C ASP E 122 -15.76 -33.04 24.57
N PRO E 123 -16.07 -32.91 23.28
CA PRO E 123 -17.36 -32.31 22.89
C PRO E 123 -18.57 -33.05 23.41
N GLU E 124 -18.48 -34.38 23.58
CA GLU E 124 -19.62 -35.13 24.09
C GLU E 124 -19.87 -34.88 25.59
N ASP E 125 -18.88 -34.36 26.31
CA ASP E 125 -19.02 -34.17 27.75
C ASP E 125 -19.74 -32.87 28.11
N TYR E 126 -20.08 -32.02 27.15
CA TYR E 126 -20.80 -30.80 27.47
C TYR E 126 -21.74 -30.45 26.33
N ASP E 127 -22.88 -29.86 26.70
CA ASP E 127 -23.89 -29.42 25.74
C ASP E 127 -23.79 -27.91 25.54
N GLY E 128 -24.09 -27.48 24.32
CA GLY E 128 -23.87 -26.08 24.00
C GLY E 128 -22.39 -25.77 23.95
N GLY E 129 -22.05 -24.52 24.24
CA GLY E 129 -20.66 -24.13 24.30
C GLY E 129 -19.96 -24.01 22.97
N GLU E 130 -20.71 -24.07 21.85
CA GLU E 130 -20.09 -23.94 20.55
C GLU E 130 -19.49 -22.56 20.37
N LEU E 131 -18.32 -22.52 19.71
CA LEU E 131 -17.71 -21.26 19.32
C LEU E 131 -18.33 -20.82 18.00
N VAL E 132 -19.13 -19.77 18.04
CA VAL E 132 -19.87 -19.28 16.87
C VAL E 132 -19.12 -18.08 16.31
N ILE E 133 -18.73 -18.15 15.04
CA ILE E 133 -17.99 -17.09 14.37
C ILE E 133 -18.85 -16.53 13.24
N GLN E 134 -19.16 -15.24 13.32
CA GLN E 134 -20.00 -14.55 12.35
C GLN E 134 -19.14 -14.02 11.19
N ASP E 135 -19.44 -14.46 9.98
CA ASP E 135 -18.86 -13.88 8.78
C ASP E 135 -19.78 -12.82 8.21
N THR E 136 -19.35 -12.19 7.12
CA THR E 136 -20.19 -11.21 6.44
C THR E 136 -21.47 -11.85 5.90
N TYR E 137 -21.35 -13.05 5.32
CA TYR E 137 -22.50 -13.76 4.78
C TYR E 137 -22.58 -15.18 5.33
N GLY E 138 -22.09 -15.41 6.54
CA GLY E 138 -22.10 -16.77 7.05
C GLY E 138 -21.92 -16.87 8.54
N LEU E 139 -22.38 -18.00 9.08
CA LEU E 139 -22.10 -18.44 10.43
C LEU E 139 -21.29 -19.73 10.39
N GLN E 140 -20.29 -19.82 11.26
CA GLN E 140 -19.56 -21.06 11.48
C GLN E 140 -19.64 -21.41 12.96
N GLN E 141 -19.94 -22.67 13.25
CA GLN E 141 -19.93 -23.19 14.61
C GLN E 141 -18.76 -24.16 14.75
N VAL E 142 -18.03 -24.04 15.85
CA VAL E 142 -16.84 -24.84 16.09
C VAL E 142 -16.97 -25.50 17.46
N LYS E 143 -16.81 -26.82 17.49
CA LYS E 143 -16.77 -27.58 18.75
C LYS E 143 -15.88 -28.80 18.47
N LEU E 144 -14.60 -28.66 18.81
CA LEU E 144 -13.58 -29.59 18.33
C LEU E 144 -13.20 -30.61 19.41
N PRO E 145 -12.59 -31.72 19.01
CA PRO E 145 -12.10 -32.69 19.99
C PRO E 145 -11.04 -32.08 20.91
N ALA E 146 -11.00 -32.60 22.13
CA ALA E 146 -10.03 -32.13 23.12
C ALA E 146 -8.61 -32.33 22.62
N GLY E 147 -7.79 -31.28 22.77
CA GLY E 147 -6.45 -31.26 22.24
C GLY E 147 -6.31 -30.61 20.88
N ASP E 148 -7.43 -30.32 20.20
CA ASP E 148 -7.39 -29.68 18.90
C ASP E 148 -7.48 -28.16 19.04
N LEU E 149 -6.94 -27.47 18.04
CA LEU E 149 -6.92 -26.01 18.01
C LEU E 149 -7.63 -25.52 16.75
N VAL E 150 -8.36 -24.42 16.88
CA VAL E 150 -8.93 -23.72 15.74
C VAL E 150 -8.24 -22.37 15.63
N LEU E 151 -7.87 -22.01 14.41
CA LEU E 151 -7.21 -20.74 14.10
C LEU E 151 -8.06 -19.98 13.11
N TYR E 152 -8.38 -18.73 13.43
CA TYR E 152 -9.26 -17.94 12.58
C TYR E 152 -8.87 -16.48 12.69
N PRO E 153 -9.17 -15.67 11.65
CA PRO E 153 -8.80 -14.25 11.69
C PRO E 153 -9.49 -13.50 12.82
N GLY E 154 -8.77 -12.53 13.37
CA GLY E 154 -9.30 -11.71 14.44
C GLY E 154 -10.30 -10.67 14.02
N THR E 155 -10.67 -10.66 12.74
CA THR E 155 -11.59 -9.67 12.19
C THR E 155 -13.06 -10.04 12.37
N SER E 156 -13.37 -11.10 13.09
CA SER E 156 -14.72 -11.64 13.12
C SER E 156 -15.38 -11.43 14.48
N LEU E 157 -16.65 -11.04 14.45
CA LEU E 157 -17.50 -11.07 15.63
C LEU E 157 -17.75 -12.53 16.01
N HIS E 158 -17.55 -12.87 17.27
CA HIS E 158 -17.76 -14.25 17.69
C HIS E 158 -18.32 -14.31 19.11
N LYS E 159 -18.75 -15.50 19.49
CA LYS E 159 -19.41 -15.75 20.77
C LYS E 159 -19.26 -17.22 21.11
N VAL E 160 -19.64 -17.55 22.35
CA VAL E 160 -19.69 -18.94 22.81
C VAL E 160 -21.09 -19.17 23.38
N ASN E 161 -21.78 -20.18 22.88
CA ASN E 161 -23.12 -20.49 23.37
C ASN E 161 -23.06 -20.96 24.83
N PRO E 162 -24.14 -20.79 25.58
CA PRO E 162 -24.15 -21.27 26.97
C PRO E 162 -23.92 -22.77 27.03
N VAL E 163 -23.22 -23.20 28.07
CA VAL E 163 -23.05 -24.62 28.36
C VAL E 163 -24.14 -25.02 29.35
N THR E 164 -25.08 -25.84 28.89
CA THR E 164 -26.22 -26.23 29.70
C THR E 164 -25.93 -27.45 30.55
N ARG E 165 -25.16 -28.40 30.04
CA ARG E 165 -24.75 -29.58 30.78
C ARG E 165 -23.25 -29.73 30.71
N GLY E 166 -22.63 -30.13 31.80
CA GLY E 166 -21.20 -30.33 31.83
C GLY E 166 -20.42 -29.03 31.96
N ALA E 167 -19.15 -29.10 31.60
CA ALA E 167 -18.26 -27.95 31.64
C ALA E 167 -17.34 -27.97 30.42
N ARG E 168 -17.09 -26.80 29.86
CA ARG E 168 -16.18 -26.63 28.73
C ARG E 168 -14.95 -25.89 29.21
N TYR E 169 -13.80 -26.55 29.17
CA TYR E 169 -12.52 -25.92 29.48
C TYR E 169 -11.75 -25.70 28.19
N ALA E 170 -11.07 -24.55 28.10
CA ALA E 170 -10.35 -24.21 26.89
C ALA E 170 -9.29 -23.18 27.18
N SER E 171 -8.37 -23.03 26.23
CA SER E 171 -7.43 -21.93 26.21
C SER E 171 -7.67 -21.10 24.96
N PHE E 172 -7.60 -19.78 25.11
CA PHE E 172 -7.71 -18.88 23.96
C PHE E 172 -6.57 -17.88 24.02
N PHE E 173 -6.16 -17.42 22.84
CA PHE E 173 -5.07 -16.45 22.73
C PHE E 173 -5.15 -15.80 21.35
N TRP E 174 -4.31 -14.80 21.15
CA TRP E 174 -4.21 -14.10 19.88
C TRP E 174 -2.78 -14.11 19.40
N THR E 175 -2.61 -13.97 18.09
CA THR E 175 -1.30 -13.99 17.46
C THR E 175 -1.16 -12.77 16.57
N GLN E 176 -0.07 -12.04 16.73
CA GLN E 176 0.34 -11.07 15.73
C GLN E 176 1.23 -11.79 14.73
N SER E 177 0.77 -11.85 13.48
CA SER E 177 1.53 -12.52 12.44
C SER E 177 2.60 -11.60 11.87
N LEU E 178 3.63 -12.21 11.27
CA LEU E 178 4.51 -11.46 10.40
C LEU E 178 3.74 -10.79 9.27
N VAL E 179 2.68 -11.45 8.81
CA VAL E 179 1.91 -10.99 7.67
C VAL E 179 0.53 -10.60 8.17
N ARG E 180 0.24 -9.29 8.12
CA ARG E 180 -1.01 -8.76 8.67
C ARG E 180 -2.23 -9.27 7.92
N GLU E 181 -2.19 -9.25 6.59
CA GLU E 181 -3.38 -9.46 5.79
C GLU E 181 -3.65 -10.94 5.61
N ASP E 182 -4.87 -11.37 5.92
CA ASP E 182 -5.19 -12.79 5.90
C ASP E 182 -5.10 -13.37 4.49
N SER E 183 -5.49 -12.59 3.48
CA SER E 183 -5.37 -13.09 2.11
C SER E 183 -3.92 -13.30 1.71
N GLN E 184 -2.99 -12.50 2.26
CA GLN E 184 -1.58 -12.73 1.99
C GLN E 184 -1.08 -13.99 2.69
N ARG E 185 -1.50 -14.21 3.94
CA ARG E 185 -1.06 -15.39 4.68
C ARG E 185 -1.52 -16.67 3.99
N THR E 186 -2.78 -16.72 3.56
CA THR E 186 -3.29 -17.91 2.91
C THR E 186 -2.59 -18.16 1.58
N LEU E 187 -2.28 -17.09 0.84
CA LEU E 187 -1.52 -17.23 -0.40
C LEU E 187 -0.15 -17.83 -0.12
N LEU E 188 0.55 -17.31 0.89
CA LEU E 188 1.83 -17.87 1.28
C LEU E 188 1.69 -19.30 1.75
N PHE E 189 0.66 -19.58 2.56
CA PHE E 189 0.45 -20.94 3.06
C PHE E 189 0.21 -21.91 1.91
N GLU E 190 -0.66 -21.54 0.97
CA GLU E 190 -0.93 -22.42 -0.17
C GLU E 190 0.33 -22.63 -1.01
N MET E 191 1.11 -21.56 -1.22
CA MET E 191 2.31 -21.68 -2.02
C MET E 191 3.33 -22.61 -1.36
N ASP E 192 3.48 -22.51 -0.04
CA ASP E 192 4.41 -23.40 0.65
C ASP E 192 3.97 -24.85 0.52
N GLN E 193 2.67 -25.12 0.68
CA GLN E 193 2.17 -26.48 0.52
C GLN E 193 2.46 -27.03 -0.87
N SER E 194 2.30 -26.20 -1.90
CA SER E 194 2.59 -26.64 -3.26
C SER E 194 4.07 -26.95 -3.43
N ILE E 195 4.94 -26.16 -2.79
CA ILE E 195 6.38 -26.39 -2.92
C ILE E 195 6.79 -27.68 -2.22
N GLN E 196 6.24 -27.94 -1.03
CA GLN E 196 6.54 -29.18 -0.34
C GLN E 196 6.10 -30.39 -1.15
N ARG E 197 4.91 -30.33 -1.75
CA ARG E 197 4.44 -31.41 -2.60
C ARG E 197 5.39 -31.66 -3.75
N LEU E 198 5.85 -30.58 -4.39
CA LEU E 198 6.82 -30.71 -5.47
C LEU E 198 8.18 -31.18 -4.96
N THR E 199 8.56 -30.72 -3.76
CA THR E 199 9.84 -31.16 -3.18
C THR E 199 9.84 -32.66 -2.95
N ARG E 200 8.72 -33.22 -2.47
CA ARG E 200 8.62 -34.65 -2.29
C ARG E 200 8.68 -35.39 -3.63
N ASP E 201 7.93 -34.91 -4.63
CA ASP E 201 7.75 -35.66 -5.86
C ASP E 201 8.97 -35.56 -6.77
N VAL E 202 9.41 -34.35 -7.08
CA VAL E 202 10.53 -34.16 -7.99
C VAL E 202 11.57 -33.29 -7.31
N PRO E 203 12.36 -33.85 -6.39
CA PRO E 203 13.41 -33.06 -5.75
C PRO E 203 14.54 -32.79 -6.74
N ASP E 204 15.37 -31.80 -6.38
CA ASP E 204 16.50 -31.31 -7.16
C ASP E 204 16.09 -30.65 -8.46
N HIS E 205 14.79 -30.52 -8.73
CA HIS E 205 14.35 -29.75 -9.88
C HIS E 205 14.77 -28.30 -9.70
N PRO E 206 15.40 -27.67 -10.69
CA PRO E 206 15.93 -26.31 -10.50
C PRO E 206 14.85 -25.27 -10.22
N SER E 207 13.58 -25.56 -10.55
CA SER E 207 12.52 -24.61 -10.25
C SER E 207 12.18 -24.56 -8.77
N LEU E 208 12.60 -25.54 -7.98
CA LEU E 208 12.28 -25.54 -6.55
C LEU E 208 13.04 -24.45 -5.81
N ILE E 209 14.34 -24.33 -6.07
CA ILE E 209 15.13 -23.27 -5.44
C ILE E 209 14.60 -21.89 -5.85
N ARG E 210 14.17 -21.75 -7.11
CA ARG E 210 13.68 -20.47 -7.58
C ARG E 210 12.31 -20.15 -7.00
N LEU E 211 11.43 -21.16 -6.93
CA LEU E 211 10.11 -20.94 -6.32
C LEU E 211 10.22 -20.70 -4.83
N THR E 212 11.17 -21.37 -4.17
CA THR E 212 11.46 -21.06 -2.77
C THR E 212 11.93 -19.61 -2.63
N GLY E 213 12.76 -19.15 -3.57
CA GLY E 213 13.13 -17.75 -3.58
C GLY E 213 11.96 -16.83 -3.79
N THR E 214 10.99 -17.25 -4.63
CA THR E 214 9.78 -16.46 -4.78
C THR E 214 9.02 -16.36 -3.46
N TYR E 215 8.91 -17.49 -2.75
CA TYR E 215 8.21 -17.50 -1.47
C TYR E 215 8.86 -16.54 -0.48
N HIS E 216 10.18 -16.58 -0.37
CA HIS E 216 10.85 -15.72 0.61
C HIS E 216 10.86 -14.27 0.18
N ASN E 217 10.88 -14.00 -1.13
CA ASN E 217 10.76 -12.62 -1.59
C ASN E 217 9.37 -12.05 -1.28
N LEU E 218 8.33 -12.86 -1.39
CA LEU E 218 7.02 -12.43 -0.94
C LEU E 218 7.01 -12.19 0.57
N LEU E 219 7.61 -13.10 1.33
CA LEU E 219 7.73 -12.90 2.77
C LEU E 219 8.53 -11.64 3.07
N ARG E 220 9.56 -11.37 2.26
N ARG E 220 9.56 -11.37 2.26
CA ARG E 220 10.34 -10.15 2.42
CA ARG E 220 10.33 -10.14 2.42
C ARG E 220 9.49 -8.91 2.13
C ARG E 220 9.48 -8.91 2.14
N ARG E 221 8.61 -8.98 1.14
CA ARG E 221 7.74 -7.85 0.82
C ARG E 221 6.68 -7.59 1.89
N TRP E 222 6.21 -8.64 2.56
CA TRP E 222 5.01 -8.54 3.38
C TRP E 222 5.25 -8.60 4.89
N SER E 223 6.39 -9.14 5.34
CA SER E 223 6.61 -9.34 6.76
C SER E 223 6.89 -8.02 7.47
N GLU E 224 6.19 -7.79 8.58
CA GLU E 224 6.42 -6.65 9.45
C GLU E 224 6.98 -7.16 10.78
N LEU E 225 8.14 -6.66 11.16
CA LEU E 225 8.80 -7.09 12.39
C LEU E 225 9.90 -6.11 12.74
N LEU F 1 24.06 -2.96 -7.08
CA LEU F 1 25.22 -3.41 -6.30
C LEU F 1 26.10 -2.23 -5.92
N LEU F 2 26.11 -1.89 -4.64
CA LEU F 2 26.87 -0.76 -4.13
C LEU F 2 28.18 -1.24 -3.53
N HIS F 3 29.29 -0.66 -3.99
CA HIS F 3 30.62 -0.97 -3.51
C HIS F 3 31.04 0.12 -2.52
N ILE F 4 31.27 -0.27 -1.27
CA ILE F 4 31.67 0.66 -0.23
C ILE F 4 33.12 0.33 0.14
N PRO F 5 34.10 1.13 -0.28
CA PRO F 5 35.50 0.76 -0.10
C PRO F 5 36.06 1.11 1.26
N ALA F 6 37.07 0.32 1.66
CA ALA F 6 37.95 0.64 2.79
C ALA F 6 37.16 0.82 4.09
N ILE F 7 36.36 -0.19 4.43
CA ILE F 7 35.76 -0.23 5.77
C ILE F 7 36.86 -0.27 6.82
N PHE F 8 37.89 -1.05 6.58
CA PHE F 8 39.08 -1.10 7.41
C PHE F 8 40.29 -0.67 6.59
N THR F 9 41.32 -0.20 7.28
CA THR F 9 42.56 0.15 6.60
C THR F 9 43.30 -1.12 6.16
N ALA F 10 44.30 -0.92 5.30
CA ALA F 10 45.08 -2.06 4.82
C ALA F 10 45.81 -2.75 5.96
N GLU F 11 46.36 -1.96 6.91
CA GLU F 11 47.00 -2.56 8.07
C GLU F 11 46.00 -3.36 8.89
N GLU F 12 44.80 -2.81 9.11
CA GLU F 12 43.80 -3.52 9.90
C GLU F 12 43.39 -4.81 9.21
N VAL F 13 43.22 -4.78 7.89
CA VAL F 13 42.80 -5.97 7.15
C VAL F 13 43.84 -7.08 7.28
N SER F 14 45.12 -6.72 7.25
CA SER F 14 46.18 -7.72 7.40
C SER F 14 46.11 -8.38 8.78
N ARG F 15 45.87 -7.59 9.83
CA ARG F 15 45.72 -8.17 11.16
C ARG F 15 44.50 -9.08 11.23
N ILE F 16 43.37 -8.62 10.70
CA ILE F 16 42.15 -9.42 10.72
C ILE F 16 42.36 -10.73 9.96
N ARG F 17 42.92 -10.65 8.76
CA ARG F 17 43.13 -11.87 7.98
C ARG F 17 44.12 -12.80 8.67
N ALA F 18 45.19 -12.24 9.24
CA ALA F 18 46.17 -13.05 9.96
C ALA F 18 45.52 -13.79 11.12
N ALA F 19 44.65 -13.10 11.87
CA ALA F 19 43.90 -13.76 12.94
C ALA F 19 43.00 -14.85 12.38
N LEU F 20 42.28 -14.56 11.29
CA LEU F 20 41.41 -15.56 10.69
C LEU F 20 42.19 -16.75 10.14
N GLU F 21 43.40 -16.50 9.60
CA GLU F 21 44.23 -17.61 9.12
C GLU F 21 44.61 -18.56 10.25
N GLN F 22 44.76 -18.06 11.46
CA GLN F 22 45.17 -18.89 12.60
C GLN F 22 44.00 -19.41 13.41
N ALA F 23 42.77 -19.06 13.03
CA ALA F 23 41.59 -19.47 13.79
C ALA F 23 41.20 -20.92 13.50
N GLU F 24 40.45 -21.49 14.43
CA GLU F 24 39.92 -22.84 14.27
C GLU F 24 38.53 -22.76 13.63
N TRP F 25 38.40 -23.34 12.45
CA TRP F 25 37.19 -23.21 11.65
C TRP F 25 36.29 -24.44 11.83
N ALA F 26 35.01 -24.23 11.53
CA ALA F 26 34.02 -25.28 11.60
C ALA F 26 33.38 -25.45 10.22
N ASP F 27 32.73 -26.59 10.01
CA ASP F 27 31.96 -26.81 8.79
C ASP F 27 30.79 -25.83 8.65
N GLY F 28 30.72 -25.22 7.46
CA GLY F 28 29.71 -24.23 7.19
C GLY F 28 28.28 -24.75 7.23
N LYS F 29 28.07 -26.06 7.28
CA LYS F 29 26.72 -26.61 7.13
C LYS F 29 25.99 -26.61 8.46
N ALA F 30 26.35 -25.70 9.36
CA ALA F 30 25.69 -25.55 10.65
C ALA F 30 24.88 -24.27 10.79
N THR F 31 24.87 -23.41 9.77
CA THR F 31 24.13 -22.15 9.86
C THR F 31 22.93 -22.06 8.92
N ALA F 32 22.99 -22.69 7.76
CA ALA F 32 21.89 -22.65 6.82
C ALA F 32 20.99 -23.89 6.99
N GLY F 33 19.81 -23.82 6.38
CA GLY F 33 18.85 -24.90 6.47
C GLY F 33 19.23 -26.09 5.61
N TYR F 34 18.38 -27.13 5.67
CA TYR F 34 18.66 -28.36 4.93
C TYR F 34 18.87 -28.10 3.44
N GLN F 35 17.97 -27.31 2.85
CA GLN F 35 18.04 -27.07 1.41
C GLN F 35 19.31 -26.30 1.06
N SER F 36 19.65 -25.29 1.85
CA SER F 36 20.85 -24.51 1.59
C SER F 36 22.12 -25.23 2.04
N ALA F 37 22.03 -26.09 3.07
CA ALA F 37 23.21 -26.83 3.50
C ALA F 37 23.69 -27.80 2.43
N LYS F 38 22.78 -28.25 1.56
CA LYS F 38 23.20 -29.08 0.44
C LYS F 38 24.13 -28.34 -0.50
N ALA F 39 23.92 -27.03 -0.66
CA ALA F 39 24.74 -26.20 -1.54
C ALA F 39 25.95 -25.61 -0.84
N LYS F 40 26.13 -25.86 0.46
CA LYS F 40 27.16 -25.22 1.26
C LYS F 40 28.33 -26.17 1.46
N HIS F 41 29.50 -25.77 0.98
CA HIS F 41 30.71 -26.59 1.08
C HIS F 41 31.90 -25.75 1.50
N ASN F 42 31.73 -24.95 2.55
CA ASN F 42 32.77 -24.02 2.98
C ASN F 42 33.00 -24.16 4.49
N LEU F 43 33.87 -23.31 5.01
CA LEU F 43 34.16 -23.24 6.43
C LEU F 43 33.58 -21.96 7.02
N GLN F 44 33.23 -22.01 8.30
CA GLN F 44 32.64 -20.86 8.97
C GLN F 44 33.06 -20.86 10.43
N LEU F 45 33.12 -19.67 11.01
CA LEU F 45 33.33 -19.59 12.45
C LEU F 45 31.99 -19.70 13.18
N PRO F 46 31.96 -20.40 14.32
CA PRO F 46 30.74 -20.43 15.13
C PRO F 46 30.38 -19.04 15.62
N GLN F 47 29.08 -18.79 15.79
CA GLN F 47 28.63 -17.45 16.15
C GLN F 47 29.12 -17.01 17.52
N ASP F 48 29.51 -17.94 18.40
CA ASP F 48 30.06 -17.57 19.69
C ASP F 48 31.59 -17.54 19.69
N HIS F 49 32.21 -17.65 18.53
CA HIS F 49 33.67 -17.55 18.45
C HIS F 49 34.10 -16.14 18.85
N PRO F 50 35.08 -16.00 19.75
CA PRO F 50 35.46 -14.65 20.21
C PRO F 50 35.98 -13.76 19.09
N LEU F 51 36.71 -14.34 18.13
CA LEU F 51 37.23 -13.54 17.02
C LEU F 51 36.11 -13.03 16.12
N ALA F 52 35.10 -13.87 15.86
CA ALA F 52 33.95 -13.41 15.09
C ALA F 52 33.21 -12.30 15.81
N ARG F 53 33.08 -12.42 17.14
CA ARG F 53 32.39 -11.39 17.90
C ARG F 53 33.21 -10.11 17.99
N GLU F 54 34.54 -10.22 18.13
CA GLU F 54 35.37 -9.02 18.20
C GLU F 54 35.38 -8.27 16.87
N ILE F 55 35.66 -8.97 15.77
CA ILE F 55 35.69 -8.32 14.47
C ILE F 55 34.30 -7.82 14.09
N GLY F 56 33.27 -8.63 14.36
CA GLY F 56 31.91 -8.21 14.03
C GLY F 56 31.53 -6.92 14.72
N GLU F 57 31.89 -6.77 15.99
CA GLU F 57 31.63 -5.52 16.70
C GLU F 57 32.38 -4.36 16.05
N ALA F 58 33.62 -4.61 15.61
CA ALA F 58 34.38 -3.56 14.93
C ALA F 58 33.73 -3.18 13.61
N MET F 59 33.19 -4.15 12.88
CA MET F 59 32.47 -3.83 11.66
C MET F 59 31.23 -2.99 11.94
N LEU F 60 30.48 -3.33 12.99
N LEU F 60 30.49 -3.32 13.00
CA LEU F 60 29.27 -2.57 13.30
CA LEU F 60 29.27 -2.59 13.32
C LEU F 60 29.59 -1.12 13.63
C LEU F 60 29.57 -1.14 13.67
N GLN F 61 30.62 -0.90 14.44
CA GLN F 61 30.98 0.47 14.81
C GLN F 61 31.38 1.29 13.58
N ARG F 62 32.14 0.68 12.67
CA ARG F 62 32.53 1.39 11.44
C ARG F 62 31.31 1.67 10.57
N LEU F 63 30.46 0.66 10.37
CA LEU F 63 29.31 0.80 9.48
C LEU F 63 28.32 1.84 9.99
N TRP F 64 28.08 1.86 11.30
N TRP F 64 28.07 1.84 11.30
CA TRP F 64 27.16 2.86 11.85
CA TRP F 64 27.20 2.85 11.90
C TRP F 64 27.75 4.27 11.85
C TRP F 64 27.74 4.26 11.67
N ASN F 65 29.05 4.41 11.62
CA ASN F 65 29.69 5.71 11.43
C ASN F 65 29.94 6.05 9.98
N HIS F 66 29.58 5.16 9.05
CA HIS F 66 29.90 5.36 7.64
C HIS F 66 28.74 6.06 6.95
N PRO F 67 28.92 7.31 6.49
CA PRO F 67 27.79 8.01 5.85
C PRO F 67 27.23 7.30 4.63
N LEU F 68 28.08 6.63 3.84
CA LEU F 68 27.59 5.93 2.66
C LEU F 68 26.69 4.76 3.05
N PHE F 69 27.14 3.94 4.00
CA PHE F 69 26.33 2.79 4.42
C PHE F 69 25.04 3.26 5.09
N MET F 70 25.13 4.28 5.95
CA MET F 70 23.95 4.78 6.63
C MET F 70 22.90 5.29 5.65
N SER F 71 23.33 5.98 4.59
CA SER F 71 22.37 6.55 3.66
C SER F 71 21.77 5.49 2.73
N ALA F 72 22.60 4.60 2.18
CA ALA F 72 22.10 3.62 1.21
C ALA F 72 21.34 2.48 1.87
N ALA F 73 21.71 2.12 3.10
CA ALA F 73 21.07 1.00 3.78
C ALA F 73 19.98 1.43 4.75
N LEU F 74 20.02 2.66 5.26
CA LEU F 74 19.10 3.17 6.27
C LEU F 74 18.86 2.11 7.35
N PRO F 75 19.92 1.63 8.00
CA PRO F 75 19.79 0.39 8.79
C PRO F 75 18.90 0.57 10.02
N LEU F 76 18.06 -0.43 10.25
CA LEU F 76 17.37 -0.59 11.52
C LEU F 76 17.98 -1.70 12.36
N LYS F 77 18.26 -2.85 11.74
CA LYS F 77 18.88 -3.99 12.40
C LYS F 77 20.00 -4.51 11.51
N VAL F 78 21.10 -4.93 12.13
CA VAL F 78 22.18 -5.62 11.42
C VAL F 78 22.38 -6.97 12.08
N PHE F 79 22.25 -8.04 11.30
CA PHE F 79 22.49 -9.37 11.84
C PHE F 79 23.96 -9.49 12.23
N PRO F 80 24.26 -10.08 13.39
CA PRO F 80 25.66 -10.23 13.82
C PRO F 80 26.50 -10.86 12.73
N PRO F 81 27.54 -10.17 12.27
CA PRO F 81 28.29 -10.63 11.10
C PRO F 81 28.87 -12.02 11.30
N LEU F 82 28.82 -12.82 10.24
CA LEU F 82 29.39 -14.16 10.20
C LEU F 82 30.65 -14.13 9.36
N PHE F 83 31.49 -15.14 9.55
CA PHE F 83 32.80 -15.20 8.91
C PHE F 83 32.99 -16.57 8.28
N ASN F 84 33.38 -16.60 7.01
CA ASN F 84 33.57 -17.86 6.32
C ASN F 84 34.92 -17.90 5.64
N CYS F 85 35.33 -19.10 5.23
CA CYS F 85 36.56 -19.31 4.50
C CYS F 85 36.29 -20.26 3.35
N TYR F 86 36.70 -19.88 2.15
CA TYR F 86 36.62 -20.72 0.97
C TYR F 86 38.02 -21.09 0.54
N THR F 87 38.34 -22.38 0.56
CA THR F 87 39.68 -22.83 0.19
C THR F 87 39.61 -24.30 -0.20
N GLY F 88 40.60 -24.73 -0.98
CA GLY F 88 40.71 -26.12 -1.38
C GLY F 88 39.50 -26.64 -2.11
N GLY F 89 38.91 -25.83 -2.99
CA GLY F 89 37.70 -26.20 -3.68
C GLY F 89 36.42 -25.90 -2.94
N GLY F 90 36.50 -25.28 -1.76
CA GLY F 90 35.29 -24.93 -1.05
C GLY F 90 34.44 -23.95 -1.84
N SER F 91 33.12 -24.05 -1.66
CA SER F 91 32.19 -23.26 -2.44
C SER F 91 30.86 -23.16 -1.72
N PHE F 92 29.98 -22.32 -2.25
CA PHE F 92 28.60 -22.20 -1.79
C PHE F 92 27.75 -22.06 -3.05
N ASP F 93 27.10 -23.15 -3.45
CA ASP F 93 26.30 -23.15 -4.67
C ASP F 93 25.08 -22.26 -4.49
N PHE F 94 24.29 -22.14 -5.57
CA PHE F 94 23.22 -21.16 -5.63
C PHE F 94 22.22 -21.36 -4.49
N HIS F 95 21.81 -20.26 -3.88
CA HIS F 95 20.86 -20.29 -2.79
C HIS F 95 20.21 -18.92 -2.64
N ILE F 96 19.06 -18.90 -1.98
CA ILE F 96 18.35 -17.67 -1.63
C ILE F 96 18.37 -17.56 -0.12
N ASP F 97 18.54 -16.33 0.38
CA ASP F 97 18.54 -16.12 1.83
C ASP F 97 17.13 -16.09 2.38
N ASN F 98 16.97 -16.70 3.55
CA ASN F 98 15.69 -16.71 4.24
C ASN F 98 15.24 -15.28 4.52
N ALA F 99 13.94 -15.04 4.37
CA ALA F 99 13.42 -13.69 4.53
C ALA F 99 13.61 -13.16 5.95
N VAL F 100 13.56 -14.03 6.95
CA VAL F 100 13.68 -13.64 8.35
C VAL F 100 14.74 -14.51 9.01
N ARG F 101 15.78 -13.88 9.55
CA ARG F 101 16.87 -14.58 10.23
C ARG F 101 16.79 -14.28 11.73
N ASP F 102 16.69 -15.32 12.54
CA ASP F 102 16.63 -15.16 13.99
C ASP F 102 18.03 -15.03 14.58
N VAL F 103 18.17 -14.12 15.53
CA VAL F 103 19.44 -13.86 16.20
C VAL F 103 19.50 -14.69 17.48
N HIS F 104 20.67 -15.28 17.73
CA HIS F 104 20.87 -16.08 18.95
C HIS F 104 20.53 -15.26 20.18
N GLY F 105 19.82 -15.90 21.10
CA GLY F 105 19.22 -15.22 22.23
C GLY F 105 17.71 -15.04 22.10
N GLY F 106 17.15 -15.29 20.93
CA GLY F 106 15.71 -15.34 20.76
C GLY F 106 15.01 -14.00 20.59
N ARG F 107 15.62 -12.93 21.10
CA ARG F 107 14.90 -11.67 21.22
C ARG F 107 14.69 -10.96 19.88
N GLU F 108 15.64 -11.08 18.95
CA GLU F 108 15.64 -10.27 17.74
C GLU F 108 15.49 -11.14 16.50
N ARG F 109 14.74 -10.64 15.52
CA ARG F 109 14.62 -11.27 14.21
C ARG F 109 14.81 -10.22 13.13
N VAL F 110 15.65 -10.54 12.14
CA VAL F 110 16.07 -9.57 11.13
C VAL F 110 15.42 -9.96 9.81
N ARG F 111 14.64 -9.04 9.24
CA ARG F 111 14.19 -9.20 7.86
C ARG F 111 15.37 -8.87 6.95
N THR F 112 15.68 -9.77 6.03
CA THR F 112 16.92 -9.67 5.26
C THR F 112 16.71 -8.80 4.02
N ASP F 113 16.49 -7.50 4.29
CA ASP F 113 16.28 -6.54 3.21
C ASP F 113 17.53 -6.40 2.35
N LEU F 114 18.71 -6.41 2.97
CA LEU F 114 19.97 -6.19 2.28
C LEU F 114 20.98 -7.24 2.70
N SER F 115 21.77 -7.70 1.75
CA SER F 115 22.89 -8.60 2.00
C SER F 115 24.19 -7.83 1.84
N SER F 116 25.25 -8.34 2.49
CA SER F 116 26.55 -7.70 2.42
C SER F 116 27.65 -8.73 2.60
N THR F 117 28.76 -8.52 1.88
CA THR F 117 29.98 -9.28 2.05
C THR F 117 31.14 -8.31 2.19
N LEU F 118 31.91 -8.46 3.27
CA LEU F 118 33.14 -7.71 3.46
C LEU F 118 34.31 -8.63 3.12
N PHE F 119 35.12 -8.23 2.15
CA PHE F 119 36.25 -9.04 1.72
C PHE F 119 37.45 -8.79 2.61
N PHE F 120 38.06 -9.87 3.10
CA PHE F 120 39.27 -9.77 3.90
C PHE F 120 40.50 -10.36 3.21
N SER F 121 40.32 -11.00 2.06
CA SER F 121 41.42 -11.56 1.29
C SER F 121 41.65 -10.74 0.03
N ASP F 122 42.91 -10.68 -0.38
CA ASP F 122 43.25 -9.97 -1.60
C ASP F 122 42.77 -10.77 -2.81
N PRO F 123 42.11 -10.14 -3.79
CA PRO F 123 41.61 -10.90 -4.95
C PRO F 123 42.70 -11.63 -5.71
N GLU F 124 43.93 -11.11 -5.70
CA GLU F 124 45.04 -11.77 -6.37
C GLU F 124 45.48 -13.03 -5.63
N ASP F 125 45.18 -13.14 -4.34
CA ASP F 125 45.68 -14.23 -3.53
C ASP F 125 44.87 -15.52 -3.67
N TYR F 126 43.72 -15.48 -4.34
CA TYR F 126 42.93 -16.69 -4.52
C TYR F 126 42.30 -16.69 -5.91
N ASP F 127 42.07 -17.89 -6.43
CA ASP F 127 41.45 -18.09 -7.73
C ASP F 127 40.04 -18.60 -7.52
N GLY F 128 39.11 -18.16 -8.39
CA GLY F 128 37.72 -18.44 -8.13
C GLY F 128 37.22 -17.61 -6.96
N GLY F 129 36.23 -18.16 -6.26
CA GLY F 129 35.69 -17.46 -5.11
C GLY F 129 34.86 -16.25 -5.42
N GLU F 130 34.48 -16.05 -6.68
CA GLU F 130 33.64 -14.91 -7.05
C GLU F 130 32.27 -15.03 -6.39
N LEU F 131 31.76 -13.90 -5.91
CA LEU F 131 30.38 -13.82 -5.46
C LEU F 131 29.50 -13.55 -6.67
N VAL F 132 28.73 -14.57 -7.08
CA VAL F 132 27.90 -14.49 -8.28
C VAL F 132 26.46 -14.22 -7.84
N ILE F 133 25.91 -13.09 -8.30
CA ILE F 133 24.56 -12.68 -7.94
C ILE F 133 23.70 -12.75 -9.19
N GLN F 134 22.66 -13.58 -9.16
CA GLN F 134 21.80 -13.83 -10.30
C GLN F 134 20.62 -12.85 -10.29
N ASP F 135 20.51 -12.04 -11.33
CA ASP F 135 19.41 -11.11 -11.51
C ASP F 135 18.35 -11.74 -12.40
N THR F 136 17.23 -11.02 -12.57
CA THR F 136 16.17 -11.51 -13.43
C THR F 136 16.64 -11.64 -14.88
N TYR F 137 17.42 -10.66 -15.36
CA TYR F 137 17.93 -10.68 -16.72
C TYR F 137 19.45 -10.49 -16.76
N GLY F 138 20.16 -10.96 -15.74
CA GLY F 138 21.60 -10.75 -15.74
C GLY F 138 22.29 -11.52 -14.63
N LEU F 139 23.61 -11.61 -14.78
CA LEU F 139 24.51 -12.17 -13.78
C LEU F 139 25.56 -11.11 -13.43
N GLN F 140 25.84 -10.98 -12.14
CA GLN F 140 26.88 -10.07 -11.66
C GLN F 140 27.89 -10.87 -10.84
N GLN F 141 29.16 -10.66 -11.11
CA GLN F 141 30.25 -11.27 -10.35
C GLN F 141 30.99 -10.19 -9.56
N VAL F 142 31.28 -10.48 -8.30
CA VAL F 142 31.91 -9.53 -7.40
C VAL F 142 33.11 -10.18 -6.75
N LYS F 143 34.26 -9.51 -6.84
CA LYS F 143 35.50 -9.96 -6.19
C LYS F 143 36.30 -8.69 -5.89
N LEU F 144 36.17 -8.20 -4.67
CA LEU F 144 36.59 -6.84 -4.33
C LEU F 144 37.90 -6.83 -3.56
N PRO F 145 38.60 -5.70 -3.53
CA PRO F 145 39.82 -5.60 -2.71
C PRO F 145 39.53 -5.79 -1.24
N ALA F 146 40.52 -6.34 -0.54
CA ALA F 146 40.40 -6.59 0.89
C ALA F 146 40.11 -5.28 1.64
N GLY F 147 39.11 -5.33 2.52
CA GLY F 147 38.65 -4.16 3.22
C GLY F 147 37.41 -3.51 2.63
N ASP F 148 37.03 -3.91 1.41
CA ASP F 148 35.86 -3.33 0.74
C ASP F 148 34.61 -4.16 1.01
N LEU F 149 33.48 -3.48 1.01
CA LEU F 149 32.18 -4.11 1.23
C LEU F 149 31.33 -3.97 -0.03
N VAL F 150 30.52 -5.00 -0.30
CA VAL F 150 29.49 -4.94 -1.32
C VAL F 150 28.14 -5.04 -0.63
N LEU F 151 27.20 -4.18 -1.03
CA LEU F 151 25.86 -4.12 -0.48
C LEU F 151 24.87 -4.36 -1.62
N TYR F 152 23.95 -5.30 -1.42
CA TYR F 152 23.03 -5.66 -2.49
C TYR F 152 21.73 -6.19 -1.90
N PRO F 153 20.62 -6.08 -2.64
CA PRO F 153 19.32 -6.53 -2.09
C PRO F 153 19.30 -8.02 -1.80
N GLY F 154 18.55 -8.39 -0.77
CA GLY F 154 18.41 -9.76 -0.35
C GLY F 154 17.48 -10.60 -1.21
N THR F 155 17.00 -10.05 -2.31
CA THR F 155 16.02 -10.70 -3.17
C THR F 155 16.64 -11.57 -4.27
N SER F 156 17.95 -11.70 -4.31
CA SER F 156 18.62 -12.37 -5.42
C SER F 156 19.16 -13.73 -4.99
N LEU F 157 19.02 -14.71 -5.88
CA LEU F 157 19.77 -15.95 -5.77
C LEU F 157 21.25 -15.65 -5.98
N HIS F 158 22.11 -16.18 -5.11
CA HIS F 158 23.54 -15.94 -5.27
C HIS F 158 24.33 -17.17 -4.83
N LYS F 159 25.60 -17.17 -5.19
CA LYS F 159 26.50 -18.28 -4.94
C LYS F 159 27.92 -17.75 -4.89
N VAL F 160 28.84 -18.60 -4.44
CA VAL F 160 30.26 -18.31 -4.45
C VAL F 160 30.96 -19.43 -5.20
N ASN F 161 31.74 -19.06 -6.22
CA ASN F 161 32.45 -20.06 -7.01
C ASN F 161 33.51 -20.75 -6.16
N PRO F 162 33.86 -21.99 -6.51
CA PRO F 162 34.91 -22.68 -5.75
C PRO F 162 36.22 -21.90 -5.79
N VAL F 163 36.94 -21.93 -4.67
CA VAL F 163 38.27 -21.35 -4.59
C VAL F 163 39.26 -22.47 -4.90
N THR F 164 39.91 -22.38 -6.06
CA THR F 164 40.79 -23.44 -6.52
C THR F 164 42.23 -23.27 -6.05
N ARG F 165 42.67 -22.03 -5.83
CA ARG F 165 43.98 -21.75 -5.28
C ARG F 165 43.84 -20.73 -4.16
N GLY F 166 44.61 -20.90 -3.09
CA GLY F 166 44.59 -19.95 -2.00
C GLY F 166 43.37 -20.11 -1.11
N ALA F 167 43.06 -19.04 -0.38
CA ALA F 167 41.93 -19.01 0.54
C ALA F 167 41.24 -17.66 0.48
N ARG F 168 39.92 -17.67 0.53
CA ARG F 168 39.11 -16.46 0.55
C ARG F 168 38.47 -16.33 1.93
N TYR F 169 38.82 -15.28 2.66
CA TYR F 169 38.22 -14.98 3.95
C TYR F 169 37.31 -13.76 3.79
N ALA F 170 36.11 -13.84 4.37
CA ALA F 170 35.15 -12.77 4.24
C ALA F 170 34.21 -12.77 5.44
N SER F 171 33.53 -11.65 5.62
CA SER F 171 32.43 -11.55 6.56
C SER F 171 31.16 -11.24 5.76
N PHE F 172 30.06 -11.87 6.15
CA PHE F 172 28.78 -11.61 5.51
C PHE F 172 27.72 -11.41 6.59
N PHE F 173 26.71 -10.63 6.24
CA PHE F 173 25.63 -10.32 7.17
C PHE F 173 24.45 -9.79 6.38
N TRP F 174 23.34 -9.57 7.08
CA TRP F 174 22.14 -9.01 6.50
C TRP F 174 21.70 -7.82 7.32
N THR F 175 20.99 -6.91 6.65
CA THR F 175 20.49 -5.69 7.28
C THR F 175 18.99 -5.58 7.04
N GLN F 176 18.25 -5.38 8.12
CA GLN F 176 16.86 -4.92 7.99
C GLN F 176 16.89 -3.40 7.91
N SER F 177 16.45 -2.86 6.79
CA SER F 177 16.43 -1.42 6.61
C SER F 177 15.18 -0.82 7.23
N LEU F 178 15.26 0.47 7.56
CA LEU F 178 14.04 1.23 7.83
C LEU F 178 13.08 1.19 6.66
N VAL F 179 13.62 1.12 5.44
CA VAL F 179 12.81 1.19 4.23
C VAL F 179 12.93 -0.15 3.51
N ARG F 180 11.82 -0.90 3.53
CA ARG F 180 11.82 -2.27 3.03
C ARG F 180 12.14 -2.34 1.54
N GLU F 181 11.53 -1.46 0.75
CA GLU F 181 11.54 -1.58 -0.71
C GLU F 181 12.80 -0.95 -1.28
N ASP F 182 13.50 -1.70 -2.14
CA ASP F 182 14.79 -1.24 -2.64
C ASP F 182 14.63 0.01 -3.51
N SER F 183 13.58 0.07 -4.32
CA SER F 183 13.37 1.25 -5.16
C SER F 183 13.14 2.49 -4.31
N GLN F 184 12.54 2.35 -3.13
CA GLN F 184 12.39 3.49 -2.23
C GLN F 184 13.73 3.90 -1.63
N ARG F 185 14.55 2.93 -1.20
CA ARG F 185 15.85 3.26 -0.63
C ARG F 185 16.73 3.98 -1.63
N THR F 186 16.75 3.48 -2.88
CA THR F 186 17.57 4.14 -3.90
C THR F 186 17.06 5.54 -4.21
N LEU F 187 15.74 5.73 -4.23
CA LEU F 187 15.19 7.06 -4.44
C LEU F 187 15.65 8.01 -3.32
N LEU F 188 15.53 7.58 -2.07
CA LEU F 188 16.00 8.39 -0.95
C LEU F 188 17.50 8.63 -1.06
N PHE F 189 18.28 7.60 -1.38
CA PHE F 189 19.72 7.74 -1.49
C PHE F 189 20.09 8.78 -2.55
N GLU F 190 19.49 8.69 -3.74
CA GLU F 190 19.77 9.65 -4.79
C GLU F 190 19.33 11.06 -4.39
N MET F 191 18.18 11.18 -3.73
CA MET F 191 17.71 12.49 -3.29
C MET F 191 18.66 13.10 -2.28
N ASP F 192 19.15 12.31 -1.33
CA ASP F 192 20.06 12.83 -0.32
C ASP F 192 21.36 13.32 -0.94
N GLN F 193 21.91 12.55 -1.89
CA GLN F 193 23.12 12.98 -2.58
C GLN F 193 22.91 14.31 -3.30
N SER F 194 21.76 14.47 -3.96
CA SER F 194 21.48 15.72 -4.65
C SER F 194 21.41 16.89 -3.67
N ILE F 195 20.80 16.67 -2.51
CA ILE F 195 20.72 17.73 -1.51
C ILE F 195 22.11 18.10 -0.99
N GLN F 196 22.95 17.09 -0.73
CA GLN F 196 24.31 17.37 -0.28
C GLN F 196 25.09 18.16 -1.32
N ARG F 197 24.96 17.79 -2.59
CA ARG F 197 25.63 18.53 -3.66
C ARG F 197 25.18 19.99 -3.68
N LEU F 198 23.87 20.22 -3.54
CA LEU F 198 23.37 21.59 -3.49
C LEU F 198 23.80 22.30 -2.22
N THR F 199 23.90 21.59 -1.10
CA THR F 199 24.34 22.20 0.14
C THR F 199 25.76 22.72 0.00
N ARG F 200 26.64 21.97 -0.66
CA ARG F 200 28.00 22.45 -0.90
C ARG F 200 28.00 23.66 -1.83
N ASP F 201 27.23 23.61 -2.91
CA ASP F 201 27.34 24.62 -3.95
C ASP F 201 26.61 25.91 -3.60
N VAL F 202 25.35 25.80 -3.18
CA VAL F 202 24.56 26.99 -2.87
C VAL F 202 23.95 26.82 -1.49
N PRO F 203 24.73 27.00 -0.42
CA PRO F 203 24.16 26.91 0.93
C PRO F 203 23.30 28.12 1.24
N ASP F 204 22.48 27.96 2.30
CA ASP F 204 21.53 28.95 2.78
C ASP F 204 20.40 29.21 1.80
N HIS F 205 20.35 28.51 0.67
CA HIS F 205 19.22 28.64 -0.23
C HIS F 205 17.97 28.15 0.47
N PRO F 206 16.87 28.92 0.45
CA PRO F 206 15.68 28.52 1.20
C PRO F 206 15.05 27.22 0.73
N SER F 207 15.33 26.77 -0.49
CA SER F 207 14.81 25.50 -0.96
C SER F 207 15.54 24.30 -0.35
N LEU F 208 16.70 24.51 0.27
CA LEU F 208 17.42 23.40 0.88
C LEU F 208 16.69 22.86 2.10
N ILE F 209 16.25 23.77 2.99
CA ILE F 209 15.50 23.35 4.17
C ILE F 209 14.20 22.66 3.76
N ARG F 210 13.55 23.15 2.70
CA ARG F 210 12.27 22.58 2.28
C ARG F 210 12.46 21.21 1.63
N LEU F 211 13.51 21.06 0.81
CA LEU F 211 13.81 19.77 0.22
C LEU F 211 14.27 18.76 1.28
N THR F 212 14.99 19.23 2.31
CA THR F 212 15.30 18.36 3.43
C THR F 212 14.02 17.90 4.12
N GLY F 213 13.06 18.81 4.27
CA GLY F 213 11.77 18.41 4.79
C GLY F 213 11.06 17.39 3.91
N THR F 214 11.19 17.55 2.58
CA THR F 214 10.64 16.54 1.68
C THR F 214 11.30 15.19 1.92
N TYR F 215 12.62 15.17 2.06
CA TYR F 215 13.33 13.93 2.30
C TYR F 215 12.84 13.25 3.57
N HIS F 216 12.73 14.01 4.66
CA HIS F 216 12.31 13.41 5.93
C HIS F 216 10.83 13.04 5.91
N ASN F 217 10.00 13.78 5.18
CA ASN F 217 8.61 13.38 5.06
C ASN F 217 8.47 12.06 4.31
N LEU F 218 9.30 11.86 3.28
CA LEU F 218 9.33 10.56 2.62
C LEU F 218 9.80 9.47 3.57
N LEU F 219 10.85 9.76 4.36
CA LEU F 219 11.30 8.81 5.37
C LEU F 219 10.19 8.57 6.39
N ARG F 220 9.42 9.61 6.71
N ARG F 220 9.42 9.61 6.72
CA ARG F 220 8.28 9.46 7.61
CA ARG F 220 8.29 9.44 7.62
C ARG F 220 7.22 8.56 7.00
C ARG F 220 7.22 8.54 7.00
N ARG F 221 7.00 8.65 5.69
CA ARG F 221 6.01 7.82 5.03
C ARG F 221 6.43 6.36 4.94
N TRP F 222 7.74 6.09 4.81
CA TRP F 222 8.22 4.79 4.41
C TRP F 222 8.93 3.99 5.50
N SER F 223 9.39 4.64 6.56
CA SER F 223 10.20 3.96 7.57
C SER F 223 9.34 3.09 8.47
N GLU F 224 9.76 1.83 8.66
CA GLU F 224 9.12 0.91 9.57
C GLU F 224 10.06 0.62 10.73
N LEU F 225 9.60 0.87 11.95
CA LEU F 225 10.42 0.70 13.15
C LEU F 225 9.51 0.71 14.38
#